data_6ZE5
#
_entry.id   6ZE5
#
_cell.length_a   46.996
_cell.length_b   117.013
_cell.length_c   109.904
_cell.angle_alpha   90.000
_cell.angle_beta   90.687
_cell.angle_gamma   90.000
#
_symmetry.space_group_name_H-M   'P 1 21 1'
#
loop_
_entity.id
_entity.type
_entity.pdbx_description
1 polymer 'FAD-dependent oxidoreductase'
2 branched 2-acetamido-2-deoxy-beta-D-glucopyranose-(1-4)-2-acetamido-2-deoxy-beta-D-glucopyranose
3 non-polymer 'DIHYDROFLAVINE-ADENINE DINUCLEOTIDE'
4 non-polymer 2-acetamido-2-deoxy-beta-D-glucopyranose
5 non-polymer 2-(1H-indol-3-yl)-N-[(1-methyl-1H-pyrrol-2-yl)methyl]ethanamine
6 non-polymer 'FORMIC ACID'
7 non-polymer 'MAGNESIUM ION'
8 water water
#
_entity_poly.entity_id   1
_entity_poly.type   'polypeptide(L)'
_entity_poly.pdbx_seq_one_letter_code
;NVHSNYTFIIAGGGISGLTLADRLTEDPRVTVLVIEAGPLDRGEDGILVPGAFSPWLYFWPGLVSTPQAGLNNRTVDVIT
AQVVGGGSTINAMVYLRGDKDDYDSWGALGNPGWSWNSMLPYFIKSETFTPPSPELAAAGNITWDGSIRGRSGPVNYSYP
NYFFPGSENWWNAANEVGLPPVKDPMAGSKQGVFWIPSAIDARTMTRSHARRNHYDRVSSRPNYHILPSHLVSKILFRGK
QAIGVSYIPTSGGNTTTNVYASKEITLAAGGLGTPKILQLSGIGPRKLLNELGIPVISDLPGVGQNLQDQPTLTIPYTFT
NNVFPNTDSLTTNATYNAEQRALYDSSKQGAYTIVNSLSTNIGVMSLQRAAPKSYRQIIAAARARSASLSLPPGTDPAVI
RGYQAQRNAILKQFENPNVGVGTVHWGTGSSALVYHLKPLSRGTVNIRSTNPLDAPEIDYRTGTDPIDAQVYTSLFRKNR
EIFNAPSMRVLGPSEAAPFGANLTTDEEIYAVMRELINPSNAHQCCTAAMMPKDMGGVVSSEQKVYGVQGLRVADISFWP
FQLSGSPMATAYAGAERLADVIKKEHRLAGAPKSL
;
_entity_poly.pdbx_strand_id   A,B
#
loop_
_chem_comp.id
_chem_comp.type
_chem_comp.name
_chem_comp.formula
4AQ non-polymer 2-(1H-indol-3-yl)-N-[(1-methyl-1H-pyrrol-2-yl)methyl]ethanamine 'C16 H19 N3'
FDA non-polymer 'DIHYDROFLAVINE-ADENINE DINUCLEOTIDE' 'C27 H35 N9 O15 P2'
FMT non-polymer 'FORMIC ACID' 'C H2 O2'
MG non-polymer 'MAGNESIUM ION' 'Mg 2'
NAG D-saccharide, beta linking 2-acetamido-2-deoxy-beta-D-glucopyranose 'C8 H15 N O6'
#
# COMPACT_ATOMS: atom_id res chain seq x y z
N ASN A 5 -31.87 35.78 -9.66
CA ASN A 5 -32.47 34.57 -10.21
C ASN A 5 -31.70 33.24 -9.88
N TYR A 6 -30.36 33.28 -9.86
CA TYR A 6 -29.54 32.34 -9.10
C TYR A 6 -29.11 33.03 -7.82
N THR A 7 -28.77 32.24 -6.79
CA THR A 7 -28.29 32.85 -5.55
C THR A 7 -26.87 33.41 -5.70
N PHE A 8 -25.96 32.63 -6.28
CA PHE A 8 -24.60 33.04 -6.60
C PHE A 8 -24.27 32.67 -8.04
N ILE A 9 -23.51 33.53 -8.72
CA ILE A 9 -22.88 33.16 -10.00
C ILE A 9 -21.37 33.20 -9.81
N ILE A 10 -20.66 32.16 -10.26
CA ILE A 10 -19.22 32.05 -10.09
C ILE A 10 -18.56 32.08 -11.47
N ALA A 11 -17.66 33.03 -11.68
CA ALA A 11 -17.03 33.25 -12.97
C ALA A 11 -15.71 32.47 -12.99
N GLY A 12 -15.72 31.33 -13.69
CA GLY A 12 -14.60 30.42 -13.75
C GLY A 12 -14.85 29.16 -12.95
N GLY A 13 -14.68 27.98 -13.57
CA GLY A 13 -14.82 26.75 -12.82
C GLY A 13 -13.52 25.98 -12.58
N GLY A 14 -12.50 26.68 -12.06
CA GLY A 14 -11.22 26.09 -11.74
C GLY A 14 -11.24 25.62 -10.30
N ILE A 15 -10.05 25.52 -9.69
CA ILE A 15 -9.95 25.01 -8.32
C ILE A 15 -10.81 25.82 -7.38
N SER A 16 -10.56 27.11 -7.31
CA SER A 16 -11.29 27.96 -6.39
C SER A 16 -12.79 27.97 -6.69
N GLY A 17 -13.18 28.12 -7.96
CA GLY A 17 -14.61 28.22 -8.29
C GLY A 17 -15.41 26.97 -7.92
N LEU A 18 -14.92 25.79 -8.33
CA LEU A 18 -15.68 24.58 -8.04
C LEU A 18 -15.70 24.28 -6.55
N THR A 19 -14.61 24.59 -5.83
CA THR A 19 -14.59 24.35 -4.39
C THR A 19 -15.69 25.18 -3.73
N LEU A 20 -15.76 26.46 -4.07
CA LEU A 20 -16.77 27.34 -3.51
C LEU A 20 -18.17 26.89 -3.92
N ALA A 21 -18.36 26.55 -5.20
CA ALA A 21 -19.69 26.13 -5.67
C ALA A 21 -20.17 24.90 -4.92
N ASP A 22 -19.27 23.93 -4.73
CA ASP A 22 -19.57 22.71 -3.96
C ASP A 22 -20.04 23.02 -2.52
N ARG A 23 -19.25 23.81 -1.77
CA ARG A 23 -19.63 24.11 -0.39
C ARG A 23 -20.93 24.93 -0.32
N LEU A 24 -21.10 25.93 -1.20
CA LEU A 24 -22.31 26.73 -1.18
C LEU A 24 -23.56 25.89 -1.47
N THR A 25 -23.48 24.95 -2.41
CA THR A 25 -24.69 24.17 -2.71
C THR A 25 -24.96 23.09 -1.67
N GLU A 26 -24.13 22.99 -0.61
CA GLU A 26 -24.47 22.13 0.52
C GLU A 26 -25.80 22.52 1.15
N ASP A 27 -26.22 23.76 0.95
CA ASP A 27 -27.50 24.26 1.41
C ASP A 27 -28.46 24.11 0.24
N PRO A 28 -29.48 23.24 0.35
CA PRO A 28 -30.43 23.07 -0.77
C PRO A 28 -31.13 24.34 -1.21
N ARG A 29 -31.26 25.33 -0.35
CA ARG A 29 -31.90 26.58 -0.72
C ARG A 29 -30.97 27.54 -1.44
N VAL A 30 -29.71 27.17 -1.66
CA VAL A 30 -28.74 28.00 -2.36
C VAL A 30 -28.53 27.40 -3.76
N THR A 31 -28.76 28.19 -4.80
CA THR A 31 -28.44 27.75 -6.14
C THR A 31 -27.23 28.53 -6.63
N VAL A 32 -26.41 27.86 -7.42
CA VAL A 32 -25.14 28.40 -7.90
C VAL A 32 -25.02 28.11 -9.40
N LEU A 33 -24.63 29.12 -10.17
CA LEU A 33 -24.24 28.94 -11.58
C LEU A 33 -22.75 29.20 -11.72
N VAL A 34 -22.02 28.18 -12.17
CA VAL A 34 -20.59 28.30 -12.49
C VAL A 34 -20.46 28.43 -13.99
N ILE A 35 -19.83 29.50 -14.46
CA ILE A 35 -19.62 29.71 -15.89
C ILE A 35 -18.13 29.51 -16.15
N GLU A 36 -17.78 28.55 -17.00
CA GLU A 36 -16.39 28.16 -17.18
C GLU A 36 -16.04 28.25 -18.64
N ALA A 37 -14.92 28.90 -18.93
CA ALA A 37 -14.48 29.15 -20.30
C ALA A 37 -14.24 27.85 -21.06
N GLY A 38 -13.66 26.85 -20.42
CA GLY A 38 -13.29 25.65 -21.12
C GLY A 38 -14.41 24.62 -21.05
N PRO A 39 -14.17 23.46 -21.69
CA PRO A 39 -15.16 22.38 -21.64
C PRO A 39 -14.96 21.45 -20.44
N LEU A 40 -15.84 20.43 -20.37
CA LEU A 40 -15.62 19.29 -19.50
C LEU A 40 -14.52 18.40 -20.10
N ASP A 41 -13.52 18.02 -19.30
CA ASP A 41 -12.57 17.05 -19.84
C ASP A 41 -13.28 15.71 -20.08
N ARG A 42 -12.65 14.84 -20.87
CA ARG A 42 -13.29 13.60 -21.29
C ARG A 42 -12.77 12.37 -20.56
N GLY A 43 -12.09 12.56 -19.42
CA GLY A 43 -11.55 11.41 -18.75
C GLY A 43 -10.47 10.72 -19.54
N GLU A 44 -9.83 11.44 -20.44
CA GLU A 44 -8.85 10.78 -21.26
C GLU A 44 -7.60 10.45 -20.43
N ASP A 45 -6.80 9.49 -20.94
CA ASP A 45 -5.61 9.02 -20.24
C ASP A 45 -4.67 10.17 -19.92
N GLY A 46 -4.53 11.12 -20.84
CA GLY A 46 -3.62 12.24 -20.61
C GLY A 46 -4.02 13.11 -19.44
N ILE A 47 -5.27 13.04 -19.00
CA ILE A 47 -5.71 13.71 -17.78
C ILE A 47 -5.64 12.77 -16.58
N LEU A 48 -6.27 11.59 -16.66
CA LEU A 48 -6.47 10.73 -15.47
C LEU A 48 -5.21 9.97 -15.03
N VAL A 49 -4.37 9.52 -15.95
CA VAL A 49 -3.28 8.58 -15.62
C VAL A 49 -1.96 9.34 -15.48
N PRO A 50 -1.30 9.31 -14.31
CA PRO A 50 -0.10 10.15 -14.13
C PRO A 50 0.97 9.92 -15.19
N GLY A 51 1.26 8.67 -15.52
CA GLY A 51 2.32 8.41 -16.49
C GLY A 51 1.99 8.83 -17.90
N ALA A 52 0.73 9.13 -18.19
CA ALA A 52 0.31 9.55 -19.51
C ALA A 52 0.16 11.06 -19.62
N PHE A 53 0.46 11.80 -18.56
CA PHE A 53 0.32 13.26 -18.41
C PHE A 53 0.47 14.08 -19.70
N SER A 54 -0.61 14.78 -20.10
CA SER A 54 -0.67 15.58 -21.34
C SER A 54 -1.32 16.92 -21.05
N PRO A 55 -0.61 17.81 -20.34
CA PRO A 55 -1.26 19.05 -19.90
C PRO A 55 -1.69 19.94 -21.06
N TRP A 56 -0.98 19.89 -22.19
CA TRP A 56 -1.26 20.78 -23.31
C TRP A 56 -2.68 20.61 -23.84
N LEU A 57 -3.37 19.52 -23.47
CA LEU A 57 -4.72 19.30 -23.97
C LEU A 57 -5.64 20.47 -23.70
N TYR A 58 -5.44 21.19 -22.58
CA TYR A 58 -6.38 22.26 -22.21
C TYR A 58 -5.66 23.56 -21.86
N PHE A 59 -4.52 23.81 -22.51
CA PHE A 59 -3.89 25.13 -22.44
C PHE A 59 -4.80 26.21 -23.05
N TRP A 60 -4.89 27.35 -22.38
CA TRP A 60 -5.62 28.50 -22.91
C TRP A 60 -4.94 28.95 -24.18
N PRO A 61 -5.62 29.01 -25.31
CA PRO A 61 -4.91 29.30 -26.58
C PRO A 61 -4.63 30.78 -26.78
N GLY A 62 -3.54 31.04 -27.50
CA GLY A 62 -3.26 32.39 -27.97
C GLY A 62 -2.79 33.40 -26.93
N LEU A 63 -2.11 32.95 -25.89
CA LEU A 63 -1.55 33.84 -24.90
C LEU A 63 -0.03 33.82 -25.04
N VAL A 64 0.55 35.01 -25.32
CA VAL A 64 1.98 35.21 -25.37
C VAL A 64 2.30 36.43 -24.52
N SER A 65 3.50 36.43 -23.93
CA SER A 65 3.97 37.56 -23.15
C SER A 65 4.41 38.69 -24.05
N THR A 66 4.57 39.85 -23.44
CA THR A 66 5.34 40.91 -24.06
C THR A 66 6.82 40.53 -24.00
N PRO A 67 7.67 41.23 -24.77
CA PRO A 67 9.11 41.01 -24.63
C PRO A 67 9.53 41.21 -23.19
N GLN A 68 10.34 40.28 -22.68
CA GLN A 68 10.70 40.25 -21.27
C GLN A 68 12.05 40.94 -21.10
N ALA A 69 12.01 42.17 -20.59
CA ALA A 69 13.24 42.97 -20.55
C ALA A 69 14.33 42.35 -19.69
N GLY A 70 13.94 41.63 -18.63
CA GLY A 70 14.97 40.99 -17.82
C GLY A 70 15.45 39.68 -18.35
N LEU A 71 14.89 39.23 -19.47
CA LEU A 71 15.19 37.94 -20.07
C LEU A 71 15.58 38.12 -21.53
N ASN A 72 16.47 39.09 -21.78
CA ASN A 72 16.94 39.39 -23.12
C ASN A 72 15.80 39.62 -24.09
N ASN A 73 14.72 40.25 -23.61
CA ASN A 73 13.58 40.61 -24.43
C ASN A 73 12.89 39.41 -25.06
N ARG A 74 13.15 38.21 -24.55
CA ARG A 74 12.44 37.05 -25.07
C ARG A 74 10.92 37.18 -24.87
N THR A 75 10.17 36.66 -25.83
CA THR A 75 8.73 36.46 -25.69
CA THR A 75 8.73 36.47 -25.72
C THR A 75 8.46 34.99 -25.44
N VAL A 76 7.50 34.72 -24.55
CA VAL A 76 7.17 33.33 -24.23
C VAL A 76 5.68 33.07 -24.41
N ASP A 77 5.34 31.80 -24.64
CA ASP A 77 3.94 31.37 -24.57
C ASP A 77 3.47 31.42 -23.12
N VAL A 78 2.27 31.93 -22.91
CA VAL A 78 1.68 31.96 -21.57
C VAL A 78 0.83 30.71 -21.37
N ILE A 79 1.05 29.98 -20.28
CA ILE A 79 0.39 28.69 -20.01
C ILE A 79 -0.55 28.89 -18.82
N THR A 80 -1.84 28.65 -19.04
CA THR A 80 -2.81 28.58 -17.95
C THR A 80 -3.96 27.71 -18.42
N ALA A 81 -4.73 27.17 -17.50
CA ALA A 81 -5.74 26.17 -17.90
C ALA A 81 -6.98 26.81 -18.49
N GLN A 82 -7.64 26.08 -19.40
CA GLN A 82 -8.97 26.45 -19.90
C GLN A 82 -9.82 25.17 -19.94
N VAL A 83 -10.36 24.78 -18.79
CA VAL A 83 -11.10 23.53 -18.70
C VAL A 83 -11.83 23.51 -17.36
N VAL A 84 -12.95 22.79 -17.28
CA VAL A 84 -13.56 22.56 -15.97
C VAL A 84 -12.52 21.92 -15.06
N GLY A 85 -12.42 22.43 -13.83
CA GLY A 85 -11.34 22.02 -12.95
C GLY A 85 -10.11 22.89 -13.01
N GLY A 86 -9.98 23.77 -14.01
CA GLY A 86 -8.86 24.71 -13.96
C GLY A 86 -7.52 24.01 -13.94
N GLY A 87 -6.53 24.67 -13.30
CA GLY A 87 -5.20 24.08 -13.21
C GLY A 87 -5.17 22.65 -12.69
N SER A 88 -6.08 22.30 -11.78
CA SER A 88 -6.07 20.95 -11.21
C SER A 88 -6.27 19.87 -12.27
N THR A 89 -6.98 20.20 -13.36
CA THR A 89 -7.17 19.22 -14.42
C THR A 89 -5.88 18.95 -15.18
N ILE A 90 -4.99 19.93 -15.29
CA ILE A 90 -3.83 19.71 -16.14
C ILE A 90 -2.51 19.95 -15.43
N ASN A 91 -2.53 20.07 -14.11
CA ASN A 91 -1.26 20.35 -13.44
C ASN A 91 -0.47 19.06 -13.15
N ALA A 92 0.74 19.24 -12.65
CA ALA A 92 1.62 18.12 -12.32
C ALA A 92 1.21 17.43 -11.00
N MET A 93 0.09 17.83 -10.42
CA MET A 93 -0.49 17.18 -9.24
CA MET A 93 -0.51 17.23 -9.23
C MET A 93 0.38 17.36 -7.98
N VAL A 94 1.38 18.24 -8.01
CA VAL A 94 2.20 18.54 -6.83
C VAL A 94 1.35 19.29 -5.82
N TYR A 95 1.20 18.73 -4.63
CA TYR A 95 0.25 19.18 -3.62
C TYR A 95 1.04 19.47 -2.34
N LEU A 96 1.33 20.75 -2.10
CA LEU A 96 2.17 21.22 -1.02
C LEU A 96 1.58 22.50 -0.43
N ARG A 97 1.57 22.59 0.89
CA ARG A 97 1.17 23.86 1.50
C ARG A 97 2.36 24.83 1.51
N GLY A 98 2.05 26.11 1.82
CA GLY A 98 3.09 27.10 2.07
C GLY A 98 3.71 26.92 3.44
N ASP A 99 4.61 27.84 3.77
CA ASP A 99 5.18 27.81 5.11
C ASP A 99 4.36 28.73 6.01
N LYS A 100 4.52 28.52 7.33
CA LYS A 100 3.71 29.25 8.30
C LYS A 100 3.75 30.75 8.04
N ASP A 101 4.95 31.32 7.92
CA ASP A 101 5.03 32.77 7.80
C ASP A 101 4.46 33.29 6.48
N ASP A 102 4.18 32.45 5.49
CA ASP A 102 3.48 32.94 4.30
C ASP A 102 2.13 33.53 4.70
N TYR A 103 1.35 32.76 5.47
CA TYR A 103 0.02 33.17 5.88
C TYR A 103 0.09 34.24 6.98
N ASP A 104 1.01 34.10 7.95
CA ASP A 104 1.18 35.15 8.95
C ASP A 104 1.48 36.48 8.27
N SER A 105 2.34 36.46 7.25
CA SER A 105 2.70 37.68 6.52
C SER A 105 1.46 38.31 5.91
N TRP A 106 0.61 37.50 5.29
CA TRP A 106 -0.58 38.04 4.65
C TRP A 106 -1.44 38.73 5.70
N GLY A 107 -1.58 38.09 6.87
CA GLY A 107 -2.23 38.77 7.98
C GLY A 107 -1.57 40.09 8.30
N ALA A 108 -0.25 40.05 8.52
CA ALA A 108 0.45 41.24 8.96
C ALA A 108 0.39 42.40 7.97
N LEU A 109 -0.06 42.15 6.73
CA LEU A 109 -0.17 43.23 5.75
C LEU A 109 -1.44 44.03 5.93
N GLY A 110 -2.27 43.64 6.90
CA GLY A 110 -3.51 44.32 7.21
C GLY A 110 -4.71 43.48 6.82
N ASN A 111 -4.64 42.17 7.06
CA ASN A 111 -5.68 41.19 6.69
C ASN A 111 -6.08 40.39 7.92
N PRO A 112 -6.97 40.94 8.74
CA PRO A 112 -7.40 40.27 9.98
C PRO A 112 -7.99 38.89 9.72
N GLY A 113 -7.70 37.96 10.64
CA GLY A 113 -8.17 36.58 10.50
C GLY A 113 -7.32 35.70 9.61
N TRP A 114 -6.09 36.11 9.33
CA TRP A 114 -5.23 35.39 8.40
C TRP A 114 -3.95 35.06 9.15
N SER A 115 -3.54 33.80 9.08
CA SER A 115 -2.39 33.28 9.80
C SER A 115 -2.28 31.80 9.45
N TRP A 116 -1.16 31.19 9.81
CA TRP A 116 -1.06 29.75 9.68
C TRP A 116 -2.12 29.04 10.51
N ASN A 117 -2.28 29.46 11.76
CA ASN A 117 -3.24 28.74 12.60
C ASN A 117 -4.66 28.84 12.04
N SER A 118 -5.04 29.97 11.41
CA SER A 118 -6.41 30.03 10.94
C SER A 118 -6.58 29.30 9.61
N MET A 119 -5.52 29.18 8.82
CA MET A 119 -5.60 28.38 7.61
C MET A 119 -5.61 26.90 7.91
N LEU A 120 -4.95 26.45 8.98
CA LEU A 120 -4.78 25.01 9.19
C LEU A 120 -6.11 24.23 9.23
N PRO A 121 -7.16 24.68 9.92
CA PRO A 121 -8.41 23.91 9.85
C PRO A 121 -8.94 23.78 8.45
N TYR A 122 -8.61 24.74 7.59
CA TYR A 122 -9.09 24.62 6.22
C TYR A 122 -8.21 23.71 5.38
N PHE A 123 -6.89 23.73 5.62
CA PHE A 123 -6.05 22.70 5.02
C PHE A 123 -6.58 21.33 5.35
N ILE A 124 -6.92 21.10 6.63
CA ILE A 124 -7.33 19.77 7.03
C ILE A 124 -8.70 19.41 6.47
N LYS A 125 -9.62 20.38 6.46
CA LYS A 125 -10.99 20.15 5.98
C LYS A 125 -11.03 19.88 4.47
N SER A 126 -10.03 20.36 3.73
CA SER A 126 -10.05 20.31 2.28
C SER A 126 -9.77 18.94 1.69
N GLU A 127 -9.21 18.01 2.46
CA GLU A 127 -8.46 16.90 1.86
C GLU A 127 -8.66 15.59 2.59
N THR A 128 -8.38 14.49 1.89
CA THR A 128 -8.16 13.19 2.53
C THR A 128 -6.80 12.66 2.10
N PHE A 129 -5.89 12.54 3.07
CA PHE A 129 -4.61 11.90 2.82
C PHE A 129 -4.73 10.37 2.93
N THR A 130 -4.26 9.65 1.92
CA THR A 130 -4.18 8.19 2.05
C THR A 130 -2.74 7.77 2.24
N PRO A 131 -2.37 7.04 3.28
CA PRO A 131 -0.96 6.71 3.49
C PRO A 131 -0.44 5.74 2.44
N PRO A 132 0.84 5.80 2.11
CA PRO A 132 1.45 4.75 1.27
C PRO A 132 1.57 3.42 2.02
N SER A 133 1.89 2.35 1.29
CA SER A 133 2.12 1.04 1.94
C SER A 133 3.36 1.12 2.83
N PRO A 134 3.43 0.29 3.88
CA PRO A 134 4.56 0.43 4.82
C PRO A 134 5.89 0.03 4.22
N GLU A 135 5.91 -0.92 3.28
CA GLU A 135 7.20 -1.26 2.70
C GLU A 135 7.71 -0.14 1.82
N LEU A 136 6.81 0.59 1.16
CA LEU A 136 7.24 1.72 0.33
C LEU A 136 7.67 2.90 1.19
N ALA A 137 6.94 3.15 2.29
CA ALA A 137 7.35 4.19 3.22
C ALA A 137 8.74 3.93 3.74
N ALA A 138 9.01 2.70 4.17
CA ALA A 138 10.32 2.37 4.72
C ALA A 138 11.40 2.41 3.64
N ALA A 139 11.13 1.82 2.48
CA ALA A 139 12.15 1.78 1.43
C ALA A 139 12.39 3.16 0.81
N GLY A 140 11.37 4.02 0.79
CA GLY A 140 11.50 5.31 0.14
C GLY A 140 11.76 6.49 1.07
N ASN A 141 11.84 6.27 2.37
CA ASN A 141 11.97 7.36 3.34
C ASN A 141 10.80 8.33 3.20
N ILE A 142 9.59 7.77 3.00
CA ILE A 142 8.36 8.55 3.03
C ILE A 142 7.91 8.72 4.48
N THR A 143 7.74 9.96 4.92
CA THR A 143 7.27 10.24 6.27
C THR A 143 6.23 11.33 6.20
N TRP A 144 5.39 11.41 7.23
CA TRP A 144 4.35 12.41 7.31
C TRP A 144 3.93 12.49 8.76
N ASP A 145 3.15 13.52 9.08
CA ASP A 145 2.56 13.72 10.42
C ASP A 145 1.06 13.66 10.22
N GLY A 146 0.45 12.53 10.57
CA GLY A 146 -0.96 12.35 10.31
C GLY A 146 -1.82 13.35 11.05
N SER A 147 -1.31 13.91 12.14
CA SER A 147 -2.12 14.84 12.91
C SER A 147 -2.46 16.11 12.12
N ILE A 148 -1.67 16.47 11.13
CA ILE A 148 -1.92 17.72 10.40
C ILE A 148 -2.26 17.46 8.93
N ARG A 149 -2.64 16.23 8.58
CA ARG A 149 -3.21 15.95 7.27
C ARG A 149 -4.69 15.57 7.42
N GLY A 150 -5.51 16.08 6.52
CA GLY A 150 -6.94 15.80 6.59
C GLY A 150 -7.28 14.36 6.29
N ARG A 151 -8.36 13.89 6.92
CA ARG A 151 -8.79 12.52 6.71
C ARG A 151 -10.19 12.39 6.14
N SER A 152 -10.92 13.48 5.93
CA SER A 152 -12.34 13.39 5.57
CA SER A 152 -12.31 13.34 5.51
C SER A 152 -12.77 14.32 4.46
N GLY A 153 -11.87 15.18 3.93
CA GLY A 153 -12.22 16.18 2.95
C GLY A 153 -12.17 15.66 1.52
N PRO A 154 -12.66 16.47 0.57
CA PRO A 154 -12.89 15.96 -0.78
C PRO A 154 -11.63 15.70 -1.60
N VAL A 155 -10.56 16.48 -1.43
CA VAL A 155 -9.38 16.31 -2.27
C VAL A 155 -8.59 15.07 -1.80
N ASN A 156 -8.52 14.05 -2.64
CA ASN A 156 -7.74 12.87 -2.32
C ASN A 156 -6.28 13.13 -2.67
N TYR A 157 -5.37 12.83 -1.75
CA TYR A 157 -3.97 12.88 -2.15
C TYR A 157 -3.20 11.78 -1.45
N SER A 158 -2.09 11.40 -2.10
CA SER A 158 -1.28 10.28 -1.66
C SER A 158 0.10 10.42 -2.31
N TYR A 159 0.68 9.30 -2.72
CA TYR A 159 1.96 9.24 -3.40
C TYR A 159 1.87 8.22 -4.53
N PRO A 160 2.81 8.26 -5.47
CA PRO A 160 2.99 7.09 -6.33
C PRO A 160 3.33 5.87 -5.47
N ASN A 161 3.09 4.68 -6.01
CA ASN A 161 3.42 3.44 -5.33
C ASN A 161 4.74 2.83 -5.86
N TYR A 162 5.59 3.67 -6.45
CA TYR A 162 6.82 3.22 -7.08
C TYR A 162 7.78 4.39 -7.07
N PHE A 163 9.09 4.13 -7.01
CA PHE A 163 10.11 5.16 -7.28
C PHE A 163 11.24 4.59 -8.15
N PHE A 164 11.78 5.44 -9.01
CA PHE A 164 12.93 5.05 -9.81
C PHE A 164 14.16 4.96 -8.90
N PRO A 165 15.06 4.01 -9.18
CA PRO A 165 16.23 3.81 -8.30
C PRO A 165 17.16 5.02 -8.23
N GLY A 166 17.26 5.80 -9.31
CA GLY A 166 18.06 7.00 -9.28
C GLY A 166 17.62 8.02 -8.26
N SER A 167 16.33 8.00 -7.88
CA SER A 167 15.85 8.93 -6.87
C SER A 167 16.55 8.73 -5.54
N GLU A 168 17.01 7.49 -5.28
CA GLU A 168 17.77 7.20 -4.09
C GLU A 168 19.10 7.93 -4.11
N ASN A 169 19.80 7.86 -5.26
CA ASN A 169 21.07 8.58 -5.36
C ASN A 169 20.88 10.06 -5.08
N TRP A 170 19.77 10.64 -5.56
CA TRP A 170 19.56 12.07 -5.44
C TRP A 170 19.25 12.44 -3.99
N TRP A 171 18.42 11.62 -3.35
CA TRP A 171 18.10 11.85 -1.94
C TRP A 171 19.35 11.89 -1.10
N ASN A 172 20.21 10.88 -1.25
CA ASN A 172 21.42 10.80 -0.44
C ASN A 172 22.37 11.93 -0.75
N ALA A 173 22.43 12.33 -2.01
CA ALA A 173 23.31 13.40 -2.41
C ALA A 173 22.84 14.74 -1.87
N ALA A 174 21.54 14.97 -1.93
CA ALA A 174 20.96 16.15 -1.30
C ALA A 174 21.27 16.20 0.19
N ASN A 175 21.14 15.06 0.87
CA ASN A 175 21.52 14.95 2.27
C ASN A 175 22.99 15.31 2.46
N GLU A 176 23.87 14.79 1.59
CA GLU A 176 25.30 15.07 1.72
C GLU A 176 25.63 16.55 1.59
N VAL A 177 24.76 17.36 0.97
CA VAL A 177 25.04 18.80 0.83
C VAL A 177 24.03 19.63 1.60
N GLY A 178 23.52 19.11 2.72
CA GLY A 178 22.85 19.96 3.67
C GLY A 178 21.36 20.12 3.47
N LEU A 179 20.74 19.24 2.69
CA LEU A 179 19.30 19.20 2.55
C LEU A 179 18.81 17.92 3.20
N PRO A 180 18.36 17.98 4.45
CA PRO A 180 18.07 16.77 5.22
C PRO A 180 16.65 16.30 4.96
N PRO A 181 16.27 15.10 5.46
CA PRO A 181 14.87 14.66 5.34
C PRO A 181 13.97 15.55 6.17
N VAL A 182 12.85 15.96 5.58
CA VAL A 182 11.82 16.76 6.25
C VAL A 182 10.71 15.84 6.74
N LYS A 183 10.36 15.91 8.03
CA LYS A 183 9.35 14.98 8.56
C LYS A 183 8.03 15.05 7.80
N ASP A 184 7.57 16.25 7.51
CA ASP A 184 6.33 16.45 6.79
C ASP A 184 6.33 17.89 6.25
N PRO A 185 6.52 18.06 4.95
CA PRO A 185 6.51 19.41 4.36
C PRO A 185 5.15 20.08 4.42
N MET A 186 4.12 19.40 4.92
CA MET A 186 2.82 20.02 5.11
C MET A 186 2.69 20.67 6.47
N ALA A 187 3.72 20.57 7.31
CA ALA A 187 3.61 21.06 8.69
C ALA A 187 4.01 22.52 8.85
N GLY A 188 4.12 23.29 7.77
CA GLY A 188 4.47 24.67 7.93
C GLY A 188 5.93 24.98 7.71
N SER A 189 6.74 23.97 7.42
CA SER A 189 8.14 24.14 7.09
C SER A 189 8.56 22.96 6.23
N LYS A 190 9.56 23.19 5.36
CA LYS A 190 9.97 22.17 4.39
C LYS A 190 11.43 22.33 4.01
N GLN A 191 12.31 22.52 5.00
CA GLN A 191 13.73 22.74 4.75
C GLN A 191 14.48 21.42 4.53
N GLY A 192 14.62 21.01 3.28
CA GLY A 192 15.35 19.80 2.98
C GLY A 192 14.61 18.96 1.96
N VAL A 193 14.73 17.62 1.99
CA VAL A 193 14.13 16.77 0.98
C VAL A 193 12.98 15.96 1.56
N PHE A 194 12.06 15.59 0.69
CA PHE A 194 10.87 14.85 1.10
C PHE A 194 10.16 14.32 -0.14
N TRP A 195 9.29 13.36 0.07
CA TRP A 195 8.46 12.87 -1.01
C TRP A 195 7.42 13.91 -1.38
N ILE A 196 7.23 14.11 -2.69
CA ILE A 196 6.20 15.02 -3.20
C ILE A 196 4.81 14.47 -2.90
N PRO A 197 3.96 15.13 -2.14
CA PRO A 197 2.56 14.66 -2.08
C PRO A 197 1.84 14.90 -3.42
N SER A 198 1.08 13.90 -3.87
CA SER A 198 0.44 13.94 -5.19
C SER A 198 -1.07 13.85 -5.11
N ALA A 199 -1.75 14.78 -5.79
CA ALA A 199 -3.21 14.84 -5.78
C ALA A 199 -3.81 13.73 -6.61
N ILE A 200 -3.60 12.51 -6.16
CA ILE A 200 -4.02 11.32 -6.85
C ILE A 200 -4.95 10.53 -5.93
N ASP A 201 -6.04 9.98 -6.48
CA ASP A 201 -6.91 9.03 -5.78
C ASP A 201 -6.25 7.64 -5.78
N ALA A 202 -5.82 7.18 -4.60
CA ALA A 202 -5.08 5.92 -4.50
C ALA A 202 -5.94 4.69 -4.76
N ARG A 203 -7.28 4.78 -4.76
CA ARG A 203 -8.01 3.58 -5.09
CA ARG A 203 -8.15 3.66 -5.14
C ARG A 203 -7.87 3.22 -6.56
N THR A 204 -7.70 4.19 -7.45
CA THR A 204 -7.58 3.92 -8.86
C THR A 204 -6.28 4.45 -9.43
N MET A 205 -5.44 5.08 -8.60
CA MET A 205 -4.23 5.73 -9.05
CA MET A 205 -4.23 5.70 -9.08
C MET A 205 -4.52 6.63 -10.26
N THR A 206 -5.51 7.51 -10.09
CA THR A 206 -5.83 8.49 -11.12
C THR A 206 -5.93 9.89 -10.52
N ARG A 207 -5.76 10.89 -11.37
CA ARG A 207 -5.81 12.29 -10.93
C ARG A 207 -7.05 12.58 -10.08
N SER A 208 -6.87 13.27 -8.96
CA SER A 208 -8.04 13.78 -8.22
C SER A 208 -8.17 15.31 -8.43
N HIS A 209 -8.76 15.71 -9.54
CA HIS A 209 -8.86 17.13 -9.87
C HIS A 209 -10.22 17.67 -9.42
N ALA A 210 -10.34 19.00 -9.41
CA ALA A 210 -11.52 19.64 -8.83
C ALA A 210 -12.78 19.29 -9.60
N ARG A 211 -12.66 19.00 -10.90
CA ARG A 211 -13.79 18.47 -11.67
CA ARG A 211 -13.83 18.51 -11.63
C ARG A 211 -14.40 17.24 -11.00
N ARG A 212 -13.53 16.40 -10.42
CA ARG A 212 -14.03 15.19 -9.77
C ARG A 212 -14.37 15.43 -8.31
N ASN A 213 -13.48 16.07 -7.55
CA ASN A 213 -13.69 16.07 -6.10
C ASN A 213 -14.59 17.22 -5.66
N HIS A 214 -14.85 18.18 -6.54
CA HIS A 214 -15.72 19.29 -6.17
C HIS A 214 -16.83 19.53 -7.19
N TYR A 215 -16.98 18.66 -8.19
CA TYR A 215 -18.13 18.70 -9.07
C TYR A 215 -18.77 17.31 -9.25
N ASP A 216 -18.06 16.35 -9.87
CA ASP A 216 -18.62 15.01 -10.06
C ASP A 216 -19.19 14.48 -8.76
N ARG A 217 -18.39 14.60 -7.69
CA ARG A 217 -18.74 14.05 -6.37
C ARG A 217 -20.13 14.47 -5.92
N VAL A 218 -20.59 15.63 -6.35
CA VAL A 218 -21.83 16.18 -5.82
C VAL A 218 -22.76 16.58 -6.97
N SER A 219 -22.54 15.98 -8.15
CA SER A 219 -23.23 16.40 -9.37
C SER A 219 -24.69 16.00 -9.41
N SER A 220 -25.17 15.23 -8.43
CA SER A 220 -26.59 14.96 -8.39
C SER A 220 -27.37 16.13 -7.81
N ARG A 221 -26.68 17.14 -7.27
CA ARG A 221 -27.39 18.30 -6.73
C ARG A 221 -28.05 19.08 -7.85
N PRO A 222 -29.38 19.24 -7.84
CA PRO A 222 -30.02 20.10 -8.86
C PRO A 222 -29.70 21.59 -8.73
N ASN A 223 -29.20 22.05 -7.58
CA ASN A 223 -28.94 23.47 -7.31
C ASN A 223 -27.50 23.88 -7.64
N TYR A 224 -26.69 22.96 -8.15
CA TYR A 224 -25.30 23.21 -8.52
C TYR A 224 -25.22 23.13 -10.04
N HIS A 225 -25.29 24.28 -10.69
CA HIS A 225 -25.36 24.38 -12.14
C HIS A 225 -23.99 24.74 -12.71
N ILE A 226 -23.65 24.14 -13.85
CA ILE A 226 -22.43 24.46 -14.57
C ILE A 226 -22.77 24.76 -16.01
N LEU A 227 -21.97 25.66 -16.60
CA LEU A 227 -22.11 26.03 -18.01
C LEU A 227 -20.71 26.08 -18.59
N PRO A 228 -20.21 24.93 -19.05
CA PRO A 228 -18.91 24.93 -19.72
C PRO A 228 -18.94 25.76 -21.00
N SER A 229 -17.74 26.05 -21.49
CA SER A 229 -17.49 26.61 -22.82
C SER A 229 -18.10 28.00 -23.01
N HIS A 230 -18.18 28.78 -21.94
CA HIS A 230 -18.65 30.16 -22.02
C HIS A 230 -17.78 31.06 -21.16
N LEU A 231 -17.65 32.33 -21.59
CA LEU A 231 -16.79 33.32 -20.95
C LEU A 231 -17.66 34.34 -20.24
N VAL A 232 -17.33 34.69 -19.02
CA VAL A 232 -17.96 35.85 -18.40
C VAL A 232 -17.26 37.09 -18.93
N SER A 233 -18.01 37.94 -19.63
CA SER A 233 -17.45 39.11 -20.32
C SER A 233 -17.59 40.42 -19.56
N LYS A 234 -18.48 40.48 -18.58
CA LYS A 234 -18.74 41.75 -17.90
C LYS A 234 -19.53 41.44 -16.65
N ILE A 235 -19.30 42.22 -15.60
CA ILE A 235 -20.18 42.23 -14.42
C ILE A 235 -21.22 43.30 -14.64
N LEU A 236 -22.44 43.03 -14.21
CA LEU A 236 -23.54 43.97 -14.30
C LEU A 236 -23.82 44.53 -12.91
N PHE A 237 -24.10 45.83 -12.87
CA PHE A 237 -24.29 46.55 -11.63
C PHE A 237 -25.66 47.22 -11.62
N ARG A 238 -26.22 47.36 -10.41
CA ARG A 238 -27.25 48.36 -10.11
C ARG A 238 -26.59 49.31 -9.11
N GLY A 239 -26.20 50.49 -9.60
CA GLY A 239 -25.42 51.38 -8.77
C GLY A 239 -24.06 50.75 -8.54
N LYS A 240 -23.66 50.60 -7.27
CA LYS A 240 -22.42 49.91 -6.90
C LYS A 240 -22.68 48.50 -6.40
N GLN A 241 -23.85 47.93 -6.71
CA GLN A 241 -24.19 46.55 -6.38
C GLN A 241 -23.96 45.68 -7.61
N ALA A 242 -23.06 44.69 -7.48
CA ALA A 242 -22.95 43.65 -8.50
C ALA A 242 -24.16 42.75 -8.42
N ILE A 243 -24.94 42.68 -9.51
CA ILE A 243 -26.21 41.95 -9.50
C ILE A 243 -26.24 40.82 -10.52
N GLY A 244 -25.27 40.74 -11.43
CA GLY A 244 -25.25 39.66 -12.42
C GLY A 244 -24.02 39.75 -13.30
N VAL A 245 -24.00 38.95 -14.37
CA VAL A 245 -22.91 39.00 -15.33
C VAL A 245 -23.46 38.79 -16.73
N SER A 246 -22.65 39.18 -17.72
CA SER A 246 -22.84 38.86 -19.13
C SER A 246 -21.90 37.73 -19.53
N TYR A 247 -22.37 36.85 -20.41
CA TYR A 247 -21.47 35.84 -20.93
C TYR A 247 -21.71 35.61 -22.40
N ILE A 248 -20.68 35.06 -23.04
CA ILE A 248 -20.61 34.82 -24.48
C ILE A 248 -20.03 33.43 -24.70
N PRO A 249 -20.26 32.83 -25.87
CA PRO A 249 -19.59 31.56 -26.18
C PRO A 249 -18.10 31.79 -26.23
N THR A 250 -17.35 30.85 -25.64
CA THR A 250 -15.89 30.98 -25.64
C THR A 250 -15.37 31.02 -27.07
N SER A 251 -16.01 30.24 -27.94
CA SER A 251 -15.70 30.16 -29.37
C SER A 251 -16.06 31.44 -30.12
N GLY A 252 -16.63 32.44 -29.45
CA GLY A 252 -16.70 33.76 -30.00
C GLY A 252 -17.86 34.04 -30.93
N GLY A 253 -18.99 33.33 -30.79
CA GLY A 253 -20.17 33.73 -31.53
C GLY A 253 -20.65 35.11 -31.12
N ASN A 254 -21.25 35.83 -32.07
CA ASN A 254 -21.85 37.15 -31.78
C ASN A 254 -23.19 36.99 -31.08
N THR A 255 -23.12 36.57 -29.81
CA THR A 255 -24.28 36.45 -28.91
C THR A 255 -23.80 36.78 -27.51
N THR A 256 -24.66 37.42 -26.72
CA THR A 256 -24.37 37.79 -25.34
C THR A 256 -25.61 37.51 -24.53
N THR A 257 -25.43 37.07 -23.31
CA THR A 257 -26.54 36.70 -22.45
C THR A 257 -26.31 37.31 -21.07
N ASN A 258 -27.36 37.84 -20.46
CA ASN A 258 -27.25 38.32 -19.08
C ASN A 258 -27.93 37.33 -18.13
N VAL A 259 -27.29 37.11 -16.96
CA VAL A 259 -27.85 36.28 -15.91
CA VAL A 259 -27.86 36.29 -15.90
C VAL A 259 -27.63 36.98 -14.58
N TYR A 260 -28.51 36.71 -13.61
CA TYR A 260 -28.53 37.53 -12.39
C TYR A 260 -28.43 36.68 -11.13
N ALA A 261 -27.77 37.25 -10.11
CA ALA A 261 -27.59 36.59 -8.81
C ALA A 261 -28.33 37.40 -7.76
N SER A 262 -28.99 36.70 -6.84
CA SER A 262 -29.74 37.36 -5.76
C SER A 262 -28.88 37.77 -4.56
N LYS A 263 -27.73 37.10 -4.32
CA LYS A 263 -26.79 37.50 -3.27
C LYS A 263 -25.49 38.05 -3.85
N GLU A 264 -24.64 37.24 -4.48
CA GLU A 264 -23.31 37.73 -4.87
C GLU A 264 -22.81 37.14 -6.16
N ILE A 265 -21.91 37.89 -6.80
CA ILE A 265 -21.07 37.40 -7.89
C ILE A 265 -19.69 37.09 -7.30
N THR A 266 -19.10 35.95 -7.67
CA THR A 266 -17.73 35.63 -7.28
C THR A 266 -16.86 35.49 -8.51
N LEU A 267 -15.72 36.17 -8.54
CA LEU A 267 -14.75 35.97 -9.61
C LEU A 267 -13.84 34.83 -9.21
N ALA A 268 -13.61 33.91 -10.15
CA ALA A 268 -12.77 32.74 -9.89
C ALA A 268 -12.02 32.39 -11.18
N ALA A 269 -11.63 33.42 -11.94
CA ALA A 269 -11.14 33.23 -13.29
C ALA A 269 -9.63 33.22 -13.36
N GLY A 270 -8.95 33.16 -12.23
CA GLY A 270 -7.52 32.96 -12.20
C GLY A 270 -6.74 34.27 -12.30
N GLY A 271 -5.45 34.15 -12.01
CA GLY A 271 -4.57 35.31 -12.05
C GLY A 271 -4.63 36.08 -13.35
N LEU A 272 -4.88 35.40 -14.49
CA LEU A 272 -4.89 36.03 -15.81
C LEU A 272 -6.29 36.27 -16.34
N GLY A 273 -7.33 35.90 -15.60
CA GLY A 273 -8.67 36.06 -16.09
C GLY A 273 -9.49 37.00 -15.24
N THR A 274 -9.37 36.90 -13.92
CA THR A 274 -10.12 37.80 -13.04
C THR A 274 -9.79 39.28 -13.28
N PRO A 275 -8.53 39.73 -13.35
CA PRO A 275 -8.31 41.17 -13.62
C PRO A 275 -8.94 41.63 -14.91
N LYS A 276 -9.01 40.78 -15.94
CA LYS A 276 -9.63 41.18 -17.19
C LYS A 276 -11.13 41.40 -17.00
N ILE A 277 -11.78 40.53 -16.23
CA ILE A 277 -13.22 40.73 -15.98
C ILE A 277 -13.44 42.05 -15.24
N LEU A 278 -12.68 42.29 -14.17
CA LEU A 278 -12.79 43.56 -13.43
C LEU A 278 -12.66 44.77 -14.35
N GLN A 279 -11.59 44.79 -15.15
CA GLN A 279 -11.26 45.98 -15.94
C GLN A 279 -12.32 46.22 -17.00
N LEU A 280 -12.79 45.13 -17.63
CA LEU A 280 -13.85 45.26 -18.64
C LEU A 280 -15.11 45.84 -18.01
N SER A 281 -15.28 45.61 -16.70
CA SER A 281 -16.46 46.01 -15.95
C SER A 281 -16.30 47.34 -15.24
N GLY A 282 -15.25 48.11 -15.58
CA GLY A 282 -15.02 49.41 -14.96
C GLY A 282 -14.36 49.38 -13.60
N ILE A 283 -13.76 48.27 -13.21
CA ILE A 283 -13.11 48.14 -11.92
C ILE A 283 -11.62 47.95 -12.21
N GLY A 284 -10.84 49.00 -11.98
CA GLY A 284 -9.44 48.99 -12.28
C GLY A 284 -8.90 50.39 -12.33
N PRO A 285 -7.69 50.55 -12.87
CA PRO A 285 -7.03 51.87 -12.87
C PRO A 285 -7.74 52.83 -13.83
N ARG A 286 -8.12 54.01 -13.32
CA ARG A 286 -8.90 54.92 -14.16
C ARG A 286 -8.11 55.35 -15.39
N LYS A 287 -6.81 55.46 -15.30
CA LYS A 287 -6.08 55.85 -16.49
C LYS A 287 -6.32 54.82 -17.59
N LEU A 288 -6.23 53.53 -17.26
CA LEU A 288 -6.50 52.50 -18.27
C LEU A 288 -7.96 52.56 -18.74
N LEU A 289 -8.89 52.65 -17.80
CA LEU A 289 -10.28 52.61 -18.20
C LEU A 289 -10.62 53.83 -19.03
N ASN A 290 -10.05 54.97 -18.68
CA ASN A 290 -10.34 56.19 -19.44
C ASN A 290 -9.83 56.08 -20.87
N GLU A 291 -8.60 55.59 -21.06
CA GLU A 291 -8.09 55.56 -22.43
C GLU A 291 -8.84 54.56 -23.28
N LEU A 292 -9.45 53.54 -22.66
CA LEU A 292 -10.29 52.61 -23.39
C LEU A 292 -11.74 53.06 -23.47
N GLY A 293 -12.12 54.08 -22.71
CA GLY A 293 -13.49 54.53 -22.77
C GLY A 293 -14.43 53.69 -21.94
N ILE A 294 -13.93 53.04 -20.91
CA ILE A 294 -14.74 52.23 -20.03
C ILE A 294 -15.13 53.10 -18.83
N PRO A 295 -16.43 53.28 -18.54
CA PRO A 295 -16.81 54.09 -17.38
C PRO A 295 -16.27 53.48 -16.11
N VAL A 296 -15.69 54.34 -15.27
CA VAL A 296 -15.09 53.89 -14.01
C VAL A 296 -16.21 53.64 -13.00
N ILE A 297 -16.37 52.39 -12.59
CA ILE A 297 -17.25 52.01 -11.49
C ILE A 297 -16.53 52.10 -10.14
N SER A 298 -15.25 51.72 -10.13
CA SER A 298 -14.44 51.74 -8.91
C SER A 298 -12.99 51.83 -9.33
N ASP A 299 -12.33 52.92 -8.93
CA ASP A 299 -10.99 53.28 -9.36
C ASP A 299 -10.00 52.53 -8.47
N LEU A 300 -9.54 51.38 -8.95
CA LEU A 300 -8.66 50.51 -8.18
C LEU A 300 -7.37 50.32 -8.96
N PRO A 301 -6.32 51.10 -8.66
CA PRO A 301 -5.06 50.97 -9.41
C PRO A 301 -4.39 49.62 -9.25
N GLY A 302 -4.70 48.88 -8.19
CA GLY A 302 -4.12 47.55 -8.02
C GLY A 302 -4.59 46.50 -9.03
N VAL A 303 -5.69 46.73 -9.76
CA VAL A 303 -6.24 45.66 -10.59
C VAL A 303 -5.30 45.40 -11.77
N GLY A 304 -4.77 44.18 -11.82
CA GLY A 304 -3.86 43.88 -12.87
C GLY A 304 -2.42 44.22 -12.59
N GLN A 305 -2.15 44.89 -11.47
CA GLN A 305 -0.80 45.07 -10.98
C GLN A 305 -0.34 43.85 -10.20
N ASN A 306 0.93 43.84 -9.83
CA ASN A 306 1.46 42.91 -8.84
C ASN A 306 1.48 41.44 -9.29
N LEU A 307 1.46 41.17 -10.61
CA LEU A 307 1.53 39.81 -11.14
C LEU A 307 2.83 39.13 -10.71
N GLN A 308 2.72 37.88 -10.30
CA GLN A 308 3.86 37.08 -9.89
C GLN A 308 3.66 35.67 -10.39
N ASP A 309 4.76 34.99 -10.61
CA ASP A 309 4.78 33.59 -10.98
C ASP A 309 5.99 33.01 -10.27
N GLN A 310 6.27 31.73 -10.49
CA GLN A 310 7.48 31.16 -9.93
C GLN A 310 8.33 30.67 -11.10
N PRO A 311 9.38 31.43 -11.43
CA PRO A 311 10.20 31.09 -12.59
C PRO A 311 10.87 29.74 -12.44
N THR A 312 11.17 29.15 -13.60
CA THR A 312 11.68 27.79 -13.68
C THR A 312 12.90 27.78 -14.59
N LEU A 313 13.79 26.82 -14.32
CA LEU A 313 15.00 26.62 -15.08
C LEU A 313 15.15 25.13 -15.28
N THR A 314 15.30 24.71 -16.53
CA THR A 314 15.58 23.32 -16.85
C THR A 314 17.03 23.21 -17.28
N ILE A 315 17.80 22.42 -16.53
CA ILE A 315 19.24 22.25 -16.76
C ILE A 315 19.43 20.89 -17.42
N PRO A 316 20.07 20.82 -18.59
CA PRO A 316 20.31 19.52 -19.24
C PRO A 316 21.55 18.83 -18.72
N TYR A 317 21.49 17.49 -18.70
CA TYR A 317 22.60 16.66 -18.23
C TYR A 317 22.89 15.53 -19.21
N THR A 318 24.13 15.09 -19.23
CA THR A 318 24.43 13.76 -19.73
C THR A 318 25.07 12.93 -18.62
N PHE A 319 25.00 11.63 -18.79
CA PHE A 319 25.48 10.69 -17.79
C PHE A 319 26.34 9.63 -18.44
N THR A 320 27.45 9.30 -17.79
CA THR A 320 28.24 8.16 -18.20
C THR A 320 27.72 6.85 -17.63
N ASN A 321 26.98 6.92 -16.51
CA ASN A 321 26.59 5.69 -15.82
C ASN A 321 25.27 5.87 -15.04
N ASN A 322 24.25 6.40 -15.69
CA ASN A 322 22.93 6.48 -15.06
C ASN A 322 22.37 5.07 -14.81
N VAL A 323 21.56 4.92 -13.79
CA VAL A 323 20.96 3.62 -13.49
C VAL A 323 19.62 3.47 -14.21
N PHE A 324 19.30 2.24 -14.64
CA PHE A 324 18.08 1.76 -15.32
C PHE A 324 17.18 1.02 -14.32
N PRO A 325 15.83 1.18 -14.41
CA PRO A 325 15.22 2.16 -15.31
C PRO A 325 15.25 3.56 -14.72
N ASN A 326 14.92 4.54 -15.54
CA ASN A 326 14.75 5.90 -15.11
C ASN A 326 13.57 6.43 -15.89
N THR A 327 13.21 7.69 -15.67
CA THR A 327 12.01 8.17 -16.33
C THR A 327 12.20 8.22 -17.84
N ASP A 328 13.42 8.44 -18.32
CA ASP A 328 13.61 8.48 -19.77
C ASP A 328 13.55 7.09 -20.40
N SER A 329 13.65 6.01 -19.61
CA SER A 329 13.30 4.68 -20.11
C SER A 329 11.90 4.66 -20.69
N LEU A 330 10.99 5.48 -20.19
CA LEU A 330 9.63 5.46 -20.69
C LEU A 330 9.51 6.03 -22.09
N THR A 331 10.44 6.88 -22.51
CA THR A 331 10.38 7.40 -23.86
CA THR A 331 10.45 7.46 -23.84
C THR A 331 11.38 6.73 -24.81
N THR A 332 12.44 6.13 -24.30
CA THR A 332 13.45 5.59 -25.17
C THR A 332 13.43 4.08 -25.27
N ASN A 333 12.70 3.40 -24.39
CA ASN A 333 12.69 1.93 -24.39
C ASN A 333 11.24 1.48 -24.56
N ALA A 334 10.86 1.16 -25.80
CA ALA A 334 9.47 0.82 -26.08
C ALA A 334 9.03 -0.44 -25.33
N THR A 335 9.96 -1.35 -25.03
CA THR A 335 9.59 -2.52 -24.24
C THR A 335 9.29 -2.14 -22.80
N TYR A 336 10.12 -1.24 -22.22
CA TYR A 336 9.94 -0.85 -20.82
C TYR A 336 8.65 -0.07 -20.66
N ASN A 337 8.43 0.89 -21.56
CA ASN A 337 7.15 1.59 -21.57
C ASN A 337 5.96 0.63 -21.64
N ALA A 338 5.98 -0.32 -22.58
CA ALA A 338 4.85 -1.26 -22.72
C ALA A 338 4.63 -2.08 -21.44
N GLU A 339 5.73 -2.59 -20.85
CA GLU A 339 5.58 -3.42 -19.66
C GLU A 339 5.10 -2.60 -18.46
N GLN A 340 5.56 -1.34 -18.32
CA GLN A 340 5.04 -0.48 -17.25
C GLN A 340 3.55 -0.17 -17.45
N ARG A 341 3.14 0.12 -18.69
CA ARG A 341 1.73 0.43 -18.94
C ARG A 341 0.86 -0.80 -18.68
N ALA A 342 1.33 -1.98 -19.10
CA ALA A 342 0.60 -3.21 -18.82
C ALA A 342 0.52 -3.48 -17.32
N LEU A 343 1.62 -3.26 -16.59
CA LEU A 343 1.63 -3.37 -15.13
C LEU A 343 0.59 -2.46 -14.50
N TYR A 344 0.56 -1.20 -14.96
CA TYR A 344 -0.44 -0.27 -14.45
C TYR A 344 -1.84 -0.73 -14.80
N ASP A 345 -2.06 -1.17 -16.04
CA ASP A 345 -3.41 -1.56 -16.45
C ASP A 345 -3.91 -2.76 -15.67
N SER A 346 -3.00 -3.67 -15.29
CA SER A 346 -3.38 -4.89 -14.57
C SER A 346 -3.56 -4.63 -13.07
N SER A 347 -2.47 -4.26 -12.39
CA SER A 347 -2.51 -4.15 -10.94
C SER A 347 -2.23 -2.74 -10.44
N LYS A 348 -2.20 -1.74 -11.33
CA LYS A 348 -2.07 -0.32 -10.96
C LYS A 348 -0.76 -0.03 -10.23
N GLN A 349 0.28 -0.77 -10.55
CA GLN A 349 1.62 -0.59 -9.99
C GLN A 349 2.52 0.12 -11.00
N GLY A 350 3.62 0.65 -10.50
CA GLY A 350 4.73 0.93 -11.39
C GLY A 350 4.88 2.39 -11.76
N ALA A 351 5.67 2.59 -12.82
CA ALA A 351 6.08 3.92 -13.19
C ALA A 351 4.93 4.79 -13.60
N TYR A 352 3.80 4.20 -14.00
CA TYR A 352 2.72 5.02 -14.53
C TYR A 352 1.92 5.68 -13.42
N THR A 353 2.25 5.40 -12.18
CA THR A 353 1.61 6.12 -11.10
C THR A 353 2.36 7.41 -10.78
N ILE A 354 3.50 7.67 -11.44
CA ILE A 354 4.25 8.91 -11.28
C ILE A 354 3.94 9.81 -12.45
N VAL A 355 3.77 11.11 -12.20
CA VAL A 355 3.47 12.04 -13.28
C VAL A 355 4.62 12.03 -14.25
N ASN A 356 4.32 11.90 -15.54
CA ASN A 356 5.35 11.72 -16.55
C ASN A 356 6.43 12.80 -16.50
N SER A 357 7.69 12.36 -16.41
CA SER A 357 8.93 13.13 -16.39
C SER A 357 9.30 13.57 -14.99
N LEU A 358 8.42 13.42 -14.00
CA LEU A 358 8.79 13.72 -12.62
C LEU A 358 9.37 12.49 -11.92
N SER A 359 10.02 12.74 -10.78
CA SER A 359 10.44 11.72 -9.83
C SER A 359 9.54 11.85 -8.59
N THR A 360 9.96 11.22 -7.49
CA THR A 360 9.11 11.09 -6.31
C THR A 360 9.49 12.00 -5.16
N ASN A 361 10.74 12.47 -5.12
CA ASN A 361 11.20 13.36 -4.06
C ASN A 361 11.56 14.73 -4.62
N ILE A 362 11.83 15.67 -3.71
CA ILE A 362 12.06 17.07 -4.07
C ILE A 362 12.72 17.76 -2.88
N GLY A 363 13.34 18.91 -3.13
CA GLY A 363 13.98 19.66 -2.07
C GLY A 363 13.60 21.13 -2.13
N VAL A 364 13.35 21.72 -0.94
CA VAL A 364 13.12 23.15 -0.81
C VAL A 364 14.12 23.73 0.18
N MET A 365 14.47 25.00 0.02
CA MET A 365 15.55 25.57 0.81
C MET A 365 15.34 27.05 1.04
N SER A 366 15.63 27.49 2.26
CA SER A 366 15.74 28.90 2.63
C SER A 366 16.90 29.58 1.89
N LEU A 367 16.89 30.92 1.92
CA LEU A 367 18.01 31.65 1.34
C LEU A 367 19.31 31.32 2.05
N GLN A 368 19.27 31.16 3.36
CA GLN A 368 20.57 30.85 3.97
C GLN A 368 20.98 29.40 3.79
N ARG A 369 20.02 28.49 3.53
CA ARG A 369 20.37 27.13 3.19
C ARG A 369 20.96 27.06 1.78
N ALA A 370 20.43 27.88 0.86
CA ALA A 370 21.00 27.91 -0.47
C ALA A 370 22.37 28.61 -0.49
N ALA A 371 22.55 29.67 0.31
CA ALA A 371 23.76 30.50 0.20
C ALA A 371 24.32 30.81 1.58
N PRO A 372 24.78 29.78 2.30
CA PRO A 372 25.18 29.98 3.71
C PRO A 372 26.32 30.98 3.90
N LYS A 373 27.17 31.19 2.90
CA LYS A 373 28.29 32.11 3.09
C LYS A 373 28.02 33.49 2.53
N SER A 374 26.90 33.71 1.86
CA SER A 374 26.70 35.01 1.24
C SER A 374 25.26 35.49 1.32
N TYR A 375 24.37 34.77 1.99
CA TYR A 375 22.98 35.22 2.05
C TYR A 375 22.85 36.58 2.72
N ARG A 376 23.74 36.92 3.66
CA ARG A 376 23.64 38.24 4.27
CA ARG A 376 23.65 38.25 4.27
C ARG A 376 23.98 39.36 3.28
N GLN A 377 24.83 39.10 2.28
CA GLN A 377 25.12 40.11 1.26
C GLN A 377 23.94 40.31 0.33
N ILE A 378 23.19 39.24 0.05
CA ILE A 378 22.02 39.40 -0.80
C ILE A 378 20.94 40.21 -0.07
N ILE A 379 20.71 39.88 1.21
CA ILE A 379 19.77 40.66 2.01
C ILE A 379 20.17 42.13 2.05
N ALA A 380 21.48 42.42 2.16
CA ALA A 380 21.89 43.82 2.25
C ALA A 380 21.58 44.54 0.94
N ALA A 381 21.89 43.93 -0.19
CA ALA A 381 21.61 44.60 -1.45
C ALA A 381 20.11 44.84 -1.63
N ALA A 382 19.28 43.87 -1.18
CA ALA A 382 17.83 44.04 -1.31
C ALA A 382 17.32 45.10 -0.35
N ARG A 383 17.88 45.14 0.86
CA ARG A 383 17.48 46.14 1.85
C ARG A 383 17.86 47.55 1.40
N ALA A 384 19.05 47.69 0.82
CA ALA A 384 19.53 49.02 0.43
C ALA A 384 18.67 49.64 -0.65
N ARG A 385 18.12 48.80 -1.56
CA ARG A 385 17.45 49.33 -2.73
C ARG A 385 16.01 49.71 -2.39
N SER A 386 15.64 50.93 -2.73
CA SER A 386 14.26 51.38 -2.62
C SER A 386 13.31 50.44 -3.37
N ALA A 387 12.23 50.05 -2.69
CA ALA A 387 11.22 49.23 -3.34
C ALA A 387 10.72 49.84 -4.65
N SER A 388 10.70 51.16 -4.77
CA SER A 388 10.12 51.77 -5.95
C SER A 388 10.90 51.47 -7.24
N LEU A 389 12.18 51.10 -7.13
CA LEU A 389 12.99 50.80 -8.31
C LEU A 389 12.52 49.55 -9.05
N SER A 390 11.74 48.69 -8.41
CA SER A 390 11.26 47.47 -9.02
C SER A 390 9.99 47.66 -9.84
N LEU A 391 9.41 48.85 -9.79
CA LEU A 391 8.22 49.18 -10.53
C LEU A 391 8.52 50.31 -11.52
N PRO A 392 7.80 50.37 -12.63
CA PRO A 392 8.01 51.46 -13.59
C PRO A 392 7.80 52.79 -12.91
N PRO A 393 8.58 53.81 -13.24
CA PRO A 393 8.34 55.13 -12.65
C PRO A 393 6.93 55.59 -13.01
N GLY A 394 6.28 56.28 -12.07
CA GLY A 394 4.91 56.64 -12.31
C GLY A 394 3.89 55.57 -11.96
N THR A 395 4.34 54.38 -11.54
CA THR A 395 3.45 53.45 -10.85
C THR A 395 2.69 54.19 -9.76
N ASP A 396 1.41 53.85 -9.61
CA ASP A 396 0.55 54.52 -8.63
C ASP A 396 1.18 54.42 -7.25
N PRO A 397 1.20 55.51 -6.48
CA PRO A 397 1.85 55.47 -5.16
C PRO A 397 1.25 54.44 -4.22
N ALA A 398 -0.06 54.18 -4.32
CA ALA A 398 -0.63 53.19 -3.41
C ALA A 398 -0.10 51.79 -3.72
N VAL A 399 -0.04 51.45 -5.01
CA VAL A 399 0.57 50.19 -5.45
C VAL A 399 2.02 50.10 -4.96
N ILE A 400 2.78 51.19 -5.11
CA ILE A 400 4.16 51.22 -4.60
C ILE A 400 4.18 50.91 -3.11
N ARG A 401 3.26 51.48 -2.33
CA ARG A 401 3.26 51.20 -0.89
C ARG A 401 2.98 49.72 -0.61
N GLY A 402 2.00 49.14 -1.29
CA GLY A 402 1.71 47.74 -1.09
C GLY A 402 2.89 46.88 -1.47
N TYR A 403 3.58 47.21 -2.56
CA TYR A 403 4.74 46.41 -2.94
C TYR A 403 5.83 46.56 -1.89
N GLN A 404 6.00 47.78 -1.38
CA GLN A 404 6.99 48.02 -0.34
CA GLN A 404 7.00 48.00 -0.35
C GLN A 404 6.72 47.14 0.87
N ALA A 405 5.45 46.99 1.22
CA ALA A 405 5.13 46.15 2.36
C ALA A 405 5.39 44.67 2.06
N GLN A 406 4.99 44.21 0.86
CA GLN A 406 5.34 42.84 0.47
C GLN A 406 6.85 42.64 0.56
N ARG A 407 7.59 43.62 0.06
CA ARG A 407 9.02 43.44 -0.09
C ARG A 407 9.66 43.32 1.28
N ASN A 408 9.19 44.11 2.25
CA ASN A 408 9.70 44.02 3.61
C ASN A 408 9.37 42.68 4.25
N ALA A 409 8.17 42.14 3.98
CA ALA A 409 7.82 40.81 4.47
C ALA A 409 8.77 39.77 3.90
N ILE A 410 9.07 39.88 2.62
CA ILE A 410 9.90 38.87 1.95
C ILE A 410 11.35 38.97 2.41
N LEU A 411 11.82 40.18 2.70
CA LEU A 411 13.16 40.29 3.25
C LEU A 411 13.26 39.65 4.63
N LYS A 412 12.20 39.73 5.45
CA LYS A 412 12.28 38.93 6.67
C LYS A 412 12.25 37.44 6.35
N GLN A 413 11.53 37.04 5.30
CA GLN A 413 11.60 35.61 4.97
C GLN A 413 13.01 35.21 4.50
N PHE A 414 13.69 36.10 3.76
CA PHE A 414 15.10 35.87 3.38
C PHE A 414 15.96 35.61 4.59
N GLU A 415 15.69 36.31 5.70
CA GLU A 415 16.44 36.14 6.94
C GLU A 415 16.00 34.91 7.73
N ASN A 416 14.87 34.32 7.39
CA ASN A 416 14.28 33.25 8.18
C ASN A 416 14.85 31.91 7.73
N PRO A 417 15.47 31.13 8.62
CA PRO A 417 15.95 29.80 8.19
C PRO A 417 14.83 28.80 7.82
N ASN A 418 13.57 29.08 8.11
CA ASN A 418 12.50 28.11 7.91
C ASN A 418 11.50 28.53 6.84
N VAL A 419 11.88 29.40 5.92
CA VAL A 419 10.99 29.76 4.82
C VAL A 419 11.73 29.49 3.51
N GLY A 420 11.06 28.83 2.59
CA GLY A 420 11.69 28.45 1.34
C GLY A 420 11.68 29.60 0.36
N VAL A 421 12.73 29.68 -0.44
CA VAL A 421 12.78 30.58 -1.59
C VAL A 421 13.05 29.83 -2.88
N GLY A 422 13.40 28.55 -2.83
CA GLY A 422 13.74 27.82 -4.04
C GLY A 422 13.48 26.33 -3.91
N THR A 423 13.29 25.68 -5.06
CA THR A 423 12.99 24.26 -5.17
C THR A 423 13.97 23.62 -6.13
N VAL A 424 14.41 22.40 -5.83
CA VAL A 424 15.25 21.63 -6.76
C VAL A 424 14.58 20.28 -6.95
N HIS A 425 14.77 19.70 -8.14
CA HIS A 425 14.15 18.42 -8.48
C HIS A 425 14.97 17.77 -9.58
N TRP A 426 15.05 16.44 -9.53
CA TRP A 426 15.62 15.69 -10.65
C TRP A 426 14.67 14.55 -10.97
N GLY A 427 14.15 14.53 -12.20
CA GLY A 427 13.22 13.49 -12.61
C GLY A 427 13.83 12.12 -12.81
N THR A 428 15.15 11.97 -12.67
CA THR A 428 16.01 10.78 -12.81
C THR A 428 16.47 10.62 -14.28
N GLY A 429 16.07 11.51 -15.18
CA GLY A 429 16.51 11.49 -16.57
C GLY A 429 17.46 12.63 -16.95
N SER A 430 17.28 13.21 -18.13
CA SER A 430 18.29 14.08 -18.74
C SER A 430 18.19 15.57 -18.34
N SER A 431 17.32 15.92 -17.40
CA SER A 431 17.30 17.32 -16.98
C SER A 431 16.89 17.40 -15.52
N ALA A 432 17.39 18.44 -14.84
CA ALA A 432 16.95 18.85 -13.51
C ALA A 432 16.19 20.16 -13.59
N LEU A 433 15.44 20.45 -12.53
CA LEU A 433 14.54 21.60 -12.44
C LEU A 433 14.91 22.43 -11.22
N VAL A 434 15.06 23.75 -11.41
CA VAL A 434 15.26 24.67 -10.29
C VAL A 434 14.19 25.75 -10.35
N TYR A 435 13.43 25.88 -9.29
CA TYR A 435 12.28 26.77 -9.24
C TYR A 435 12.60 27.93 -8.31
N HIS A 436 12.36 29.16 -8.78
CA HIS A 436 12.51 30.35 -7.95
C HIS A 436 11.15 30.70 -7.35
N LEU A 437 11.00 30.43 -6.05
CA LEU A 437 9.69 30.48 -5.39
C LEU A 437 9.23 31.89 -5.03
N LYS A 438 10.17 32.79 -4.70
CA LYS A 438 9.83 34.10 -4.13
C LYS A 438 10.51 35.20 -4.90
N PRO A 439 10.12 35.43 -6.16
CA PRO A 439 10.67 36.59 -6.88
C PRO A 439 10.26 37.89 -6.21
N LEU A 440 11.15 38.86 -6.25
CA LEU A 440 10.82 40.22 -5.94
C LEU A 440 10.34 40.99 -7.17
N SER A 441 10.49 40.42 -8.37
CA SER A 441 9.96 41.10 -9.55
C SER A 441 8.44 41.08 -9.54
N ARG A 442 7.84 42.10 -10.15
CA ARG A 442 6.38 42.21 -10.24
C ARG A 442 6.00 42.57 -11.67
N GLY A 443 4.99 41.88 -12.22
CA GLY A 443 4.54 42.11 -13.57
C GLY A 443 3.16 42.73 -13.63
N THR A 444 2.57 42.73 -14.84
CA THR A 444 1.25 43.33 -15.02
C THR A 444 0.44 42.49 -15.99
N VAL A 445 -0.89 42.50 -15.82
CA VAL A 445 -1.82 41.92 -16.78
CA VAL A 445 -1.85 41.90 -16.75
C VAL A 445 -2.95 42.93 -17.01
N ASN A 446 -3.02 43.45 -18.25
CA ASN A 446 -3.90 44.57 -18.60
C ASN A 446 -4.65 44.31 -19.91
N ILE A 447 -5.96 44.60 -19.93
CA ILE A 447 -6.71 44.53 -21.17
C ILE A 447 -6.16 45.53 -22.17
N ARG A 448 -6.18 45.14 -23.45
CA ARG A 448 -5.77 45.95 -24.59
C ARG A 448 -6.94 46.65 -25.28
N SER A 449 -8.17 46.16 -25.06
CA SER A 449 -9.36 46.67 -25.72
C SER A 449 -10.58 46.33 -24.87
N THR A 450 -11.74 46.74 -25.34
CA THR A 450 -13.02 46.39 -24.76
C THR A 450 -13.55 45.07 -25.32
N ASN A 451 -12.81 44.44 -26.23
CA ASN A 451 -13.30 43.21 -26.83
C ASN A 451 -13.04 42.08 -25.84
N PRO A 452 -14.10 41.47 -25.29
CA PRO A 452 -13.89 40.37 -24.34
C PRO A 452 -13.15 39.19 -24.93
N LEU A 453 -13.09 39.06 -26.24
CA LEU A 453 -12.37 37.95 -26.84
C LEU A 453 -10.88 38.23 -27.00
N ASP A 454 -10.41 39.45 -26.73
CA ASP A 454 -9.00 39.78 -26.89
C ASP A 454 -8.18 39.36 -25.68
N ALA A 455 -7.03 38.74 -25.95
CA ALA A 455 -6.09 38.43 -24.89
C ALA A 455 -5.63 39.71 -24.21
N PRO A 456 -5.42 39.69 -22.90
CA PRO A 456 -4.76 40.82 -22.25
C PRO A 456 -3.27 40.86 -22.56
N GLU A 457 -2.69 42.04 -22.34
CA GLU A 457 -1.25 42.19 -22.35
C GLU A 457 -0.67 41.60 -21.08
N ILE A 458 0.24 40.64 -21.22
CA ILE A 458 0.79 39.93 -20.05
C ILE A 458 2.29 40.16 -20.07
N ASP A 459 2.78 40.86 -19.06
CA ASP A 459 4.19 41.23 -18.95
C ASP A 459 4.64 40.72 -17.59
N TYR A 460 5.37 39.59 -17.57
CA TYR A 460 5.81 39.00 -16.31
C TYR A 460 6.87 39.84 -15.62
N ARG A 461 7.72 40.54 -16.39
CA ARG A 461 8.80 41.38 -15.84
C ARG A 461 9.76 40.55 -14.99
N THR A 462 9.86 39.25 -15.32
CA THR A 462 10.80 38.35 -14.67
C THR A 462 12.20 38.94 -14.74
N GLY A 463 12.95 38.77 -13.66
CA GLY A 463 14.30 39.25 -13.64
C GLY A 463 14.47 40.75 -13.67
N THR A 464 13.39 41.55 -13.68
CA THR A 464 13.60 43.00 -13.72
C THR A 464 14.15 43.52 -12.39
N ASP A 465 13.82 42.88 -11.27
CA ASP A 465 14.43 43.24 -10.01
C ASP A 465 15.73 42.48 -9.89
N PRO A 466 16.87 43.16 -9.80
CA PRO A 466 18.17 42.46 -9.94
C PRO A 466 18.49 41.51 -8.79
N ILE A 467 17.81 41.64 -7.65
CA ILE A 467 18.05 40.69 -6.56
C ILE A 467 17.64 39.29 -6.98
N ASP A 468 16.58 39.18 -7.78
CA ASP A 468 16.08 37.86 -8.18
C ASP A 468 17.20 37.03 -8.82
N ALA A 469 18.03 37.67 -9.65
CA ALA A 469 19.12 36.94 -10.28
C ALA A 469 20.13 36.49 -9.25
N GLN A 470 20.28 37.25 -8.16
CA GLN A 470 21.24 36.81 -7.16
C GLN A 470 20.70 35.61 -6.40
N VAL A 471 19.42 35.65 -6.04
CA VAL A 471 18.80 34.48 -5.41
C VAL A 471 18.88 33.28 -6.33
N TYR A 472 18.52 33.48 -7.61
CA TYR A 472 18.43 32.37 -8.53
C TYR A 472 19.79 31.74 -8.79
N THR A 473 20.84 32.56 -8.88
CA THR A 473 22.17 32.01 -9.14
C THR A 473 22.59 31.14 -7.99
N SER A 474 22.29 31.54 -6.75
CA SER A 474 22.62 30.70 -5.61
CA SER A 474 22.64 30.70 -5.62
C SER A 474 21.86 29.38 -5.69
N LEU A 475 20.58 29.43 -6.08
CA LEU A 475 19.80 28.21 -6.24
C LEU A 475 20.43 27.30 -7.28
N PHE A 476 20.88 27.88 -8.39
CA PHE A 476 21.65 27.09 -9.36
C PHE A 476 22.87 26.41 -8.71
N ARG A 477 23.67 27.15 -7.93
CA ARG A 477 24.88 26.54 -7.40
C ARG A 477 24.57 25.43 -6.40
N LYS A 478 23.47 25.54 -5.65
CA LYS A 478 23.18 24.46 -4.72
C LYS A 478 22.79 23.19 -5.49
N ASN A 479 21.96 23.32 -6.55
CA ASN A 479 21.72 22.19 -7.44
C ASN A 479 23.02 21.58 -7.96
N ARG A 480 24.00 22.41 -8.30
CA ARG A 480 25.27 21.90 -8.79
C ARG A 480 25.98 21.09 -7.71
N GLU A 481 25.84 21.49 -6.43
CA GLU A 481 26.42 20.71 -5.33
C GLU A 481 25.80 19.33 -5.25
N ILE A 482 24.48 19.23 -5.43
CA ILE A 482 23.80 17.93 -5.39
C ILE A 482 24.41 17.01 -6.44
N PHE A 483 24.52 17.49 -7.68
CA PHE A 483 24.99 16.61 -8.73
C PHE A 483 26.46 16.22 -8.57
N ASN A 484 27.24 17.03 -7.87
CA ASN A 484 28.65 16.71 -7.64
C ASN A 484 28.90 15.94 -6.35
N ALA A 485 27.88 15.76 -5.53
CA ALA A 485 28.04 15.02 -4.29
C ALA A 485 28.35 13.56 -4.57
N PRO A 486 28.95 12.86 -3.60
CA PRO A 486 29.33 11.46 -3.84
C PRO A 486 28.22 10.57 -4.38
N SER A 487 27.00 10.65 -3.85
CA SER A 487 25.99 9.69 -4.26
C SER A 487 25.48 9.92 -5.67
N MET A 488 25.64 11.11 -6.24
CA MET A 488 25.27 11.34 -7.64
C MET A 488 26.43 11.10 -8.59
N ARG A 489 27.63 11.44 -8.15
CA ARG A 489 28.83 11.31 -8.95
C ARG A 489 29.06 9.87 -9.39
N VAL A 490 28.52 8.88 -8.68
CA VAL A 490 28.62 7.48 -9.12
C VAL A 490 27.85 7.25 -10.43
N LEU A 491 26.87 8.10 -10.75
CA LEU A 491 26.14 8.00 -12.00
C LEU A 491 26.80 8.76 -13.13
N GLY A 492 27.89 9.46 -12.84
CA GLY A 492 28.66 10.18 -13.83
C GLY A 492 27.93 11.29 -14.57
N PRO A 493 27.24 12.18 -13.86
CA PRO A 493 26.58 13.30 -14.54
C PRO A 493 27.51 14.44 -14.97
N SER A 494 27.12 15.13 -16.02
CA SER A 494 27.79 16.35 -16.41
CA SER A 494 27.80 16.32 -16.48
C SER A 494 26.76 17.31 -17.00
N GLU A 495 26.90 18.58 -16.65
CA GLU A 495 26.05 19.58 -17.28
C GLU A 495 26.35 19.60 -18.77
N ALA A 496 25.30 19.66 -19.59
CA ALA A 496 25.42 19.79 -21.04
C ALA A 496 25.29 21.26 -21.40
N ALA A 497 25.91 21.64 -22.51
CA ALA A 497 25.59 22.90 -23.16
C ALA A 497 24.08 23.17 -23.21
N PRO A 498 23.64 24.41 -23.02
CA PRO A 498 24.45 25.62 -22.85
C PRO A 498 25.02 25.89 -21.45
N PHE A 499 24.88 24.97 -20.50
CA PHE A 499 25.53 25.05 -19.20
C PHE A 499 26.86 24.27 -19.26
N GLY A 500 27.38 23.83 -18.13
CA GLY A 500 28.59 23.03 -18.11
C GLY A 500 29.50 23.49 -16.99
N ALA A 501 30.40 22.59 -16.57
CA ALA A 501 31.30 22.90 -15.47
C ALA A 501 32.29 24.02 -15.81
N ASN A 502 32.40 24.40 -17.07
CA ASN A 502 33.31 25.49 -17.43
C ASN A 502 32.72 26.86 -17.16
N LEU A 503 31.42 26.96 -16.88
CA LEU A 503 30.82 28.19 -16.33
C LEU A 503 31.02 28.16 -14.83
N THR A 504 31.96 28.97 -14.31
CA THR A 504 32.20 29.03 -12.87
C THR A 504 31.87 30.38 -12.23
N THR A 505 31.86 31.48 -12.97
CA THR A 505 31.54 32.75 -12.30
C THR A 505 30.03 32.97 -12.33
N ASP A 506 29.55 33.83 -11.40
CA ASP A 506 28.14 34.20 -11.38
C ASP A 506 27.71 34.72 -12.74
N GLU A 507 28.52 35.60 -13.31
CA GLU A 507 28.17 36.22 -14.59
C GLU A 507 28.04 35.16 -15.68
N GLU A 508 29.01 34.24 -15.75
CA GLU A 508 28.94 33.16 -16.73
C GLU A 508 27.67 32.34 -16.57
N ILE A 509 27.36 31.96 -15.32
CA ILE A 509 26.18 31.12 -15.08
C ILE A 509 24.90 31.89 -15.38
N TYR A 510 24.80 33.14 -14.92
CA TYR A 510 23.51 33.82 -15.07
C TYR A 510 23.28 34.29 -16.49
N ALA A 511 24.34 34.50 -17.26
CA ALA A 511 24.16 34.82 -18.67
C ALA A 511 23.37 33.73 -19.35
N VAL A 512 23.77 32.47 -19.14
CA VAL A 512 22.98 31.35 -19.68
C VAL A 512 21.59 31.35 -19.07
N MET A 513 21.50 31.57 -17.75
CA MET A 513 20.17 31.51 -17.12
C MET A 513 19.23 32.55 -17.71
N ARG A 514 19.72 33.77 -17.96
CA ARG A 514 18.91 34.83 -18.56
C ARG A 514 18.28 34.39 -19.89
N GLU A 515 18.95 33.47 -20.60
CA GLU A 515 18.44 32.96 -21.87
C GLU A 515 17.50 31.79 -21.69
N LEU A 516 17.64 31.02 -20.61
CA LEU A 516 16.86 29.80 -20.44
C LEU A 516 15.69 29.91 -19.48
N ILE A 517 15.69 30.87 -18.53
CA ILE A 517 14.64 30.89 -17.52
C ILE A 517 13.28 31.04 -18.18
N ASN A 518 12.28 30.19 -17.73
CA ASN A 518 10.92 30.52 -18.13
C ASN A 518 10.30 31.44 -17.09
N PRO A 519 9.64 32.53 -17.47
CA PRO A 519 8.94 33.39 -16.50
C PRO A 519 7.98 32.68 -15.53
N SER A 520 7.47 31.52 -15.91
CA SER A 520 6.20 31.05 -15.37
C SER A 520 6.19 29.54 -15.22
N ASN A 521 5.73 29.08 -14.05
CA ASN A 521 5.38 27.68 -13.83
C ASN A 521 3.89 27.41 -14.06
N ALA A 522 3.16 28.37 -14.66
CA ALA A 522 1.70 28.42 -14.68
C ALA A 522 1.13 28.64 -13.27
N HIS A 523 1.88 29.36 -12.44
CA HIS A 523 1.46 29.74 -11.09
C HIS A 523 1.03 31.18 -10.99
N GLN A 524 0.37 31.75 -12.00
CA GLN A 524 0.13 33.19 -12.01
C GLN A 524 -0.79 33.56 -10.85
N CYS A 525 -0.43 34.60 -10.10
CA CYS A 525 -1.19 35.02 -8.92
C CYS A 525 -1.18 36.54 -8.74
N CYS A 526 -1.97 37.02 -7.78
CA CYS A 526 -1.70 38.24 -7.05
C CYS A 526 -2.09 39.51 -7.81
N THR A 527 -2.93 39.38 -8.84
CA THR A 527 -3.28 40.48 -9.72
C THR A 527 -4.58 41.17 -9.31
N ALA A 528 -5.17 40.77 -8.18
CA ALA A 528 -6.31 41.46 -7.53
C ALA A 528 -6.12 41.34 -6.02
N ALA A 529 -5.00 41.88 -5.54
CA ALA A 529 -4.40 41.41 -4.30
C ALA A 529 -5.20 41.82 -3.07
N MET A 530 -5.15 40.98 -2.03
CA MET A 530 -5.85 41.22 -0.76
C MET A 530 -4.97 42.08 0.13
N MET A 531 -5.02 43.37 -0.12
CA MET A 531 -4.26 44.33 0.67
C MET A 531 -5.17 45.52 0.91
N PRO A 532 -4.90 46.32 1.94
CA PRO A 532 -5.65 47.57 2.13
C PRO A 532 -5.68 48.40 0.86
N LYS A 533 -6.81 49.11 0.67
CA LYS A 533 -6.95 49.91 -0.54
C LYS A 533 -5.84 50.96 -0.65
N ASP A 534 -5.42 51.54 0.47
CA ASP A 534 -4.33 52.53 0.39
C ASP A 534 -2.96 51.89 0.21
N MET A 535 -2.87 50.57 0.22
CA MET A 535 -1.68 49.83 -0.20
CA MET A 535 -1.66 49.86 -0.21
C MET A 535 -1.85 49.25 -1.59
N GLY A 536 -2.75 49.80 -2.40
CA GLY A 536 -2.95 49.29 -3.74
C GLY A 536 -3.72 47.99 -3.82
N GLY A 537 -4.39 47.61 -2.72
CA GLY A 537 -5.17 46.38 -2.72
C GLY A 537 -6.45 46.49 -3.53
N VAL A 538 -6.96 45.34 -3.94
CA VAL A 538 -8.19 45.28 -4.70
C VAL A 538 -9.31 44.67 -3.88
N VAL A 539 -9.02 43.74 -2.94
CA VAL A 539 -10.04 43.16 -2.09
C VAL A 539 -9.70 43.30 -0.62
N SER A 540 -10.74 43.36 0.21
CA SER A 540 -10.60 43.43 1.65
C SER A 540 -10.17 42.09 2.18
N SER A 541 -10.07 41.97 3.50
CA SER A 541 -9.70 40.68 4.06
C SER A 541 -10.81 39.64 3.93
N GLU A 542 -12.06 40.06 3.66
CA GLU A 542 -13.14 39.12 3.36
C GLU A 542 -13.30 38.91 1.86
N GLN A 543 -12.34 39.42 1.09
CA GLN A 543 -12.19 39.23 -0.35
C GLN A 543 -13.26 39.97 -1.15
N LYS A 544 -13.85 41.00 -0.54
CA LYS A 544 -14.77 41.89 -1.22
C LYS A 544 -14.01 42.99 -1.97
N VAL A 545 -14.37 43.16 -3.24
CA VAL A 545 -13.76 44.19 -4.06
C VAL A 545 -14.10 45.55 -3.47
N TYR A 546 -13.08 46.39 -3.25
CA TYR A 546 -13.31 47.75 -2.74
C TYR A 546 -14.18 48.53 -3.69
N GLY A 547 -15.14 49.27 -3.14
CA GLY A 547 -15.92 50.21 -3.91
C GLY A 547 -17.23 49.66 -4.43
N VAL A 548 -17.46 48.34 -4.30
CA VAL A 548 -18.69 47.71 -4.80
C VAL A 548 -19.14 46.65 -3.80
N GLN A 549 -20.44 46.38 -3.80
CA GLN A 549 -21.06 45.41 -2.90
C GLN A 549 -21.40 44.15 -3.66
N GLY A 550 -21.45 43.02 -2.94
CA GLY A 550 -21.80 41.74 -3.52
C GLY A 550 -20.81 41.16 -4.52
N LEU A 551 -19.53 41.56 -4.47
CA LEU A 551 -18.54 41.12 -5.45
C LEU A 551 -17.27 40.68 -4.73
N ARG A 552 -16.81 39.44 -4.97
CA ARG A 552 -15.63 38.92 -4.30
C ARG A 552 -14.67 38.26 -5.31
N VAL A 553 -13.41 38.13 -4.91
CA VAL A 553 -12.42 37.39 -5.70
C VAL A 553 -12.00 36.17 -4.89
N ALA A 554 -12.22 34.99 -5.48
CA ALA A 554 -11.92 33.70 -4.88
C ALA A 554 -10.64 33.07 -5.39
N ASP A 555 -10.27 33.28 -6.65
CA ASP A 555 -9.08 32.64 -7.17
C ASP A 555 -7.82 33.34 -6.64
N ILE A 556 -6.64 32.79 -6.99
CA ILE A 556 -5.44 33.20 -6.28
C ILE A 556 -4.94 34.53 -6.80
N SER A 557 -5.72 35.17 -7.68
CA SER A 557 -5.54 36.59 -7.96
CA SER A 557 -5.41 36.57 -7.94
C SER A 557 -5.48 37.39 -6.67
N PHE A 558 -6.15 36.90 -5.61
CA PHE A 558 -6.22 37.68 -4.39
C PHE A 558 -4.98 37.55 -3.51
N TRP A 559 -4.06 36.62 -3.81
CA TRP A 559 -2.92 36.43 -2.93
C TRP A 559 -2.05 37.68 -2.94
N PRO A 560 -1.57 38.13 -1.78
CA PRO A 560 -0.57 39.22 -1.80
C PRO A 560 0.72 38.84 -2.51
N PHE A 561 1.30 37.69 -2.21
CA PHE A 561 2.51 37.26 -2.89
C PHE A 561 2.65 35.74 -2.82
N GLN A 562 3.67 35.23 -3.51
CA GLN A 562 3.79 33.80 -3.76
C GLN A 562 4.23 33.07 -2.50
N LEU A 563 3.81 31.80 -2.40
CA LEU A 563 4.14 30.96 -1.25
C LEU A 563 5.53 30.35 -1.40
N SER A 564 6.04 29.84 -0.28
CA SER A 564 7.13 28.87 -0.26
C SER A 564 6.52 27.52 -0.63
N GLY A 565 6.28 27.34 -1.93
CA GLY A 565 5.57 26.17 -2.43
C GLY A 565 4.66 26.51 -3.60
N SER A 566 4.20 25.46 -4.30
CA SER A 566 3.27 25.61 -5.40
CA SER A 566 3.27 25.61 -5.40
C SER A 566 1.86 25.92 -4.87
N PRO A 567 1.01 26.54 -5.71
CA PRO A 567 -0.24 27.12 -5.18
C PRO A 567 -1.42 26.18 -4.96
N MET A 568 -1.42 24.95 -5.52
CA MET A 568 -2.69 24.19 -5.60
C MET A 568 -3.32 23.96 -4.23
N ALA A 569 -2.55 23.48 -3.24
CA ALA A 569 -3.18 23.11 -1.97
C ALA A 569 -3.84 24.32 -1.32
N THR A 570 -3.19 25.49 -1.42
CA THR A 570 -3.74 26.70 -0.84
C THR A 570 -4.93 27.22 -1.65
N ALA A 571 -4.92 27.03 -2.99
CA ALA A 571 -6.09 27.39 -3.77
C ALA A 571 -7.31 26.64 -3.29
N TYR A 572 -7.17 25.36 -3.02
CA TYR A 572 -8.28 24.61 -2.43
C TYR A 572 -8.64 25.19 -1.06
N ALA A 573 -7.66 25.29 -0.18
CA ALA A 573 -8.01 25.60 1.21
C ALA A 573 -8.54 27.02 1.34
N GLY A 574 -8.05 27.93 0.49
CA GLY A 574 -8.54 29.29 0.53
C GLY A 574 -9.99 29.40 0.09
N ALA A 575 -10.38 28.63 -0.91
CA ALA A 575 -11.80 28.60 -1.27
C ALA A 575 -12.64 27.94 -0.18
N GLU A 576 -12.07 26.97 0.54
CA GLU A 576 -12.77 26.37 1.67
C GLU A 576 -13.06 27.43 2.73
N ARG A 577 -12.05 28.26 3.02
CA ARG A 577 -12.18 29.35 3.97
C ARG A 577 -13.19 30.39 3.49
N LEU A 578 -13.09 30.79 2.23
CA LEU A 578 -14.05 31.77 1.72
C LEU A 578 -15.48 31.23 1.71
N ALA A 579 -15.66 29.94 1.43
CA ALA A 579 -17.02 29.44 1.48
C ALA A 579 -17.64 29.67 2.86
N ASP A 580 -16.86 29.49 3.93
CA ASP A 580 -17.39 29.70 5.29
C ASP A 580 -17.68 31.17 5.58
N VAL A 581 -16.80 32.06 5.10
CA VAL A 581 -16.99 33.50 5.24
C VAL A 581 -18.30 33.93 4.60
N ILE A 582 -18.54 33.49 3.36
CA ILE A 582 -19.77 33.85 2.64
C ILE A 582 -21.00 33.24 3.34
N LYS A 583 -20.94 31.95 3.74
CA LYS A 583 -22.05 31.34 4.45
C LYS A 583 -22.39 32.10 5.73
N LYS A 584 -21.39 32.71 6.37
CA LYS A 584 -21.66 33.38 7.62
C LYS A 584 -22.43 34.66 7.38
N GLU A 585 -22.05 35.40 6.35
CA GLU A 585 -22.70 36.69 6.14
C GLU A 585 -24.15 36.51 5.70
N HIS A 586 -24.46 35.43 5.01
CA HIS A 586 -25.78 35.21 4.43
C HIS A 586 -26.59 34.17 5.17
N ARG A 587 -26.10 33.69 6.34
CA ARG A 587 -26.76 32.68 7.17
C ARG A 587 -27.10 31.41 6.41
N LEU A 588 -26.11 30.86 5.70
CA LEU A 588 -26.33 29.66 4.90
C LEU A 588 -25.91 28.41 5.68
N ALA A 589 -26.60 27.29 5.40
CA ALA A 589 -26.38 25.99 6.07
C ALA A 589 -25.37 25.04 5.36
N ASN B 5 14.25 -26.26 38.68
CA ASN B 5 15.47 -26.09 37.91
C ASN B 5 15.21 -25.07 36.75
N TYR B 6 14.20 -25.38 35.91
CA TYR B 6 13.48 -24.41 35.07
C TYR B 6 12.00 -24.53 35.43
N THR B 7 11.21 -23.49 35.20
CA THR B 7 9.80 -23.63 35.53
C THR B 7 9.09 -24.58 34.56
N PHE B 8 9.35 -24.44 33.24
CA PHE B 8 8.79 -25.30 32.21
C PHE B 8 9.89 -25.70 31.24
N ILE B 9 9.81 -26.91 30.72
CA ILE B 9 10.65 -27.34 29.61
C ILE B 9 9.76 -27.71 28.44
N ILE B 10 10.10 -27.18 27.25
CA ILE B 10 9.32 -27.37 26.04
C ILE B 10 10.20 -28.10 25.03
N ALA B 11 9.70 -29.25 24.53
CA ALA B 11 10.41 -30.08 23.55
C ALA B 11 9.97 -29.70 22.14
N GLY B 12 10.85 -29.04 21.41
CA GLY B 12 10.47 -28.54 20.10
C GLY B 12 10.24 -27.04 20.12
N GLY B 13 11.00 -26.34 19.28
CA GLY B 13 10.86 -24.90 19.11
C GLY B 13 10.22 -24.49 17.80
N GLY B 14 9.13 -25.16 17.42
CA GLY B 14 8.35 -24.83 16.24
C GLY B 14 7.27 -23.82 16.57
N ILE B 15 6.22 -23.78 15.74
CA ILE B 15 5.19 -22.76 15.90
C ILE B 15 4.61 -22.82 17.32
N SER B 16 4.24 -24.02 17.78
CA SER B 16 3.54 -24.16 19.05
C SER B 16 4.46 -23.89 20.24
N GLY B 17 5.66 -24.46 20.21
CA GLY B 17 6.57 -24.31 21.32
C GLY B 17 6.99 -22.88 21.53
N LEU B 18 7.35 -22.19 20.45
CA LEU B 18 7.83 -20.82 20.63
C LEU B 18 6.70 -19.89 21.04
N THR B 19 5.47 -20.09 20.50
CA THR B 19 4.32 -19.29 20.92
C THR B 19 4.05 -19.46 22.41
N LEU B 20 4.04 -20.71 22.88
CA LEU B 20 3.86 -21.02 24.29
C LEU B 20 4.99 -20.44 25.12
N ALA B 21 6.24 -20.65 24.69
CA ALA B 21 7.39 -20.16 25.46
C ALA B 21 7.35 -18.64 25.60
N ASP B 22 7.01 -17.94 24.52
CA ASP B 22 6.81 -16.49 24.55
C ASP B 22 5.77 -16.08 25.61
N ARG B 23 4.56 -16.65 25.56
CA ARG B 23 3.52 -16.22 26.47
C ARG B 23 3.86 -16.54 27.93
N LEU B 24 4.42 -17.72 28.19
CA LEU B 24 4.74 -18.12 29.56
C LEU B 24 5.79 -17.20 30.18
N THR B 25 6.75 -16.73 29.40
CA THR B 25 7.81 -15.88 29.95
C THR B 25 7.40 -14.42 30.08
N GLU B 26 6.14 -14.09 29.79
CA GLU B 26 5.58 -12.79 30.16
C GLU B 26 5.62 -12.56 31.67
N ASP B 27 5.68 -13.65 32.45
CA ASP B 27 5.89 -13.57 33.88
C ASP B 27 7.37 -13.70 34.16
N PRO B 28 8.05 -12.65 34.66
CA PRO B 28 9.49 -12.77 34.92
C PRO B 28 9.82 -13.83 35.94
N ARG B 29 8.89 -14.22 36.81
CA ARG B 29 9.21 -15.30 37.73
C ARG B 29 9.18 -16.66 37.08
N VAL B 30 8.69 -16.78 35.84
CA VAL B 30 8.57 -18.06 35.16
C VAL B 30 9.73 -18.19 34.20
N THR B 31 10.47 -19.30 34.25
CA THR B 31 11.57 -19.56 33.31
C THR B 31 11.23 -20.75 32.44
N VAL B 32 11.61 -20.67 31.15
CA VAL B 32 11.32 -21.72 30.18
C VAL B 32 12.61 -22.07 29.45
N LEU B 33 12.83 -23.37 29.24
CA LEU B 33 13.83 -23.86 28.29
C LEU B 33 13.13 -24.54 27.11
N VAL B 34 13.35 -24.01 25.92
CA VAL B 34 12.92 -24.60 24.67
C VAL B 34 14.09 -25.36 24.09
N ILE B 35 13.93 -26.67 23.95
CA ILE B 35 14.91 -27.54 23.32
C ILE B 35 14.45 -27.84 21.90
N GLU B 36 15.24 -27.43 20.91
CA GLU B 36 14.84 -27.52 19.50
C GLU B 36 15.88 -28.31 18.73
N ALA B 37 15.39 -29.25 17.92
CA ALA B 37 16.25 -30.18 17.19
C ALA B 37 17.17 -29.47 16.18
N GLY B 38 16.67 -28.48 15.47
CA GLY B 38 17.44 -27.82 14.45
C GLY B 38 18.10 -26.56 14.93
N PRO B 39 18.83 -25.91 14.05
CA PRO B 39 19.52 -24.65 14.40
C PRO B 39 18.68 -23.40 14.25
N LEU B 40 19.27 -22.26 14.62
CA LEU B 40 18.71 -20.98 14.25
C LEU B 40 18.99 -20.77 12.76
N ASP B 41 17.95 -20.38 12.00
CA ASP B 41 18.19 -19.97 10.62
C ASP B 41 19.08 -18.75 10.64
N ARG B 42 19.76 -18.53 9.52
CA ARG B 42 20.74 -17.47 9.42
C ARG B 42 20.20 -16.24 8.72
N GLY B 43 18.87 -16.09 8.66
CA GLY B 43 18.27 -14.98 7.94
C GLY B 43 18.57 -14.95 6.45
N GLU B 44 18.85 -16.13 5.86
CA GLU B 44 19.09 -16.24 4.42
C GLU B 44 17.89 -15.75 3.61
N ASP B 45 18.18 -15.28 2.38
CA ASP B 45 17.12 -14.88 1.46
C ASP B 45 16.13 -16.00 1.25
N GLY B 46 16.61 -17.25 1.22
CA GLY B 46 15.71 -18.36 0.95
C GLY B 46 14.66 -18.53 2.02
N ILE B 47 14.89 -17.96 3.20
CA ILE B 47 13.92 -17.95 4.30
C ILE B 47 13.11 -16.64 4.33
N LEU B 48 13.81 -15.50 4.26
CA LEU B 48 13.16 -14.19 4.50
C LEU B 48 12.38 -13.67 3.29
N VAL B 49 12.87 -13.85 2.07
CA VAL B 49 12.30 -13.21 0.88
C VAL B 49 11.35 -14.19 0.20
N PRO B 50 10.07 -13.83 -0.01
CA PRO B 50 9.12 -14.79 -0.60
C PRO B 50 9.56 -15.32 -1.93
N GLY B 51 10.05 -14.46 -2.82
CA GLY B 51 10.44 -14.91 -4.15
C GLY B 51 11.66 -15.82 -4.17
N ALA B 52 12.41 -15.86 -3.07
CA ALA B 52 13.61 -16.69 -2.94
C ALA B 52 13.34 -18.01 -2.22
N PHE B 53 12.08 -18.32 -1.94
CA PHE B 53 11.65 -19.46 -1.13
C PHE B 53 12.50 -20.69 -1.37
N SER B 54 13.17 -21.16 -0.32
CA SER B 54 14.04 -22.35 -0.37
C SER B 54 13.72 -23.26 0.81
N PRO B 55 12.58 -23.93 0.79
CA PRO B 55 12.15 -24.69 1.99
C PRO B 55 13.11 -25.79 2.37
N TRP B 56 13.84 -26.37 1.40
CA TRP B 56 14.65 -27.56 1.64
C TRP B 56 15.83 -27.27 2.53
N LEU B 57 16.15 -25.99 2.71
CA LEU B 57 17.22 -25.62 3.62
C LEU B 57 17.17 -26.37 4.96
N TYR B 58 15.97 -26.61 5.50
CA TYR B 58 15.79 -27.13 6.85
C TYR B 58 14.77 -28.29 6.92
N PHE B 59 14.72 -29.10 5.88
CA PHE B 59 13.99 -30.36 5.97
C PHE B 59 14.66 -31.30 6.99
N TRP B 60 13.86 -31.93 7.83
CA TRP B 60 14.40 -33.00 8.64
C TRP B 60 14.97 -34.10 7.74
N PRO B 61 16.25 -34.46 7.87
CA PRO B 61 16.87 -35.38 6.91
C PRO B 61 16.56 -36.84 7.20
N GLY B 62 16.63 -37.63 6.14
CA GLY B 62 16.50 -39.07 6.26
C GLY B 62 15.17 -39.62 6.73
N LEU B 63 14.05 -38.99 6.34
CA LEU B 63 12.72 -39.50 6.63
C LEU B 63 12.05 -39.94 5.32
N VAL B 64 11.65 -41.22 5.24
CA VAL B 64 11.02 -41.82 4.08
CA VAL B 64 10.99 -41.77 4.07
C VAL B 64 9.79 -42.60 4.53
N SER B 65 8.77 -42.65 3.68
CA SER B 65 7.62 -43.44 4.06
C SER B 65 7.83 -44.92 3.79
N THR B 66 7.04 -45.73 4.46
CA THR B 66 6.86 -47.11 4.03
C THR B 66 6.23 -47.15 2.64
N PRO B 67 6.24 -48.30 1.96
CA PRO B 67 5.39 -48.47 0.78
C PRO B 67 3.94 -48.08 1.04
N GLN B 68 3.37 -47.29 0.13
CA GLN B 68 2.02 -46.76 0.30
C GLN B 68 1.06 -47.66 -0.45
N ALA B 69 0.44 -48.57 0.28
CA ALA B 69 -0.46 -49.56 -0.32
C ALA B 69 -1.51 -48.91 -1.22
N GLY B 70 -1.99 -47.72 -0.86
CA GLY B 70 -3.02 -47.06 -1.62
C GLY B 70 -2.53 -46.22 -2.78
N LEU B 71 -1.22 -46.07 -2.92
CA LEU B 71 -0.57 -45.29 -3.97
C LEU B 71 0.41 -46.16 -4.75
N ASN B 72 -0.05 -47.36 -5.16
CA ASN B 72 0.74 -48.34 -5.92
C ASN B 72 2.05 -48.73 -5.23
N ASN B 73 2.07 -48.74 -3.90
CA ASN B 73 3.24 -49.15 -3.13
C ASN B 73 4.41 -48.19 -3.26
N ARG B 74 4.18 -46.98 -3.73
CA ARG B 74 5.26 -46.00 -3.80
C ARG B 74 5.71 -45.60 -2.40
N THR B 75 7.00 -45.34 -2.28
CA THR B 75 7.55 -44.64 -1.12
C THR B 75 7.88 -43.20 -1.51
N VAL B 76 7.72 -42.28 -0.54
CA VAL B 76 7.99 -40.86 -0.77
C VAL B 76 8.90 -40.34 0.35
N ASP B 77 9.67 -39.29 0.06
CA ASP B 77 10.38 -38.63 1.16
C ASP B 77 9.40 -37.89 2.05
N VAL B 78 9.62 -37.99 3.35
CA VAL B 78 8.78 -37.32 4.36
C VAL B 78 9.32 -35.92 4.63
N ILE B 79 8.48 -34.90 4.45
CA ILE B 79 8.85 -33.49 4.62
C ILE B 79 8.33 -32.95 5.94
N THR B 80 9.24 -32.51 6.82
CA THR B 80 8.87 -31.72 8.00
C THR B 80 10.06 -30.82 8.39
N ALA B 81 9.79 -29.79 9.20
CA ALA B 81 10.83 -28.81 9.52
C ALA B 81 11.78 -29.28 10.62
N GLN B 82 13.02 -28.81 10.57
CA GLN B 82 13.97 -29.04 11.66
C GLN B 82 14.76 -27.75 11.80
N VAL B 83 14.20 -26.79 12.52
CA VAL B 83 14.82 -25.48 12.60
C VAL B 83 14.03 -24.68 13.61
N VAL B 84 14.69 -23.78 14.33
CA VAL B 84 13.97 -22.88 15.20
C VAL B 84 12.86 -22.22 14.40
N GLY B 85 11.66 -22.21 14.96
CA GLY B 85 10.48 -21.77 14.23
C GLY B 85 9.69 -22.85 13.51
N GLY B 86 10.26 -24.02 13.35
CA GLY B 86 9.47 -25.12 12.86
C GLY B 86 8.98 -24.90 11.44
N GLY B 87 7.78 -25.39 11.17
CA GLY B 87 7.20 -25.20 9.85
C GLY B 87 7.11 -23.74 9.44
N SER B 88 6.88 -22.84 10.39
CA SER B 88 6.76 -21.44 10.00
C SER B 88 8.03 -20.93 9.32
N THR B 89 9.19 -21.52 9.64
CA THR B 89 10.44 -21.05 9.08
C THR B 89 10.54 -21.38 7.60
N ILE B 90 9.97 -22.50 7.16
CA ILE B 90 10.19 -22.93 5.79
C ILE B 90 8.89 -23.21 5.03
N ASN B 91 7.74 -22.81 5.57
CA ASN B 91 6.49 -23.10 4.87
C ASN B 91 6.19 -22.01 3.83
N ALA B 92 5.14 -22.24 3.05
CA ALA B 92 4.73 -21.33 1.97
C ALA B 92 4.00 -20.07 2.48
N MET B 93 3.93 -19.88 3.80
CA MET B 93 3.37 -18.68 4.43
CA MET B 93 3.37 -18.71 4.47
C MET B 93 1.87 -18.50 4.21
N VAL B 94 1.18 -19.51 3.68
CA VAL B 94 -0.27 -19.47 3.53
C VAL B 94 -0.93 -19.50 4.92
N TYR B 95 -1.64 -18.43 5.26
CA TYR B 95 -2.14 -18.21 6.60
C TYR B 95 -3.67 -18.18 6.53
N LEU B 96 -4.31 -19.30 6.92
CA LEU B 96 -5.77 -19.49 6.87
C LEU B 96 -6.28 -20.18 8.12
N ARG B 97 -7.41 -19.71 8.64
CA ARG B 97 -8.13 -20.44 9.69
C ARG B 97 -8.96 -21.58 9.09
N GLY B 98 -9.30 -22.56 9.93
CA GLY B 98 -10.25 -23.54 9.46
C GLY B 98 -11.67 -22.97 9.37
N ASP B 99 -12.64 -23.88 9.20
CA ASP B 99 -14.04 -23.48 9.15
C ASP B 99 -14.69 -23.61 10.54
N LYS B 100 -15.83 -22.91 10.73
CA LYS B 100 -16.49 -22.94 12.04
C LYS B 100 -16.62 -24.36 12.53
N ASP B 101 -17.19 -25.22 11.71
CA ASP B 101 -17.51 -26.53 12.25
C ASP B 101 -16.28 -27.36 12.55
N ASP B 102 -15.08 -26.97 12.10
CA ASP B 102 -13.91 -27.74 12.47
C ASP B 102 -13.75 -27.75 13.99
N TYR B 103 -13.79 -26.56 14.60
CA TYR B 103 -13.60 -26.43 16.04
C TYR B 103 -14.84 -26.88 16.82
N ASP B 104 -16.04 -26.62 16.28
CA ASP B 104 -17.24 -27.14 16.91
C ASP B 104 -17.21 -28.66 16.96
N SER B 105 -16.67 -29.29 15.91
CA SER B 105 -16.58 -30.75 15.85
C SER B 105 -15.63 -31.28 16.90
N TRP B 106 -14.49 -30.60 17.08
CA TRP B 106 -13.55 -30.99 18.13
C TRP B 106 -14.22 -30.90 19.50
N GLY B 107 -14.98 -29.84 19.74
CA GLY B 107 -15.75 -29.78 20.96
C GLY B 107 -16.66 -30.97 21.09
N ALA B 108 -17.47 -31.21 20.05
CA ALA B 108 -18.48 -32.25 20.08
C ALA B 108 -17.89 -33.65 20.32
N LEU B 109 -16.60 -33.87 20.00
CA LEU B 109 -15.97 -35.16 20.24
C LEU B 109 -15.70 -35.43 21.71
N GLY B 110 -16.07 -34.51 22.61
CA GLY B 110 -15.91 -34.70 24.04
C GLY B 110 -14.84 -33.81 24.67
N ASN B 111 -14.69 -32.59 24.13
CA ASN B 111 -13.64 -31.64 24.51
C ASN B 111 -14.29 -30.34 24.95
N PRO B 112 -14.67 -30.22 26.24
CA PRO B 112 -15.24 -28.97 26.74
C PRO B 112 -14.35 -27.76 26.45
N GLY B 113 -14.99 -26.69 26.02
CA GLY B 113 -14.33 -25.44 25.80
C GLY B 113 -13.78 -25.25 24.43
N TRP B 114 -14.06 -26.18 23.51
CA TRP B 114 -13.55 -26.12 22.14
C TRP B 114 -14.71 -25.84 21.22
N SER B 115 -14.62 -24.73 20.48
CA SER B 115 -15.63 -24.29 19.49
C SER B 115 -15.02 -23.15 18.69
N TRP B 116 -15.70 -22.80 17.59
CA TRP B 116 -15.30 -21.61 16.86
C TRP B 116 -15.35 -20.38 17.75
N ASN B 117 -16.42 -20.26 18.55
CA ASN B 117 -16.58 -19.09 19.41
C ASN B 117 -15.42 -18.95 20.41
N SER B 118 -15.03 -20.05 21.05
CA SER B 118 -13.93 -19.99 22.01
C SER B 118 -12.57 -19.80 21.32
N MET B 119 -12.39 -20.30 20.09
CA MET B 119 -11.13 -20.07 19.38
C MET B 119 -10.98 -18.62 18.90
N LEU B 120 -12.09 -17.96 18.53
CA LEU B 120 -11.98 -16.71 17.79
C LEU B 120 -11.18 -15.64 18.51
N PRO B 121 -11.28 -15.46 19.84
CA PRO B 121 -10.44 -14.46 20.51
C PRO B 121 -8.96 -14.75 20.41
N TYR B 122 -8.59 -16.03 20.40
CA TYR B 122 -7.20 -16.44 20.28
C TYR B 122 -6.66 -16.25 18.87
N PHE B 123 -7.48 -16.55 17.85
CA PHE B 123 -7.14 -16.13 16.49
C PHE B 123 -6.80 -14.66 16.47
N ILE B 124 -7.69 -13.82 17.04
CA ILE B 124 -7.50 -12.38 16.96
C ILE B 124 -6.25 -11.97 17.73
N LYS B 125 -6.05 -12.57 18.91
CA LYS B 125 -4.91 -12.23 19.74
C LYS B 125 -3.60 -12.63 19.07
N SER B 126 -3.62 -13.67 18.25
CA SER B 126 -2.38 -14.24 17.71
C SER B 126 -1.64 -13.30 16.78
N GLU B 127 -2.30 -12.25 16.27
CA GLU B 127 -1.90 -11.72 14.98
C GLU B 127 -2.08 -10.22 14.88
N THR B 128 -1.40 -9.64 13.88
CA THR B 128 -1.67 -8.28 13.38
C THR B 128 -1.82 -8.30 11.85
N PHE B 129 -3.01 -8.00 11.34
CA PHE B 129 -3.24 -7.95 9.91
C PHE B 129 -2.96 -6.55 9.35
N THR B 130 -2.17 -6.48 8.28
CA THR B 130 -1.88 -5.21 7.66
C THR B 130 -2.56 -5.16 6.29
N PRO B 131 -3.52 -4.24 6.10
CA PRO B 131 -4.26 -4.23 4.84
CA PRO B 131 -4.27 -4.22 4.84
C PRO B 131 -3.36 -3.93 3.66
N PRO B 132 -3.72 -4.42 2.47
CA PRO B 132 -2.97 -4.06 1.26
C PRO B 132 -3.29 -2.63 0.85
N SER B 133 -2.57 -2.12 -0.13
CA SER B 133 -2.88 -0.79 -0.62
C SER B 133 -4.25 -0.78 -1.31
N PRO B 134 -4.95 0.37 -1.27
CA PRO B 134 -6.30 0.42 -1.87
C PRO B 134 -6.31 0.12 -3.35
N GLU B 135 -5.30 0.57 -4.09
CA GLU B 135 -5.35 0.28 -5.52
C GLU B 135 -5.18 -1.21 -5.76
N LEU B 136 -4.37 -1.90 -4.95
CA LEU B 136 -4.21 -3.33 -5.14
C LEU B 136 -5.48 -4.09 -4.73
N ALA B 137 -6.05 -3.71 -3.59
CA ALA B 137 -7.32 -4.29 -3.15
C ALA B 137 -8.34 -4.20 -4.26
N ALA B 138 -8.54 -2.99 -4.82
CA ALA B 138 -9.53 -2.82 -5.87
C ALA B 138 -9.16 -3.61 -7.13
N ALA B 139 -7.94 -3.45 -7.62
CA ALA B 139 -7.55 -4.14 -8.86
C ALA B 139 -7.59 -5.65 -8.70
N GLY B 140 -7.15 -6.15 -7.54
CA GLY B 140 -7.00 -7.56 -7.31
C GLY B 140 -8.20 -8.29 -6.76
N ASN B 141 -9.28 -7.59 -6.42
CA ASN B 141 -10.45 -8.18 -5.73
C ASN B 141 -10.08 -8.75 -4.36
N ILE B 142 -9.21 -8.04 -3.63
CA ILE B 142 -8.85 -8.40 -2.26
C ILE B 142 -9.89 -7.81 -1.33
N THR B 143 -10.50 -8.64 -0.49
CA THR B 143 -11.42 -8.15 0.54
C THR B 143 -11.14 -8.87 1.86
N TRP B 144 -11.64 -8.30 2.95
CA TRP B 144 -11.45 -8.86 4.29
C TRP B 144 -12.49 -8.21 5.20
N ASP B 145 -12.62 -8.76 6.39
CA ASP B 145 -13.49 -8.21 7.43
C ASP B 145 -12.55 -7.84 8.59
N GLY B 146 -12.17 -6.57 8.65
CA GLY B 146 -11.20 -6.14 9.67
C GLY B 146 -11.64 -6.47 11.08
N SER B 147 -12.94 -6.57 11.30
CA SER B 147 -13.45 -6.78 12.65
C SER B 147 -13.19 -8.18 13.16
N ILE B 148 -12.77 -9.13 12.32
CA ILE B 148 -12.43 -10.46 12.80
C ILE B 148 -10.97 -10.80 12.56
N ARG B 149 -10.16 -9.83 12.18
CA ARG B 149 -8.72 -10.03 12.06
C ARG B 149 -8.02 -9.22 13.15
N GLY B 150 -6.94 -9.78 13.66
CA GLY B 150 -6.28 -9.16 14.78
C GLY B 150 -5.53 -7.90 14.36
N ARG B 151 -5.41 -6.96 15.27
CA ARG B 151 -4.66 -5.78 14.96
C ARG B 151 -3.50 -5.52 15.89
N SER B 152 -3.29 -6.34 16.94
CA SER B 152 -2.26 -6.06 17.94
CA SER B 152 -2.20 -6.03 17.86
C SER B 152 -1.34 -7.23 18.26
N GLY B 153 -1.60 -8.45 17.74
CA GLY B 153 -0.84 -9.63 18.10
C GLY B 153 0.43 -9.79 17.28
N PRO B 154 1.28 -10.78 17.69
CA PRO B 154 2.68 -10.82 17.20
C PRO B 154 2.87 -11.29 15.77
N VAL B 155 2.01 -12.20 15.29
CA VAL B 155 2.17 -12.74 13.95
C VAL B 155 1.71 -11.70 12.95
N ASN B 156 2.64 -11.19 12.12
CA ASN B 156 2.28 -10.24 11.07
C ASN B 156 1.77 -11.00 9.84
N TYR B 157 0.67 -10.50 9.27
CA TYR B 157 0.27 -11.06 7.99
C TYR B 157 -0.43 -10.01 7.16
N SER B 158 -0.32 -10.20 5.85
CA SER B 158 -0.75 -9.22 4.86
C SER B 158 -0.93 -9.97 3.54
N TYR B 159 -0.67 -9.28 2.44
CA TYR B 159 -0.62 -9.89 1.13
C TYR B 159 0.61 -9.41 0.39
N PRO B 160 1.04 -10.17 -0.64
CA PRO B 160 1.97 -9.59 -1.62
C PRO B 160 1.46 -8.27 -2.18
N ASN B 161 2.33 -7.42 -2.73
CA ASN B 161 1.87 -6.15 -3.29
C ASN B 161 1.85 -6.16 -4.82
N TYR B 162 1.79 -7.36 -5.42
CA TYR B 162 1.75 -7.58 -6.85
C TYR B 162 0.94 -8.86 -7.12
N PHE B 163 0.38 -8.98 -8.33
CA PHE B 163 -0.15 -10.26 -8.81
C PHE B 163 0.19 -10.44 -10.29
N PHE B 164 0.43 -11.67 -10.70
CA PHE B 164 0.70 -11.92 -12.12
C PHE B 164 -0.61 -11.79 -12.87
N PRO B 165 -0.58 -11.23 -14.10
CA PRO B 165 -1.84 -10.99 -14.82
C PRO B 165 -2.69 -12.23 -15.06
N GLY B 166 -2.09 -13.42 -15.21
CA GLY B 166 -2.86 -14.63 -15.44
C GLY B 166 -3.76 -15.00 -14.27
N SER B 167 -3.43 -14.53 -13.06
CA SER B 167 -4.30 -14.80 -11.93
C SER B 167 -5.66 -14.14 -12.11
N GLU B 168 -5.77 -13.16 -13.00
CA GLU B 168 -7.07 -12.58 -13.30
C GLU B 168 -7.91 -13.54 -14.12
N ASN B 169 -7.29 -14.17 -15.13
CA ASN B 169 -7.99 -15.17 -15.91
C ASN B 169 -8.50 -16.30 -15.03
N TRP B 170 -7.68 -16.69 -14.04
CA TRP B 170 -8.05 -17.82 -13.19
C TRP B 170 -9.23 -17.46 -12.29
N TRP B 171 -9.17 -16.25 -11.69
CA TRP B 171 -10.25 -15.76 -10.83
C TRP B 171 -11.61 -15.76 -11.57
N ASN B 172 -11.62 -15.25 -12.79
CA ASN B 172 -12.88 -15.14 -13.53
C ASN B 172 -13.35 -16.50 -14.00
N ALA B 173 -12.43 -17.35 -14.44
CA ALA B 173 -12.83 -18.71 -14.79
C ALA B 173 -13.36 -19.44 -13.57
N ALA B 174 -12.71 -19.31 -12.42
CA ALA B 174 -13.27 -19.91 -11.20
C ALA B 174 -14.68 -19.39 -10.95
N ASN B 175 -14.91 -18.09 -11.11
CA ASN B 175 -16.25 -17.54 -10.97
C ASN B 175 -17.22 -18.18 -11.95
N GLU B 176 -16.76 -18.44 -13.18
CA GLU B 176 -17.64 -19.00 -14.22
C GLU B 176 -18.08 -20.43 -13.90
N VAL B 177 -17.45 -21.10 -12.95
CA VAL B 177 -17.75 -22.50 -12.69
C VAL B 177 -18.07 -22.68 -11.22
N GLY B 178 -18.67 -21.66 -10.62
CA GLY B 178 -19.33 -21.84 -9.33
C GLY B 178 -18.48 -21.65 -8.10
N LEU B 179 -17.36 -20.94 -8.20
CA LEU B 179 -16.51 -20.62 -7.06
C LEU B 179 -16.53 -19.11 -6.96
N PRO B 180 -17.45 -18.53 -6.18
CA PRO B 180 -17.60 -17.07 -6.15
C PRO B 180 -16.55 -16.42 -5.27
N PRO B 181 -16.42 -15.08 -5.31
CA PRO B 181 -15.49 -14.41 -4.39
C PRO B 181 -15.97 -14.61 -2.97
N VAL B 182 -15.02 -14.85 -2.06
CA VAL B 182 -15.31 -15.03 -0.64
C VAL B 182 -14.95 -13.74 0.10
N LYS B 183 -15.88 -13.19 0.89
CA LYS B 183 -15.61 -11.90 1.53
C LYS B 183 -14.40 -11.96 2.44
N ASP B 184 -14.33 -12.96 3.30
CA ASP B 184 -13.15 -13.14 4.13
C ASP B 184 -13.03 -14.59 4.55
N PRO B 185 -12.01 -15.30 4.06
CA PRO B 185 -11.88 -16.75 4.38
C PRO B 185 -11.50 -17.02 5.80
N MET B 186 -11.16 -15.98 6.57
CA MET B 186 -10.87 -16.05 8.00
C MET B 186 -12.12 -15.92 8.86
N ALA B 187 -13.29 -15.77 8.24
CA ALA B 187 -14.53 -15.57 8.97
C ALA B 187 -15.24 -16.89 9.33
N GLY B 188 -14.59 -18.05 9.12
CA GLY B 188 -15.21 -19.32 9.46
C GLY B 188 -15.80 -20.09 8.29
N SER B 189 -15.80 -19.53 7.10
CA SER B 189 -16.19 -20.24 5.88
C SER B 189 -15.33 -19.70 4.77
N LYS B 190 -15.19 -20.47 3.69
CA LYS B 190 -14.34 -20.05 2.57
C LYS B 190 -14.73 -20.72 1.26
N GLN B 191 -16.02 -20.62 0.90
CA GLN B 191 -16.57 -21.32 -0.27
C GLN B 191 -16.41 -20.44 -1.52
N GLY B 192 -15.39 -20.72 -2.32
CA GLY B 192 -15.07 -19.94 -3.51
C GLY B 192 -13.61 -19.50 -3.51
N VAL B 193 -13.34 -18.37 -4.16
CA VAL B 193 -11.97 -17.89 -4.33
C VAL B 193 -11.76 -16.63 -3.52
N PHE B 194 -10.49 -16.39 -3.20
CA PHE B 194 -10.07 -15.30 -2.34
C PHE B 194 -8.57 -15.17 -2.45
N TRP B 195 -8.05 -14.00 -2.10
CA TRP B 195 -6.61 -13.85 -2.02
C TRP B 195 -6.07 -14.64 -0.86
N ILE B 196 -4.91 -15.26 -1.05
CA ILE B 196 -4.22 -15.96 0.01
C ILE B 196 -3.63 -15.00 1.05
N PRO B 197 -4.05 -15.05 2.29
CA PRO B 197 -3.34 -14.25 3.30
C PRO B 197 -2.00 -14.88 3.60
N SER B 198 -0.97 -14.04 3.71
CA SER B 198 0.40 -14.50 3.74
C SER B 198 1.11 -13.95 4.96
N ALA B 199 1.78 -14.85 5.71
CA ALA B 199 2.44 -14.51 6.98
C ALA B 199 3.73 -13.74 6.72
N ILE B 200 3.54 -12.56 6.14
CA ILE B 200 4.62 -11.68 5.71
C ILE B 200 4.50 -10.36 6.46
N ASP B 201 5.63 -9.83 6.92
CA ASP B 201 5.68 -8.50 7.57
C ASP B 201 5.73 -7.46 6.45
N ALA B 202 4.65 -6.69 6.28
CA ALA B 202 4.55 -5.76 5.13
C ALA B 202 5.55 -4.61 5.19
N ARG B 203 6.19 -4.36 6.34
CA ARG B 203 7.15 -3.26 6.38
C ARG B 203 8.44 -3.58 5.64
N THR B 204 8.84 -4.83 5.65
CA THR B 204 10.07 -5.21 4.96
C THR B 204 9.81 -6.25 3.87
N MET B 205 8.54 -6.68 3.73
CA MET B 205 8.13 -7.75 2.83
CA MET B 205 8.18 -7.72 2.79
C MET B 205 9.04 -8.97 3.02
N THR B 206 9.08 -9.43 4.27
CA THR B 206 9.81 -10.62 4.66
C THR B 206 8.95 -11.53 5.54
N ARG B 207 9.30 -12.81 5.53
CA ARG B 207 8.61 -13.80 6.35
C ARG B 207 8.48 -13.35 7.80
N SER B 208 7.28 -13.48 8.34
CA SER B 208 7.09 -13.37 9.78
C SER B 208 6.92 -14.79 10.34
N HIS B 209 8.05 -15.46 10.59
CA HIS B 209 7.97 -16.80 11.17
C HIS B 209 8.05 -16.74 12.71
N ALA B 210 7.81 -17.90 13.35
CA ALA B 210 7.72 -17.92 14.80
C ALA B 210 9.06 -17.60 15.46
N ARG B 211 10.18 -17.86 14.76
CA ARG B 211 11.49 -17.45 15.25
CA ARG B 211 11.45 -17.46 15.32
C ARG B 211 11.53 -15.94 15.46
N ARG B 212 10.83 -15.19 14.61
CA ARG B 212 10.85 -13.75 14.77
C ARG B 212 9.74 -13.23 15.69
N ASN B 213 8.49 -13.65 15.45
CA ASN B 213 7.40 -13.02 16.15
C ASN B 213 7.20 -13.60 17.54
N HIS B 214 7.82 -14.74 17.84
CA HIS B 214 7.67 -15.37 19.15
C HIS B 214 9.01 -15.77 19.79
N TYR B 215 10.13 -15.35 19.22
CA TYR B 215 11.40 -15.42 19.95
C TYR B 215 12.21 -14.13 19.82
N ASP B 216 12.62 -13.75 18.59
CA ASP B 216 13.40 -12.52 18.41
C ASP B 216 12.74 -11.34 19.08
N ARG B 217 11.42 -11.25 18.92
CA ARG B 217 10.64 -10.12 19.42
C ARG B 217 10.78 -9.93 20.93
N VAL B 218 11.05 -11.01 21.67
CA VAL B 218 11.08 -11.02 23.13
C VAL B 218 12.39 -11.58 23.69
N SER B 219 13.43 -11.68 22.85
CA SER B 219 14.65 -12.39 23.20
C SER B 219 15.55 -11.62 24.16
N SER B 220 15.15 -10.40 24.54
CA SER B 220 15.83 -9.75 25.65
C SER B 220 15.46 -10.35 27.01
N ARG B 221 14.40 -11.14 27.10
CA ARG B 221 13.99 -11.73 28.38
C ARG B 221 15.04 -12.72 28.86
N PRO B 222 15.65 -12.54 30.04
CA PRO B 222 16.61 -13.56 30.53
C PRO B 222 15.95 -14.87 30.94
N ASN B 223 14.63 -14.90 31.15
CA ASN B 223 13.94 -16.12 31.58
C ASN B 223 13.48 -16.98 30.41
N TYR B 224 13.64 -16.52 29.17
CA TYR B 224 13.26 -17.28 27.99
C TYR B 224 14.51 -17.91 27.40
N HIS B 225 14.76 -19.19 27.71
CA HIS B 225 15.99 -19.88 27.28
C HIS B 225 15.70 -20.76 26.08
N ILE B 226 16.62 -20.81 25.12
CA ILE B 226 16.54 -21.74 23.99
C ILE B 226 17.84 -22.51 23.88
N LEU B 227 17.72 -23.75 23.41
CA LEU B 227 18.85 -24.63 23.14
C LEU B 227 18.61 -25.26 21.76
N PRO B 228 19.13 -24.65 20.69
CA PRO B 228 19.02 -25.26 19.35
C PRO B 228 19.89 -26.49 19.22
N SER B 229 19.65 -27.23 18.15
CA SER B 229 20.52 -28.32 17.75
C SER B 229 20.59 -29.45 18.77
N HIS B 230 19.52 -29.65 19.56
CA HIS B 230 19.47 -30.76 20.51
C HIS B 230 18.09 -31.42 20.46
N LEU B 231 18.10 -32.77 20.61
CA LEU B 231 16.89 -33.61 20.62
C LEU B 231 16.47 -34.01 22.03
N VAL B 232 15.22 -33.74 22.37
CA VAL B 232 14.64 -34.40 23.54
C VAL B 232 14.48 -35.89 23.21
N SER B 233 15.17 -36.72 23.98
CA SER B 233 15.17 -38.16 23.75
C SER B 233 14.29 -38.95 24.71
N LYS B 234 13.90 -38.37 25.85
CA LYS B 234 13.08 -39.08 26.81
C LYS B 234 12.48 -38.07 27.77
N ILE B 235 11.28 -38.37 28.30
CA ILE B 235 10.72 -37.68 29.47
C ILE B 235 11.15 -38.45 30.72
N LEU B 236 11.38 -37.72 31.82
CA LEU B 236 11.82 -38.30 33.09
C LEU B 236 10.70 -38.16 34.11
N PHE B 237 10.54 -39.19 34.93
CA PHE B 237 9.37 -39.31 35.79
C PHE B 237 9.80 -39.60 37.21
N ARG B 238 9.08 -39.01 38.15
CA ARG B 238 9.05 -39.48 39.53
C ARG B 238 7.68 -40.12 39.68
N GLY B 239 7.64 -41.44 39.60
CA GLY B 239 6.36 -42.11 39.49
C GLY B 239 5.67 -41.78 38.18
N LYS B 240 4.50 -41.14 38.27
CA LYS B 240 3.71 -40.72 37.11
C LYS B 240 3.74 -39.21 36.95
N GLN B 241 4.70 -38.53 37.60
CA GLN B 241 4.92 -37.09 37.44
C GLN B 241 6.08 -36.88 36.48
N ALA B 242 5.79 -36.21 35.36
CA ALA B 242 6.83 -35.76 34.45
C ALA B 242 7.63 -34.65 35.12
N ILE B 243 8.91 -34.89 35.35
CA ILE B 243 9.74 -33.98 36.14
C ILE B 243 10.86 -33.34 35.33
N GLY B 244 11.22 -33.92 34.18
CA GLY B 244 12.29 -33.38 33.37
C GLY B 244 12.38 -34.09 32.03
N VAL B 245 13.45 -33.79 31.29
CA VAL B 245 13.72 -34.53 30.06
C VAL B 245 15.20 -34.87 30.00
N SER B 246 15.51 -35.86 29.18
CA SER B 246 16.86 -36.13 28.72
C SER B 246 17.01 -35.56 27.32
N TYR B 247 18.17 -34.97 27.02
CA TYR B 247 18.43 -34.53 25.66
C TYR B 247 19.84 -34.91 25.20
N ILE B 248 19.99 -35.01 23.87
CA ILE B 248 21.24 -35.33 23.20
C ILE B 248 21.49 -34.31 22.10
N PRO B 249 22.72 -34.21 21.60
CA PRO B 249 22.94 -33.39 20.39
C PRO B 249 22.27 -34.05 19.19
N THR B 250 21.75 -33.21 18.28
CA THR B 250 21.01 -33.71 17.12
C THR B 250 21.93 -34.50 16.18
N SER B 251 23.17 -34.09 16.07
CA SER B 251 24.19 -34.83 15.36
C SER B 251 24.65 -36.12 16.13
N GLY B 252 24.04 -36.41 17.28
N GLY B 252 24.00 -36.48 17.23
CA GLY B 252 24.16 -37.67 18.00
CA GLY B 252 24.45 -37.64 17.93
C GLY B 252 25.53 -38.16 18.43
C GLY B 252 25.75 -37.38 18.67
N GLY B 253 26.01 -37.72 19.61
N GLY B 253 26.36 -38.47 19.10
CA GLY B 253 27.21 -38.24 20.22
CA GLY B 253 27.42 -38.47 20.07
C GLY B 253 26.93 -39.15 21.40
C GLY B 253 27.04 -39.32 21.28
N ASN B 254 27.97 -39.36 22.22
CA ASN B 254 27.87 -40.21 23.41
C ASN B 254 27.27 -39.48 24.61
N THR B 255 26.80 -38.24 24.44
CA THR B 255 26.34 -37.42 25.53
C THR B 255 24.84 -37.51 25.70
N THR B 256 24.38 -37.63 26.96
CA THR B 256 22.98 -37.41 27.32
C THR B 256 22.99 -36.49 28.52
N THR B 257 21.97 -35.65 28.62
CA THR B 257 21.93 -34.64 29.65
C THR B 257 20.51 -34.58 30.19
N ASN B 258 20.37 -34.60 31.51
CA ASN B 258 19.05 -34.48 32.13
C ASN B 258 18.87 -33.08 32.66
N VAL B 259 17.66 -32.57 32.48
CA VAL B 259 17.31 -31.23 32.94
C VAL B 259 15.86 -31.27 33.42
N TYR B 260 15.52 -30.50 34.44
CA TYR B 260 14.27 -30.67 35.18
C TYR B 260 13.40 -29.43 35.25
N ALA B 261 12.09 -29.65 35.27
CA ALA B 261 11.14 -28.55 35.37
C ALA B 261 10.39 -28.70 36.67
N SER B 262 10.04 -27.57 37.29
CA SER B 262 9.33 -27.59 38.55
C SER B 262 7.81 -27.62 38.39
N LYS B 263 7.29 -27.16 37.26
CA LYS B 263 5.85 -27.18 37.00
C LYS B 263 5.50 -28.22 35.95
N GLU B 264 5.84 -28.00 34.66
CA GLU B 264 5.44 -28.98 33.64
C GLU B 264 6.47 -29.19 32.55
N ILE B 265 6.30 -30.30 31.84
CA ILE B 265 6.93 -30.60 30.56
C ILE B 265 5.89 -30.42 29.45
N THR B 266 6.24 -29.72 28.37
CA THR B 266 5.35 -29.58 27.20
C THR B 266 6.01 -30.16 25.96
N LEU B 267 5.31 -31.07 25.30
CA LEU B 267 5.76 -31.61 24.02
C LEU B 267 5.24 -30.70 22.91
N ALA B 268 6.15 -30.23 22.06
CA ALA B 268 5.84 -29.35 20.94
C ALA B 268 6.65 -29.76 19.72
N ALA B 269 6.85 -31.09 19.58
CA ALA B 269 7.78 -31.65 18.59
C ALA B 269 7.10 -32.10 17.31
N GLY B 270 5.85 -31.76 17.09
CA GLY B 270 5.25 -31.99 15.79
C GLY B 270 4.55 -33.33 15.71
N GLY B 271 3.67 -33.42 14.72
CA GLY B 271 2.94 -34.66 14.48
C GLY B 271 3.83 -35.88 14.33
N LEU B 272 5.05 -35.70 13.78
CA LEU B 272 5.98 -36.82 13.61
C LEU B 272 7.08 -36.88 14.68
N GLY B 273 7.11 -35.95 15.63
CA GLY B 273 8.15 -35.96 16.63
C GLY B 273 7.60 -36.24 18.01
N THR B 274 6.43 -35.67 18.28
CA THR B 274 5.83 -35.84 19.61
C THR B 274 5.47 -37.30 19.92
N PRO B 275 4.82 -38.08 19.03
CA PRO B 275 4.56 -39.49 19.38
C PRO B 275 5.83 -40.23 19.71
N LYS B 276 6.95 -39.85 19.09
CA LYS B 276 8.17 -40.61 19.32
C LYS B 276 8.74 -40.35 20.70
N ILE B 277 8.76 -39.09 21.12
CA ILE B 277 9.10 -38.79 22.52
C ILE B 277 8.21 -39.59 23.46
N LEU B 278 6.91 -39.57 23.23
CA LEU B 278 6.00 -40.32 24.10
C LEU B 278 6.35 -41.80 24.16
N GLN B 279 6.43 -42.45 22.99
CA GLN B 279 6.66 -43.89 22.94
C GLN B 279 7.99 -44.24 23.59
N LEU B 280 9.05 -43.46 23.29
CA LEU B 280 10.35 -43.71 23.90
C LEU B 280 10.29 -43.60 25.42
N SER B 281 9.37 -42.79 25.94
CA SER B 281 9.27 -42.56 27.37
C SER B 281 8.30 -43.54 28.05
N GLY B 282 7.84 -44.57 27.32
CA GLY B 282 6.89 -45.53 27.86
C GLY B 282 5.43 -45.07 27.87
N ILE B 283 5.08 -44.09 27.06
CA ILE B 283 3.69 -43.66 26.90
C ILE B 283 3.26 -44.07 25.49
N GLY B 284 2.39 -45.06 25.39
CA GLY B 284 1.96 -45.52 24.10
C GLY B 284 1.31 -46.87 24.19
N PRO B 285 1.23 -47.55 23.05
CA PRO B 285 0.57 -48.87 23.01
C PRO B 285 1.46 -49.89 23.68
N ARG B 286 0.89 -50.67 24.60
CA ARG B 286 1.72 -51.63 25.33
C ARG B 286 2.26 -52.71 24.39
N LYS B 287 1.52 -53.10 23.36
CA LYS B 287 2.05 -54.08 22.43
C LYS B 287 3.39 -53.62 21.85
N LEU B 288 3.45 -52.37 21.38
CA LEU B 288 4.69 -51.88 20.77
C LEU B 288 5.76 -51.63 21.84
N LEU B 289 5.36 -51.10 23.00
CA LEU B 289 6.35 -50.82 24.03
C LEU B 289 6.95 -52.12 24.58
N ASN B 290 6.11 -53.16 24.81
CA ASN B 290 6.61 -54.49 25.18
C ASN B 290 7.58 -55.04 24.13
N GLU B 291 7.17 -55.10 22.86
CA GLU B 291 8.05 -55.64 21.81
C GLU B 291 9.44 -55.03 21.82
N LEU B 292 9.59 -53.80 22.29
CA LEU B 292 10.87 -53.10 22.28
C LEU B 292 11.53 -53.08 23.65
N GLY B 293 10.89 -53.66 24.67
CA GLY B 293 11.43 -53.68 26.00
C GLY B 293 11.37 -52.36 26.73
N ILE B 294 10.55 -51.42 26.26
CA ILE B 294 10.35 -50.14 26.93
C ILE B 294 9.32 -50.33 28.05
N PRO B 295 9.66 -50.04 29.31
CA PRO B 295 8.66 -50.11 30.39
C PRO B 295 7.45 -49.19 30.15
N VAL B 296 6.26 -49.75 30.34
CA VAL B 296 5.03 -49.01 30.16
C VAL B 296 4.75 -48.09 31.35
N ILE B 297 4.61 -46.79 31.07
CA ILE B 297 4.26 -45.82 32.07
C ILE B 297 2.81 -45.36 31.93
N SER B 298 2.29 -45.29 30.71
CA SER B 298 0.86 -45.07 30.54
C SER B 298 0.49 -45.74 29.23
N ASP B 299 -0.37 -46.76 29.31
CA ASP B 299 -0.69 -47.58 28.14
C ASP B 299 -1.73 -46.82 27.33
N LEU B 300 -1.28 -46.10 26.30
CA LEU B 300 -2.17 -45.29 25.45
C LEU B 300 -2.07 -45.79 24.00
N PRO B 301 -2.98 -46.66 23.54
CA PRO B 301 -2.87 -47.18 22.17
C PRO B 301 -3.02 -46.11 21.08
N GLY B 302 -3.50 -44.90 21.41
CA GLY B 302 -3.60 -43.86 20.37
C GLY B 302 -2.30 -43.12 20.02
N VAL B 303 -1.24 -43.24 20.83
CA VAL B 303 0.01 -42.55 20.53
C VAL B 303 0.56 -43.14 19.24
N GLY B 304 0.68 -42.29 18.19
CA GLY B 304 1.20 -42.76 16.93
C GLY B 304 0.12 -43.24 15.99
N GLN B 305 -1.11 -43.30 16.46
CA GLN B 305 -2.22 -43.66 15.60
C GLN B 305 -2.79 -42.39 14.95
N ASN B 306 -3.76 -42.57 14.05
CA ASN B 306 -4.58 -41.47 13.61
C ASN B 306 -3.80 -40.42 12.83
N LEU B 307 -2.64 -40.77 12.27
CA LEU B 307 -1.87 -39.83 11.47
C LEU B 307 -2.69 -39.33 10.30
N GLN B 308 -2.72 -38.01 10.10
CA GLN B 308 -3.33 -37.44 8.91
C GLN B 308 -2.42 -36.39 8.29
N ASP B 309 -2.68 -36.12 7.01
CA ASP B 309 -2.02 -35.08 6.23
C ASP B 309 -3.04 -34.64 5.20
N GLN B 310 -2.68 -33.68 4.38
CA GLN B 310 -3.59 -33.21 3.33
C GLN B 310 -2.92 -33.50 2.00
N PRO B 311 -3.32 -34.57 1.32
CA PRO B 311 -2.61 -34.99 0.10
C PRO B 311 -2.68 -33.95 -1.00
N THR B 312 -1.70 -34.04 -1.94
CA THR B 312 -1.53 -33.05 -2.99
C THR B 312 -1.32 -33.74 -4.33
N LEU B 313 -1.69 -33.01 -5.38
CA LEU B 313 -1.61 -33.47 -6.75
C LEU B 313 -1.17 -32.27 -7.59
N THR B 314 -0.08 -32.44 -8.35
CA THR B 314 0.42 -31.43 -9.27
C THR B 314 0.06 -31.86 -10.68
N ILE B 315 -0.77 -31.08 -11.36
CA ILE B 315 -1.22 -31.35 -12.71
C ILE B 315 -0.40 -30.47 -13.66
N PRO B 316 0.30 -31.04 -14.64
CA PRO B 316 1.06 -30.23 -15.60
C PRO B 316 0.24 -29.78 -16.79
N TYR B 317 0.57 -28.58 -17.29
CA TYR B 317 -0.12 -27.91 -18.38
C TYR B 317 0.87 -27.42 -19.42
N THR B 318 0.42 -27.35 -20.69
CA THR B 318 1.02 -26.45 -21.66
C THR B 318 -0.02 -25.44 -22.13
N PHE B 319 0.49 -24.35 -22.71
CA PHE B 319 -0.32 -23.23 -23.15
C PHE B 319 0.08 -22.82 -24.56
N THR B 320 -0.92 -22.58 -25.43
CA THR B 320 -0.62 -21.93 -26.71
C THR B 320 -0.54 -20.41 -26.59
N ASN B 321 -1.13 -19.84 -25.55
CA ASN B 321 -1.25 -18.39 -25.48
C ASN B 321 -1.27 -17.94 -24.01
N ASN B 322 -0.30 -18.38 -23.22
CA ASN B 322 -0.23 -17.90 -21.84
C ASN B 322 0.26 -16.46 -21.82
N VAL B 323 -0.13 -15.71 -20.79
CA VAL B 323 0.24 -14.30 -20.68
C VAL B 323 1.54 -14.17 -19.89
N PHE B 324 2.41 -13.23 -20.31
CA PHE B 324 3.67 -12.73 -19.73
C PHE B 324 3.41 -11.47 -18.93
N PRO B 325 4.08 -11.31 -17.76
CA PRO B 325 4.90 -12.36 -17.16
C PRO B 325 4.05 -13.37 -16.37
N ASN B 326 4.63 -14.50 -15.99
CA ASN B 326 3.95 -15.46 -15.15
C ASN B 326 5.00 -16.06 -14.22
N THR B 327 4.58 -16.91 -13.28
CA THR B 327 5.55 -17.36 -12.29
C THR B 327 6.70 -18.09 -12.95
N ASP B 328 6.46 -18.75 -14.08
CA ASP B 328 7.60 -19.45 -14.70
C ASP B 328 8.57 -18.50 -15.40
N SER B 329 8.16 -17.26 -15.69
CA SER B 329 9.11 -16.27 -16.17
C SER B 329 10.27 -16.03 -15.19
N LEU B 330 10.01 -16.19 -13.88
CA LEU B 330 11.08 -16.08 -12.89
C LEU B 330 12.16 -17.14 -13.09
N THR B 331 11.80 -18.34 -13.56
CA THR B 331 12.73 -19.47 -13.71
C THR B 331 13.43 -19.47 -15.05
N THR B 332 12.73 -19.19 -16.13
CA THR B 332 13.31 -19.37 -17.45
C THR B 332 13.73 -18.08 -18.11
N ASN B 333 13.44 -16.93 -17.51
CA ASN B 333 13.79 -15.63 -18.11
C ASN B 333 14.70 -14.89 -17.13
N ALA B 334 16.00 -14.92 -17.41
CA ALA B 334 16.93 -14.41 -16.42
C ALA B 334 16.89 -12.90 -16.35
N THR B 335 16.46 -12.25 -17.44
CA THR B 335 16.29 -10.79 -17.41
C THR B 335 15.11 -10.40 -16.53
N TYR B 336 13.97 -11.10 -16.70
CA TYR B 336 12.81 -10.79 -15.88
C TYR B 336 13.11 -11.05 -14.41
N ASN B 337 13.71 -12.20 -14.13
CA ASN B 337 14.05 -12.50 -12.74
C ASN B 337 14.95 -11.41 -12.15
N ALA B 338 16.00 -11.02 -12.85
CA ALA B 338 16.91 -10.02 -12.29
C ALA B 338 16.23 -8.67 -12.13
N GLU B 339 15.33 -8.31 -13.05
CA GLU B 339 14.65 -7.01 -12.91
C GLU B 339 13.65 -7.02 -11.74
N GLN B 340 12.95 -8.14 -11.54
CA GLN B 340 12.07 -8.24 -10.38
C GLN B 340 12.87 -8.25 -9.08
N ARG B 341 14.00 -8.94 -9.04
CA ARG B 341 14.82 -8.91 -7.81
C ARG B 341 15.35 -7.50 -7.53
N ALA B 342 15.78 -6.77 -8.56
CA ALA B 342 16.27 -5.40 -8.35
C ALA B 342 15.15 -4.50 -7.89
N LEU B 343 13.95 -4.70 -8.45
CA LEU B 343 12.77 -3.94 -8.04
C LEU B 343 12.46 -4.18 -6.56
N TYR B 344 12.53 -5.42 -6.12
CA TYR B 344 12.31 -5.75 -4.72
C TYR B 344 13.39 -5.12 -3.86
N ASP B 345 14.64 -5.24 -4.27
CA ASP B 345 15.73 -4.67 -3.46
C ASP B 345 15.61 -3.15 -3.34
N SER B 346 15.06 -2.51 -4.37
CA SER B 346 15.02 -1.05 -4.37
C SER B 346 13.83 -0.53 -3.59
N SER B 347 12.62 -0.91 -4.02
CA SER B 347 11.39 -0.40 -3.46
C SER B 347 10.46 -1.49 -2.95
N LYS B 348 10.98 -2.71 -2.78
CA LYS B 348 10.23 -3.85 -2.19
C LYS B 348 8.92 -4.14 -2.89
N GLN B 349 8.83 -3.83 -4.20
CA GLN B 349 7.70 -4.09 -5.07
C GLN B 349 7.89 -5.38 -5.87
N GLY B 350 6.77 -5.91 -6.38
CA GLY B 350 6.88 -6.86 -7.47
C GLY B 350 6.77 -8.33 -7.10
N ALA B 351 7.24 -9.16 -8.04
CA ALA B 351 6.98 -10.60 -7.94
C ALA B 351 7.69 -11.25 -6.77
N TYR B 352 8.77 -10.64 -6.28
CA TYR B 352 9.50 -11.24 -5.17
C TYR B 352 8.74 -11.13 -3.87
N THR B 353 7.60 -10.46 -3.84
CA THR B 353 6.82 -10.46 -2.63
C THR B 353 5.83 -11.62 -2.59
N ILE B 354 5.80 -12.44 -3.65
CA ILE B 354 4.99 -13.65 -3.71
C ILE B 354 5.91 -14.84 -3.49
N VAL B 355 5.47 -15.80 -2.65
CA VAL B 355 6.23 -17.02 -2.46
C VAL B 355 6.47 -17.67 -3.81
N ASN B 356 7.71 -18.00 -4.09
CA ASN B 356 8.09 -18.46 -5.42
C ASN B 356 7.25 -19.67 -5.84
N SER B 357 6.66 -19.59 -7.05
CA SER B 357 5.88 -20.61 -7.75
C SER B 357 4.41 -20.58 -7.34
N LEU B 358 4.04 -19.79 -6.33
CA LEU B 358 2.64 -19.55 -6.00
C LEU B 358 2.12 -18.33 -6.72
N SER B 359 0.79 -18.26 -6.81
CA SER B 359 0.06 -17.08 -7.25
C SER B 359 -0.56 -16.43 -6.02
N THR B 360 -1.51 -15.52 -6.24
CA THR B 360 -2.03 -14.73 -5.15
C THR B 360 -3.45 -15.10 -4.72
N ASN B 361 -4.20 -15.86 -5.53
CA ASN B 361 -5.55 -16.26 -5.16
C ASN B 361 -5.63 -17.77 -5.08
N ILE B 362 -6.74 -18.27 -4.55
CA ILE B 362 -6.87 -19.70 -4.27
C ILE B 362 -8.35 -20.03 -4.17
N GLY B 363 -8.69 -21.30 -4.28
CA GLY B 363 -10.09 -21.73 -4.19
C GLY B 363 -10.28 -22.91 -3.25
N VAL B 364 -11.32 -22.82 -2.41
CA VAL B 364 -11.71 -23.93 -1.53
C VAL B 364 -13.18 -24.28 -1.74
N MET B 365 -13.52 -25.56 -1.64
CA MET B 365 -14.90 -25.96 -1.96
C MET B 365 -15.40 -27.08 -1.04
N SER B 366 -16.67 -27.00 -0.69
CA SER B 366 -17.38 -28.12 -0.04
C SER B 366 -17.51 -29.30 -0.99
N LEU B 367 -17.99 -30.43 -0.45
CA LEU B 367 -18.18 -31.61 -1.30
C LEU B 367 -19.32 -31.38 -2.28
N GLN B 368 -20.43 -30.79 -1.84
CA GLN B 368 -21.48 -30.52 -2.82
C GLN B 368 -21.06 -29.46 -3.83
N ARG B 369 -20.14 -28.55 -3.47
CA ARG B 369 -19.70 -27.55 -4.45
C ARG B 369 -18.78 -28.19 -5.48
N ALA B 370 -17.97 -29.17 -5.06
CA ALA B 370 -17.13 -29.89 -6.01
C ALA B 370 -17.94 -30.85 -6.87
N ALA B 371 -18.94 -31.52 -6.29
CA ALA B 371 -19.69 -32.59 -6.96
C ALA B 371 -21.18 -32.38 -6.78
N PRO B 372 -21.75 -31.34 -7.41
CA PRO B 372 -23.14 -31.00 -7.16
C PRO B 372 -24.13 -32.07 -7.57
N LYS B 373 -23.83 -32.86 -8.59
CA LYS B 373 -24.75 -33.91 -9.05
C LYS B 373 -24.50 -35.29 -8.41
N SER B 374 -23.46 -35.45 -7.59
CA SER B 374 -23.16 -36.78 -7.09
C SER B 374 -22.71 -36.82 -5.62
N TYR B 375 -22.58 -35.68 -4.93
CA TYR B 375 -22.03 -35.71 -3.58
C TYR B 375 -22.85 -36.61 -2.64
N ARG B 376 -24.17 -36.69 -2.84
CA ARG B 376 -24.97 -37.59 -2.00
CA ARG B 376 -24.99 -37.58 -2.02
C ARG B 376 -24.61 -39.06 -2.23
N GLN B 377 -24.15 -39.41 -3.43
CA GLN B 377 -23.72 -40.77 -3.71
C GLN B 377 -22.41 -41.12 -3.00
N ILE B 378 -21.48 -40.17 -2.95
CA ILE B 378 -20.25 -40.37 -2.17
C ILE B 378 -20.56 -40.48 -0.68
N ILE B 379 -21.43 -39.60 -0.18
CA ILE B 379 -21.82 -39.67 1.21
C ILE B 379 -22.44 -41.02 1.51
N ALA B 380 -23.33 -41.48 0.63
CA ALA B 380 -23.99 -42.76 0.83
C ALA B 380 -22.96 -43.88 0.94
N ALA B 381 -22.00 -43.91 0.03
CA ALA B 381 -20.99 -44.96 0.09
C ALA B 381 -20.25 -44.90 1.41
N ALA B 382 -19.87 -43.70 1.84
CA ALA B 382 -19.08 -43.58 3.05
C ALA B 382 -19.90 -43.99 4.28
N ARG B 383 -21.21 -43.68 4.26
CA ARG B 383 -22.10 -44.04 5.35
C ARG B 383 -22.27 -45.57 5.45
N ALA B 384 -22.29 -46.24 4.29
CA ALA B 384 -22.55 -47.68 4.25
C ALA B 384 -21.37 -48.47 4.79
N ARG B 385 -20.16 -47.97 4.60
CA ARG B 385 -18.96 -48.74 4.92
C ARG B 385 -18.63 -48.56 6.37
N SER B 386 -18.38 -49.67 7.07
CA SER B 386 -18.03 -49.62 8.48
C SER B 386 -16.70 -48.88 8.66
N ALA B 387 -16.66 -48.02 9.68
CA ALA B 387 -15.46 -47.23 9.96
C ALA B 387 -14.22 -48.10 10.10
N SER B 388 -14.36 -49.26 10.75
CA SER B 388 -13.23 -50.14 11.03
C SER B 388 -12.53 -50.68 9.77
N LEU B 389 -13.21 -50.68 8.61
CA LEU B 389 -12.53 -51.09 7.37
C LEU B 389 -11.42 -50.13 6.99
N SER B 390 -11.43 -48.90 7.52
CA SER B 390 -10.36 -47.93 7.24
C SER B 390 -9.08 -48.16 8.05
N LEU B 391 -9.11 -49.04 9.01
CA LEU B 391 -7.97 -49.35 9.84
C LEU B 391 -7.57 -50.81 9.66
N PRO B 392 -6.36 -51.18 10.04
CA PRO B 392 -5.98 -52.59 10.02
C PRO B 392 -6.87 -53.38 10.95
N PRO B 393 -7.18 -54.63 10.59
CA PRO B 393 -7.75 -55.56 11.59
C PRO B 393 -6.82 -55.67 12.80
N GLY B 394 -7.43 -55.72 13.99
CA GLY B 394 -6.64 -55.76 15.19
C GLY B 394 -6.24 -54.40 15.72
N THR B 395 -6.66 -53.32 15.05
CA THR B 395 -6.53 -51.98 15.64
C THR B 395 -7.25 -51.95 16.98
N ASP B 396 -6.65 -51.30 17.95
CA ASP B 396 -7.24 -51.27 19.28
C ASP B 396 -8.70 -50.78 19.22
N PRO B 397 -9.62 -51.42 19.94
CA PRO B 397 -11.02 -51.01 19.83
C PRO B 397 -11.28 -49.56 20.25
N ALA B 398 -10.52 -49.02 21.21
CA ALA B 398 -10.72 -47.62 21.56
C ALA B 398 -10.32 -46.69 20.40
N VAL B 399 -9.23 -47.02 19.70
CA VAL B 399 -8.82 -46.23 18.53
C VAL B 399 -9.91 -46.25 17.45
N ILE B 400 -10.48 -47.44 17.17
CA ILE B 400 -11.60 -47.55 16.23
C ILE B 400 -12.80 -46.69 16.68
N ARG B 401 -13.15 -46.75 17.97
CA ARG B 401 -14.26 -45.92 18.44
C ARG B 401 -14.03 -44.45 18.16
N GLY B 402 -12.81 -43.95 18.41
CA GLY B 402 -12.54 -42.56 18.15
C GLY B 402 -12.53 -42.25 16.67
N TYR B 403 -12.03 -43.17 15.85
CA TYR B 403 -12.06 -42.93 14.41
C TYR B 403 -13.49 -42.89 13.89
N GLN B 404 -14.33 -43.81 14.34
CA GLN B 404 -15.73 -43.74 13.95
C GLN B 404 -16.33 -42.40 14.32
N ALA B 405 -15.96 -41.85 15.47
CA ALA B 405 -16.52 -40.56 15.86
C ALA B 405 -16.02 -39.44 14.95
N GLN B 406 -14.72 -39.46 14.61
CA GLN B 406 -14.20 -38.53 13.61
C GLN B 406 -14.94 -38.69 12.30
N ARG B 407 -15.16 -39.95 11.90
CA ARG B 407 -15.70 -40.22 10.58
C ARG B 407 -17.11 -39.64 10.48
N ASN B 408 -17.92 -39.89 11.50
CA ASN B 408 -19.26 -39.34 11.51
C ASN B 408 -19.24 -37.81 11.44
N ALA B 409 -18.31 -37.17 12.14
CA ALA B 409 -18.27 -35.71 12.10
C ALA B 409 -17.90 -35.24 10.71
N ILE B 410 -16.99 -35.97 10.07
CA ILE B 410 -16.55 -35.56 8.73
C ILE B 410 -17.66 -35.81 7.70
N LEU B 411 -18.44 -36.90 7.84
CA LEU B 411 -19.58 -37.11 6.96
C LEU B 411 -20.64 -36.02 7.12
N LYS B 412 -20.86 -35.55 8.35
CA LYS B 412 -21.66 -34.35 8.50
C LYS B 412 -21.03 -33.19 7.75
N GLN B 413 -19.71 -33.04 7.82
CA GLN B 413 -19.07 -31.97 7.07
C GLN B 413 -19.27 -32.15 5.58
N PHE B 414 -19.22 -33.41 5.09
CA PHE B 414 -19.45 -33.69 3.65
C PHE B 414 -20.81 -33.19 3.19
N GLU B 415 -21.79 -33.16 4.10
CA GLU B 415 -23.13 -32.69 3.77
C GLU B 415 -23.25 -31.18 3.87
N ASN B 416 -22.31 -30.54 4.54
CA ASN B 416 -22.40 -29.16 4.93
C ASN B 416 -21.92 -28.29 3.77
N PRO B 417 -22.76 -27.39 3.23
CA PRO B 417 -22.29 -26.53 2.14
C PRO B 417 -21.15 -25.57 2.55
N ASN B 418 -20.91 -25.36 3.84
CA ASN B 418 -19.94 -24.36 4.27
C ASN B 418 -18.73 -24.95 4.96
N VAL B 419 -18.41 -26.20 4.66
CA VAL B 419 -17.14 -26.78 5.11
C VAL B 419 -16.38 -27.21 3.87
N GLY B 420 -15.10 -26.84 3.80
CA GLY B 420 -14.30 -27.23 2.66
C GLY B 420 -13.72 -28.61 2.81
N VAL B 421 -13.51 -29.29 1.67
CA VAL B 421 -12.86 -30.59 1.57
C VAL B 421 -11.70 -30.58 0.55
N GLY B 422 -11.57 -29.52 -0.24
CA GLY B 422 -10.53 -29.54 -1.27
C GLY B 422 -10.13 -28.14 -1.61
N THR B 423 -8.88 -27.99 -2.13
CA THR B 423 -8.27 -26.71 -2.53
C THR B 423 -7.77 -26.80 -3.98
N VAL B 424 -7.93 -25.72 -4.74
CA VAL B 424 -7.40 -25.60 -6.10
C VAL B 424 -6.60 -24.31 -6.21
N HIS B 425 -5.51 -24.37 -6.95
CA HIS B 425 -4.60 -23.26 -7.04
C HIS B 425 -3.91 -23.36 -8.39
N TRP B 426 -3.58 -22.20 -8.97
CA TRP B 426 -2.76 -22.17 -10.19
C TRP B 426 -1.73 -21.05 -10.04
N GLY B 427 -0.46 -21.42 -9.97
CA GLY B 427 0.61 -20.45 -9.76
C GLY B 427 0.84 -19.50 -10.93
N THR B 428 0.15 -19.73 -12.08
CA THR B 428 0.12 -18.96 -13.35
C THR B 428 1.11 -19.55 -14.34
N GLY B 429 1.77 -20.65 -13.96
CA GLY B 429 2.77 -21.26 -14.81
C GLY B 429 2.35 -22.65 -15.30
N SER B 430 3.29 -23.58 -15.39
CA SER B 430 3.05 -24.85 -16.06
C SER B 430 2.37 -25.88 -15.18
N SER B 431 1.91 -25.53 -13.97
CA SER B 431 1.26 -26.56 -13.17
C SER B 431 0.19 -25.94 -12.27
N ALA B 432 -0.86 -26.74 -12.03
CA ALA B 432 -1.96 -26.47 -11.11
C ALA B 432 -1.88 -27.42 -9.91
N LEU B 433 -2.45 -27.00 -8.80
CA LEU B 433 -2.38 -27.78 -7.58
C LEU B 433 -3.78 -28.10 -7.14
N VAL B 434 -4.01 -29.35 -6.73
CA VAL B 434 -5.25 -29.76 -6.10
C VAL B 434 -4.91 -30.47 -4.80
N TYR B 435 -5.46 -29.97 -3.70
CA TYR B 435 -5.19 -30.49 -2.37
C TYR B 435 -6.43 -31.17 -1.83
N HIS B 436 -6.25 -32.37 -1.28
CA HIS B 436 -7.34 -33.08 -0.61
C HIS B 436 -7.28 -32.78 0.90
N LEU B 437 -8.23 -31.98 1.40
CA LEU B 437 -8.15 -31.43 2.77
C LEU B 437 -8.70 -32.33 3.87
N LYS B 438 -9.66 -33.21 3.55
CA LYS B 438 -10.39 -33.98 4.56
C LYS B 438 -10.33 -35.46 4.21
N PRO B 439 -9.14 -36.07 4.16
CA PRO B 439 -9.07 -37.53 3.94
C PRO B 439 -9.74 -38.28 5.08
N LEU B 440 -10.37 -39.40 4.74
CA LEU B 440 -10.87 -40.34 5.72
C LEU B 440 -9.83 -41.40 6.05
N SER B 441 -8.80 -41.54 5.23
CA SER B 441 -7.73 -42.45 5.53
C SER B 441 -7.00 -42.02 6.82
N ARG B 442 -6.40 -43.00 7.50
CA ARG B 442 -5.60 -42.72 8.68
C ARG B 442 -4.30 -43.53 8.60
N GLY B 443 -3.18 -42.90 9.01
CA GLY B 443 -1.88 -43.55 9.00
C GLY B 443 -1.25 -43.72 10.38
N THR B 444 0.04 -44.11 10.42
CA THR B 444 0.68 -44.40 11.70
C THR B 444 2.11 -43.87 11.68
N VAL B 445 2.60 -43.48 12.86
CA VAL B 445 4.00 -43.15 13.07
CA VAL B 445 4.00 -43.13 13.09
C VAL B 445 4.44 -43.86 14.35
N ASN B 446 5.31 -44.86 14.22
CA ASN B 446 5.75 -45.68 15.35
C ASN B 446 7.26 -45.75 15.41
N ILE B 447 7.82 -45.69 16.62
CA ILE B 447 9.25 -45.94 16.75
C ILE B 447 9.58 -47.37 16.33
N ARG B 448 10.81 -47.56 15.87
CA ARG B 448 11.31 -48.88 15.47
C ARG B 448 12.30 -49.51 16.45
N SER B 449 12.68 -48.79 17.51
CA SER B 449 13.80 -49.15 18.36
C SER B 449 13.86 -48.12 19.47
N THR B 450 14.73 -48.38 20.45
CA THR B 450 14.91 -47.46 21.57
C THR B 450 15.91 -46.36 21.27
N ASN B 451 16.56 -46.42 20.09
CA ASN B 451 17.60 -45.47 19.68
C ASN B 451 16.94 -44.16 19.26
N PRO B 452 17.07 -43.09 20.07
CA PRO B 452 16.34 -41.84 19.76
C PRO B 452 16.84 -41.17 18.50
N LEU B 453 17.95 -41.64 17.93
CA LEU B 453 18.42 -41.17 16.63
C LEU B 453 17.74 -41.88 15.46
N ASP B 454 17.01 -42.97 15.70
CA ASP B 454 16.39 -43.71 14.61
C ASP B 454 15.12 -43.01 14.13
N ALA B 455 14.99 -42.86 12.82
CA ALA B 455 13.73 -42.38 12.27
C ALA B 455 12.61 -43.31 12.68
N PRO B 456 11.42 -42.78 12.98
CA PRO B 456 10.23 -43.63 13.12
C PRO B 456 9.77 -44.17 11.79
N GLU B 457 8.97 -45.24 11.87
CA GLU B 457 8.24 -45.77 10.73
C GLU B 457 7.02 -44.89 10.44
N ILE B 458 6.94 -44.38 9.22
CA ILE B 458 5.94 -43.39 8.83
C ILE B 458 5.12 -43.99 7.68
N ASP B 459 3.87 -44.29 7.96
CA ASP B 459 2.98 -44.91 6.97
C ASP B 459 1.76 -44.01 6.83
N TYR B 460 1.72 -43.25 5.76
CA TYR B 460 0.63 -42.30 5.57
C TYR B 460 -0.69 -43.03 5.33
N ARG B 461 -0.65 -44.17 4.64
CA ARG B 461 -1.85 -44.94 4.32
C ARG B 461 -2.80 -44.12 3.46
N THR B 462 -2.21 -43.25 2.66
CA THR B 462 -2.93 -42.45 1.68
C THR B 462 -3.73 -43.33 0.74
N GLY B 463 -4.96 -42.93 0.50
CA GLY B 463 -5.82 -43.67 -0.40
C GLY B 463 -6.20 -45.06 0.06
N THR B 464 -5.96 -45.43 1.33
CA THR B 464 -6.40 -46.76 1.73
C THR B 464 -7.91 -46.79 1.93
N ASP B 465 -8.52 -45.68 2.41
CA ASP B 465 -9.96 -45.58 2.41
C ASP B 465 -10.43 -45.20 1.00
N PRO B 466 -11.25 -46.04 0.35
CA PRO B 466 -11.61 -45.79 -1.06
C PRO B 466 -12.54 -44.63 -1.26
N ILE B 467 -13.20 -44.13 -0.22
CA ILE B 467 -13.96 -42.90 -0.38
C ILE B 467 -13.03 -41.76 -0.76
N ASP B 468 -11.79 -41.75 -0.25
CA ASP B 468 -10.90 -40.63 -0.52
C ASP B 468 -10.73 -40.43 -2.03
N ALA B 469 -10.61 -41.51 -2.81
CA ALA B 469 -10.43 -41.33 -4.25
C ALA B 469 -11.67 -40.74 -4.92
N GLN B 470 -12.86 -41.07 -4.42
CA GLN B 470 -14.07 -40.47 -4.97
C GLN B 470 -14.11 -38.96 -4.70
N VAL B 471 -13.73 -38.53 -3.50
CA VAL B 471 -13.64 -37.10 -3.25
C VAL B 471 -12.56 -36.47 -4.14
N TYR B 472 -11.38 -37.09 -4.19
CA TYR B 472 -10.25 -36.52 -4.93
C TYR B 472 -10.56 -36.40 -6.39
N THR B 473 -11.28 -37.39 -6.95
CA THR B 473 -11.56 -37.35 -8.37
C THR B 473 -12.52 -36.22 -8.69
N SER B 474 -13.48 -35.94 -7.81
CA SER B 474 -14.36 -34.79 -8.02
CA SER B 474 -14.35 -34.80 -8.06
C SER B 474 -13.57 -33.48 -7.97
N LEU B 475 -12.59 -33.39 -7.06
CA LEU B 475 -11.76 -32.20 -6.97
C LEU B 475 -11.03 -31.98 -8.27
N PHE B 476 -10.47 -33.05 -8.83
CA PHE B 476 -9.78 -32.96 -10.11
C PHE B 476 -10.70 -32.43 -11.20
N ARG B 477 -11.89 -33.04 -11.34
CA ARG B 477 -12.81 -32.58 -12.35
C ARG B 477 -13.16 -31.10 -12.19
N LYS B 478 -13.38 -30.64 -10.96
CA LYS B 478 -13.66 -29.22 -10.79
C LYS B 478 -12.49 -28.37 -11.25
N ASN B 479 -11.26 -28.81 -10.99
CA ASN B 479 -10.12 -28.08 -11.53
C ASN B 479 -10.13 -28.06 -13.04
N ARG B 480 -10.45 -29.19 -13.67
CA ARG B 480 -10.58 -29.23 -15.12
C ARG B 480 -11.60 -28.20 -15.60
N GLU B 481 -12.74 -28.07 -14.89
CA GLU B 481 -13.74 -27.08 -15.25
C GLU B 481 -13.15 -25.68 -15.31
N ILE B 482 -12.30 -25.35 -14.33
CA ILE B 482 -11.70 -24.02 -14.30
C ILE B 482 -10.90 -23.80 -15.56
N PHE B 483 -10.09 -24.79 -15.91
CA PHE B 483 -9.19 -24.60 -17.03
C PHE B 483 -9.94 -24.58 -18.34
N ASN B 484 -11.13 -25.16 -18.39
CA ASN B 484 -11.97 -25.15 -19.59
C ASN B 484 -12.93 -23.97 -19.64
N ALA B 485 -13.05 -23.18 -18.58
CA ALA B 485 -13.97 -22.05 -18.63
C ALA B 485 -13.48 -20.96 -19.60
N PRO B 486 -14.38 -20.12 -20.09
CA PRO B 486 -13.99 -19.09 -21.07
C PRO B 486 -12.74 -18.28 -20.73
N SER B 487 -12.68 -17.68 -19.53
CA SER B 487 -11.55 -16.80 -19.23
C SER B 487 -10.20 -17.52 -19.16
N MET B 488 -10.17 -18.83 -18.93
CA MET B 488 -8.90 -19.54 -19.09
C MET B 488 -8.67 -20.05 -20.52
N ARG B 489 -9.75 -20.41 -21.23
CA ARG B 489 -9.63 -20.86 -22.63
C ARG B 489 -8.77 -19.93 -23.47
N VAL B 490 -8.91 -18.62 -23.26
CA VAL B 490 -8.16 -17.67 -24.08
C VAL B 490 -6.66 -17.79 -23.90
N LEU B 491 -6.20 -18.47 -22.86
CA LEU B 491 -4.77 -18.72 -22.72
C LEU B 491 -4.31 -19.98 -23.42
N GLY B 492 -5.25 -20.82 -23.88
CA GLY B 492 -4.93 -22.02 -24.59
C GLY B 492 -4.30 -23.11 -23.76
N PRO B 493 -4.85 -23.38 -22.58
CA PRO B 493 -4.31 -24.47 -21.76
C PRO B 493 -4.77 -25.85 -22.20
N SER B 494 -3.88 -26.82 -22.03
CA SER B 494 -4.31 -28.21 -22.08
C SER B 494 -3.44 -29.06 -21.16
N GLU B 495 -4.08 -30.04 -20.49
CA GLU B 495 -3.35 -30.94 -19.61
C GLU B 495 -2.25 -31.65 -20.39
N ALA B 496 -1.08 -31.74 -19.76
CA ALA B 496 0.06 -32.41 -20.36
C ALA B 496 0.19 -33.82 -19.75
N ALA B 497 0.97 -34.66 -20.41
CA ALA B 497 1.19 -36.03 -19.93
C ALA B 497 1.76 -36.04 -18.50
N PRO B 498 1.34 -36.99 -17.65
CA PRO B 498 0.47 -38.12 -18.01
C PRO B 498 -1.03 -37.86 -17.93
N PHE B 499 -1.48 -36.62 -17.77
CA PHE B 499 -2.90 -36.31 -17.82
C PHE B 499 -3.28 -36.03 -19.27
N GLY B 500 -4.41 -35.38 -19.48
CA GLY B 500 -4.86 -35.00 -20.80
C GLY B 500 -6.36 -35.11 -20.89
N ALA B 501 -6.92 -34.45 -21.91
CA ALA B 501 -8.38 -34.45 -22.08
C ALA B 501 -8.92 -35.82 -22.55
N ASN B 502 -8.10 -36.68 -23.16
CA ASN B 502 -8.62 -37.99 -23.54
C ASN B 502 -8.82 -38.91 -22.34
N LEU B 503 -8.38 -38.52 -21.15
CA LEU B 503 -8.77 -39.21 -19.93
C LEU B 503 -10.11 -38.64 -19.49
N THR B 504 -11.19 -39.41 -19.68
CA THR B 504 -12.53 -38.91 -19.35
C THR B 504 -13.23 -39.64 -18.20
N THR B 505 -12.98 -40.94 -17.99
CA THR B 505 -13.72 -41.66 -16.96
C THR B 505 -13.00 -41.53 -15.63
N ASP B 506 -13.78 -41.65 -14.54
CA ASP B 506 -13.19 -41.62 -13.20
C ASP B 506 -12.01 -42.57 -13.12
N GLU B 507 -12.14 -43.70 -13.81
CA GLU B 507 -11.14 -44.77 -13.72
C GLU B 507 -9.85 -44.39 -14.45
N GLU B 508 -9.99 -43.78 -15.63
CA GLU B 508 -8.82 -43.27 -16.32
C GLU B 508 -8.13 -42.20 -15.50
N ILE B 509 -8.91 -41.29 -14.93
CA ILE B 509 -8.30 -40.16 -14.24
C ILE B 509 -7.67 -40.61 -12.93
N TYR B 510 -8.38 -41.42 -12.15
CA TYR B 510 -7.80 -41.76 -10.86
C TYR B 510 -6.61 -42.72 -11.01
N ALA B 511 -6.56 -43.50 -12.08
CA ALA B 511 -5.37 -44.29 -12.31
C ALA B 511 -4.12 -43.40 -12.33
N VAL B 512 -4.16 -42.34 -13.14
CA VAL B 512 -3.04 -41.41 -13.19
C VAL B 512 -2.84 -40.75 -11.83
N MET B 513 -3.93 -40.26 -11.21
CA MET B 513 -3.81 -39.66 -9.89
C MET B 513 -3.10 -40.60 -8.92
N ARG B 514 -3.44 -41.91 -8.96
CA ARG B 514 -2.85 -42.88 -8.02
C ARG B 514 -1.33 -42.88 -8.08
N GLU B 515 -0.77 -42.65 -9.26
CA GLU B 515 0.67 -42.64 -9.46
C GLU B 515 1.32 -41.29 -9.13
N LEU B 516 0.55 -40.20 -8.96
CA LEU B 516 1.12 -38.88 -8.78
C LEU B 516 0.84 -38.21 -7.43
N ILE B 517 -0.24 -38.60 -6.73
CA ILE B 517 -0.60 -37.94 -5.46
C ILE B 517 0.57 -37.96 -4.49
N ASN B 518 0.87 -36.80 -3.90
CA ASN B 518 1.76 -36.96 -2.75
C ASN B 518 0.92 -37.10 -1.47
N PRO B 519 1.30 -38.02 -0.56
CA PRO B 519 0.56 -38.17 0.71
C PRO B 519 0.49 -36.94 1.53
N SER B 520 1.46 -36.04 1.38
CA SER B 520 1.71 -35.08 2.42
C SER B 520 1.93 -33.69 1.83
N ASN B 521 1.29 -32.70 2.44
CA ASN B 521 1.64 -31.30 2.23
C ASN B 521 2.50 -30.76 3.35
N ALA B 522 3.13 -31.66 4.13
CA ALA B 522 3.86 -31.33 5.36
C ALA B 522 2.92 -30.78 6.41
N HIS B 523 1.68 -31.28 6.40
CA HIS B 523 0.68 -30.92 7.38
C HIS B 523 0.41 -32.05 8.37
N GLN B 524 1.43 -32.82 8.72
CA GLN B 524 1.24 -33.97 9.59
C GLN B 524 0.61 -33.55 10.91
N CYS B 525 -0.41 -34.30 11.35
CA CYS B 525 -1.17 -33.94 12.55
C CYS B 525 -1.69 -35.20 13.24
N CYS B 526 -2.24 -34.99 14.44
CA CYS B 526 -3.30 -35.79 14.99
C CYS B 526 -2.83 -37.10 15.61
N THR B 527 -1.51 -37.27 15.79
CA THR B 527 -0.93 -38.52 16.26
C THR B 527 -0.85 -38.61 17.79
N ALA B 528 -1.47 -37.68 18.50
CA ALA B 528 -1.61 -37.70 19.96
C ALA B 528 -2.92 -36.97 20.24
N ALA B 529 -4.00 -37.53 19.71
CA ALA B 529 -5.24 -36.80 19.54
C ALA B 529 -5.88 -36.40 20.86
N MET B 530 -6.47 -35.20 20.86
CA MET B 530 -7.32 -34.72 21.93
C MET B 530 -8.69 -35.36 21.77
N MET B 531 -8.86 -36.51 22.42
CA MET B 531 -10.15 -37.20 22.47
C MET B 531 -10.22 -37.92 23.79
N PRO B 532 -11.43 -38.30 24.22
CA PRO B 532 -11.56 -39.12 25.43
C PRO B 532 -10.67 -40.33 25.31
N LYS B 533 -10.11 -40.75 26.44
CA LYS B 533 -9.21 -41.91 26.41
C LYS B 533 -9.91 -43.16 25.88
N ASP B 534 -11.21 -43.34 26.21
CA ASP B 534 -11.88 -44.55 25.72
C ASP B 534 -12.24 -44.46 24.25
N MET B 535 -11.92 -43.31 23.63
CA MET B 535 -12.01 -43.11 22.19
CA MET B 535 -12.01 -43.14 22.19
C MET B 535 -10.63 -43.17 21.49
N GLY B 536 -9.61 -43.70 22.15
CA GLY B 536 -8.27 -43.73 21.57
C GLY B 536 -7.48 -42.43 21.69
N GLY B 537 -7.99 -41.44 22.42
CA GLY B 537 -7.30 -40.17 22.55
C GLY B 537 -6.10 -40.26 23.48
N VAL B 538 -5.19 -39.32 23.28
CA VAL B 538 -3.96 -39.30 24.06
C VAL B 538 -3.94 -38.15 25.07
N VAL B 539 -4.66 -37.05 24.81
CA VAL B 539 -4.69 -35.93 25.74
C VAL B 539 -6.12 -35.57 26.04
N SER B 540 -6.32 -34.99 27.22
CA SER B 540 -7.60 -34.45 27.62
C SER B 540 -7.89 -33.13 26.89
N SER B 541 -9.07 -32.56 27.16
CA SER B 541 -9.38 -31.25 26.58
C SER B 541 -8.49 -30.14 27.11
N GLU B 542 -7.76 -30.35 28.21
CA GLU B 542 -6.72 -29.41 28.64
C GLU B 542 -5.35 -29.80 28.09
N GLN B 543 -5.33 -30.77 27.18
CA GLN B 543 -4.14 -31.23 26.48
C GLN B 543 -3.15 -31.92 27.41
N LYS B 544 -3.64 -32.38 28.56
CA LYS B 544 -2.87 -33.25 29.44
C LYS B 544 -2.86 -34.68 28.91
N VAL B 545 -1.68 -35.29 28.90
CA VAL B 545 -1.53 -36.70 28.54
C VAL B 545 -2.16 -37.57 29.62
N TYR B 546 -2.97 -38.56 29.20
CA TYR B 546 -3.66 -39.44 30.15
C TYR B 546 -2.67 -40.32 30.92
N GLY B 547 -2.95 -40.51 32.20
CA GLY B 547 -2.14 -41.42 32.97
C GLY B 547 -0.90 -40.82 33.60
N VAL B 548 -0.61 -39.53 33.36
CA VAL B 548 0.57 -38.87 33.87
C VAL B 548 0.21 -37.43 34.27
N GLN B 549 1.02 -36.86 35.14
CA GLN B 549 0.81 -35.50 35.59
C GLN B 549 1.94 -34.59 35.09
N GLY B 550 1.63 -33.32 34.91
CA GLY B 550 2.69 -32.41 34.48
C GLY B 550 3.20 -32.60 33.07
N LEU B 551 2.42 -33.26 32.20
CA LEU B 551 2.80 -33.47 30.80
C LEU B 551 1.64 -33.07 29.88
N ARG B 552 1.88 -32.13 28.97
CA ARG B 552 0.88 -31.74 27.98
C ARG B 552 1.44 -31.87 26.58
N VAL B 553 0.55 -31.85 25.56
CA VAL B 553 0.95 -31.85 24.14
C VAL B 553 0.45 -30.55 23.52
N ALA B 554 1.37 -29.77 22.94
CA ALA B 554 1.03 -28.44 22.44
C ALA B 554 1.00 -28.29 20.92
N ASP B 555 1.80 -29.09 20.18
CA ASP B 555 1.84 -29.06 18.72
C ASP B 555 0.62 -29.80 18.13
N ILE B 556 0.49 -29.79 16.80
CA ILE B 556 -0.78 -30.21 16.20
C ILE B 556 -0.95 -31.72 16.18
N SER B 557 0.00 -32.48 16.76
CA SER B 557 -0.26 -33.87 17.09
CA SER B 557 -0.32 -33.88 16.98
C SER B 557 -1.57 -34.01 17.84
N PHE B 558 -1.97 -32.97 18.57
CA PHE B 558 -3.15 -33.10 19.43
C PHE B 558 -4.49 -32.98 18.69
N TRP B 559 -4.49 -32.45 17.46
CA TRP B 559 -5.74 -32.22 16.74
C TRP B 559 -6.46 -33.54 16.48
N PRO B 560 -7.78 -33.62 16.72
CA PRO B 560 -8.53 -34.83 16.31
C PRO B 560 -8.45 -35.10 14.81
N PHE B 561 -8.70 -34.10 13.95
CA PHE B 561 -8.61 -34.35 12.52
C PHE B 561 -8.35 -33.04 11.78
N GLN B 562 -8.02 -33.17 10.49
CA GLN B 562 -7.57 -32.06 9.66
C GLN B 562 -8.64 -31.01 9.45
N LEU B 563 -8.18 -29.77 9.31
CA LEU B 563 -9.01 -28.58 9.09
C LEU B 563 -9.42 -28.45 7.63
N SER B 564 -10.49 -27.70 7.40
CA SER B 564 -10.72 -27.17 6.05
C SER B 564 -9.75 -25.99 5.83
N GLY B 565 -8.52 -26.33 5.46
CA GLY B 565 -7.43 -25.36 5.31
C GLY B 565 -6.17 -25.84 5.99
N SER B 566 -5.11 -25.04 5.83
CA SER B 566 -3.78 -25.41 6.27
CA SER B 566 -3.78 -25.40 6.27
C SER B 566 -3.58 -25.09 7.75
N PRO B 567 -2.64 -25.78 8.42
CA PRO B 567 -2.60 -25.76 9.89
C PRO B 567 -2.02 -24.52 10.56
N MET B 568 -1.19 -23.71 9.88
CA MET B 568 -0.35 -22.73 10.56
C MET B 568 -1.15 -21.76 11.45
N ALA B 569 -2.19 -21.12 10.90
CA ALA B 569 -2.91 -20.13 11.70
C ALA B 569 -3.44 -20.77 12.99
N THR B 570 -4.01 -21.96 12.87
CA THR B 570 -4.51 -22.66 14.05
C THR B 570 -3.38 -23.17 14.96
N ALA B 571 -2.23 -23.57 14.40
CA ALA B 571 -1.06 -23.87 15.21
C ALA B 571 -0.73 -22.72 16.15
N TYR B 572 -0.71 -21.48 15.64
CA TYR B 572 -0.44 -20.35 16.51
C TYR B 572 -1.56 -20.14 17.51
N ALA B 573 -2.82 -20.14 17.04
CA ALA B 573 -3.88 -19.69 17.94
C ALA B 573 -4.13 -20.69 19.04
N GLY B 574 -3.92 -21.98 18.74
CA GLY B 574 -4.10 -23.03 19.74
C GLY B 574 -3.01 -23.00 20.80
N ALA B 575 -1.81 -22.55 20.43
CA ALA B 575 -0.76 -22.33 21.43
C ALA B 575 -1.07 -21.11 22.28
N GLU B 576 -1.60 -20.03 21.66
CA GLU B 576 -2.09 -18.89 22.42
C GLU B 576 -3.10 -19.36 23.45
N ARG B 577 -4.00 -20.25 23.05
CA ARG B 577 -5.05 -20.76 23.93
C ARG B 577 -4.45 -21.57 25.08
N LEU B 578 -3.54 -22.51 24.75
CA LEU B 578 -2.94 -23.36 25.76
C LEU B 578 -2.12 -22.56 26.77
N ALA B 579 -1.43 -21.52 26.29
CA ALA B 579 -0.72 -20.63 27.20
C ALA B 579 -1.65 -20.10 28.30
N ASP B 580 -2.87 -19.68 27.95
CA ASP B 580 -3.78 -19.18 28.97
C ASP B 580 -4.25 -20.28 29.93
N VAL B 581 -4.52 -21.48 29.39
CA VAL B 581 -4.90 -22.65 30.21
C VAL B 581 -3.84 -22.95 31.26
N ILE B 582 -2.57 -22.98 30.83
CA ILE B 582 -1.48 -23.30 31.73
C ILE B 582 -1.31 -22.19 32.76
N LYS B 583 -1.34 -20.93 32.32
CA LYS B 583 -1.25 -19.80 33.24
C LYS B 583 -2.33 -19.86 34.31
N LYS B 584 -3.57 -20.15 33.89
CA LYS B 584 -4.69 -20.33 34.83
C LYS B 584 -4.38 -21.41 35.88
N GLU B 585 -3.93 -22.58 35.45
CA GLU B 585 -3.75 -23.66 36.42
C GLU B 585 -2.66 -23.35 37.44
N HIS B 586 -1.63 -22.61 37.03
CA HIS B 586 -0.47 -22.37 37.88
C HIS B 586 -0.41 -20.95 38.41
N ARG B 587 -1.49 -20.19 38.26
CA ARG B 587 -1.57 -18.84 38.80
C ARG B 587 -0.39 -17.99 38.33
N LEU B 588 -0.14 -18.01 37.01
CA LEU B 588 0.94 -17.24 36.40
C LEU B 588 0.42 -15.89 35.90
N ALA B 589 1.32 -14.91 35.82
CA ALA B 589 0.93 -13.56 35.41
C ALA B 589 0.47 -13.51 33.95
C1 NAG C . -10.90 9.92 -1.14
C2 NAG C . -10.78 8.56 -0.50
C3 NAG C . -12.16 7.99 -0.30
C4 NAG C . -12.96 8.91 0.63
C5 NAG C . -12.87 10.41 0.20
C6 NAG C . -13.22 11.36 1.32
C7 NAG C . -9.05 6.84 -0.65
C8 NAG C . -8.20 5.99 -1.55
N2 NAG C . -9.93 7.66 -1.26
O3 NAG C . -12.06 6.70 0.29
O4 NAG C . -14.33 8.52 0.59
O5 NAG C . -11.54 10.80 -0.23
O6 NAG C . -12.64 10.96 2.55
O7 NAG C . -8.95 6.80 0.57
C1 NAG C . -14.80 7.80 1.75
C2 NAG C . -16.31 7.94 1.78
C3 NAG C . -16.90 7.18 2.95
C4 NAG C . -16.55 5.70 2.78
C5 NAG C . -15.03 5.51 2.65
C6 NAG C . -14.68 4.12 2.17
C7 NAG C . -16.66 10.36 2.47
C8 NAG C . -15.88 10.17 3.73
N2 NAG C . -16.82 9.30 1.64
O3 NAG C . -18.31 7.38 2.93
O4 NAG C . -17.09 4.88 3.83
O5 NAG C . -14.45 6.42 1.69
O6 NAG C . -14.59 4.11 0.74
O7 NAG C . -17.15 11.46 2.17
C1 NAG D . 3.44 -6.36 13.01
C2 NAG D . 3.29 -4.92 12.53
C3 NAG D . 3.93 -4.00 13.56
C4 NAG D . 3.24 -4.18 14.91
C5 NAG D . 3.16 -5.68 15.33
C6 NAG D . 2.19 -5.94 16.46
C7 NAG D . 3.20 -3.99 10.27
C8 NAG D . 3.86 -3.89 8.94
N2 NAG D . 3.84 -4.70 11.21
O3 NAG D . 3.84 -2.65 13.15
O4 NAG D . 3.99 -3.47 15.91
O5 NAG D . 2.72 -6.53 14.25
O6 NAG D . 0.99 -5.22 16.25
O7 NAG D . 2.14 -3.44 10.51
C1 NAG D . 3.41 -2.28 16.43
C2 NAG D . 3.89 -1.98 17.86
C3 NAG D . 3.41 -0.59 18.29
C4 NAG D . 3.93 0.45 17.31
C5 NAG D . 3.46 0.12 15.90
C6 NAG D . 4.13 0.98 14.84
C7 NAG D . 4.18 -4.08 19.12
C8 NAG D . 3.55 -5.02 20.13
N2 NAG D . 3.46 -2.99 18.81
O3 NAG D . 3.89 -0.33 19.60
O4 NAG D . 3.57 1.76 17.73
O5 NAG D . 3.81 -1.24 15.56
O6 NAG D . 5.41 0.47 14.49
O7 NAG D . 5.30 -4.31 18.63
PA FDA E . -7.61 28.05 -12.20
O1A FDA E . -6.67 28.36 -13.32
O2A FDA E . -7.58 26.67 -11.61
O5B FDA E . -9.11 28.33 -12.65
C5B FDA E . -9.44 29.48 -13.45
C4B FDA E . -10.50 29.04 -14.43
O4B FDA E . -11.16 30.22 -14.93
C3B FDA E . -10.01 28.26 -15.66
O3B FDA E . -10.65 27.00 -15.72
C2B FDA E . -10.39 29.17 -16.85
O2B FDA E . -10.84 28.46 -17.99
C1B FDA E . -11.54 29.99 -16.27
N9A FDA E . -11.77 31.33 -16.82
C8A FDA E . -10.86 32.34 -17.02
N7A FDA E . -11.41 33.45 -17.47
C5A FDA E . -12.77 33.15 -17.52
C6A FDA E . -13.90 33.92 -17.90
N6A FDA E . -13.84 35.19 -18.31
N1A FDA E . -15.10 33.29 -17.85
C2A FDA E . -15.15 32.02 -17.44
N3A FDA E . -14.17 31.20 -17.06
C4A FDA E . -12.99 31.85 -17.12
N1 FDA E . 0.16 24.00 -8.92
C2 FDA E . 0.59 23.13 -7.93
O2 FDA E . 0.38 23.38 -6.75
N3 FDA E . 1.23 21.98 -8.34
C4 FDA E . 1.49 21.66 -9.67
O4 FDA E . 2.10 20.60 -9.93
C4X FDA E . 1.09 22.60 -10.66
N5 FDA E . 1.38 22.42 -11.98
C5X FDA E . 0.76 23.16 -12.97
C6 FDA E . 0.86 22.79 -14.30
C7 FDA E . 0.16 23.44 -15.27
C7M FDA E . 0.29 23.00 -16.70
C8 FDA E . -0.72 24.51 -14.91
C8M FDA E . -1.51 25.23 -15.98
C9 FDA E . -0.82 24.89 -13.59
C9A FDA E . -0.08 24.22 -12.60
N10 FDA E . -0.13 24.60 -11.24
C10 FDA E . 0.37 23.75 -10.25
C1' FDA E . -0.80 25.86 -10.85
C2' FDA E . -2.14 25.64 -10.19
O2' FDA E . -2.87 24.59 -10.82
C3' FDA E . -2.90 26.95 -10.32
O3' FDA E . -2.20 28.01 -9.67
C4' FDA E . -4.32 26.91 -9.79
O4' FDA E . -5.06 25.93 -10.53
C5' FDA E . -4.97 28.27 -9.92
O5' FDA E . -6.22 28.14 -9.20
P FDA E . -7.39 29.19 -9.47
O1P FDA E . -8.67 28.68 -8.91
O2P FDA E . -6.84 30.52 -9.02
O3P FDA E . -7.41 29.16 -11.08
C1 NAG F . 15.77 44.90 -25.06
C2 NAG F . 17.27 45.06 -25.14
C3 NAG F . 17.68 46.46 -24.67
C4 NAG F . 16.90 47.54 -25.40
C5 NAG F . 15.40 47.26 -25.39
C6 NAG F . 14.63 48.18 -26.31
C7 NAG F . 18.74 43.10 -24.84
C8 NAG F . 19.34 42.15 -23.85
N2 NAG F . 17.94 44.05 -24.33
O3 NAG F . 19.08 46.63 -24.89
O4 NAG F . 17.12 48.78 -24.71
O5 NAG F . 15.13 45.92 -25.84
O6 NAG F . 13.22 48.01 -26.16
O7 NAG F . 18.94 43.00 -26.06
C1 NAG G . 16.56 6.29 2.60
C2 NAG G . 17.34 6.14 1.30
C3 NAG G . 18.54 5.21 1.51
C4 NAG G . 19.43 5.76 2.61
C5 NAG G . 18.62 5.92 3.88
C6 NAG G . 19.42 6.57 4.98
C7 NAG G . 15.78 6.43 -0.60
C8 NAG G . 14.98 5.74 -1.65
N2 NAG G . 16.50 5.64 0.22
O3 NAG G . 19.31 5.11 0.32
O4 NAG G . 20.47 4.86 2.87
O5 NAG G . 17.47 6.77 3.66
O6 NAG G . 18.52 6.98 6.00
O7 NAG G . 15.75 7.64 -0.46
C1 NAG H . 14.50 -2.01 -22.08
C2 NAG H . 15.87 -2.49 -21.59
C3 NAG H . 15.83 -3.97 -21.26
C4 NAG H . 14.65 -4.33 -20.36
C5 NAG H . 13.35 -3.82 -21.00
C6 NAG H . 12.11 -4.10 -20.20
C7 NAG H . 17.66 -1.13 -22.60
C8 NAG H . 18.66 -1.05 -23.71
N2 NAG H . 16.89 -2.24 -22.58
O3 NAG H . 17.06 -4.29 -20.62
O4 NAG H . 14.56 -5.75 -20.23
O5 NAG H . 13.47 -2.40 -21.12
O6 NAG H . 12.28 -3.78 -18.83
O7 NAG H . 17.52 -0.23 -21.76
C4 4AQ I . 6.28 20.88 -10.56
C5 4AQ I . 5.46 21.09 -11.79
C6 4AQ I . 5.91 21.85 -14.07
N1 4AQ I . 6.04 22.13 -12.64
C7 4AQ I . 4.46 21.62 -14.50
C8 4AQ I . 4.29 21.72 -15.98
N2 4AQ I . 4.03 21.20 -18.15
C9 4AQ I . 4.18 20.69 -16.88
C10 4AQ I . 4.05 22.58 -18.09
C11 4AQ I . 4.22 22.94 -16.73
C12 4AQ I . 4.29 24.31 -16.40
C13 4AQ I . 4.20 25.24 -17.41
C14 4AQ I . 4.04 24.86 -18.75
C15 4AQ I . 3.96 23.53 -19.12
C 4AQ I . 5.01 22.57 -9.17
N 4AQ I . 6.04 21.57 -9.40
C3 4AQ I . 7.34 20.03 -10.34
C2 4AQ I . 7.77 20.19 -9.02
C1 4AQ I . 6.98 21.13 -8.44
C4 4AQ J . -20.05 27.97 11.25
C5 4AQ J . -20.97 27.38 10.25
C6 4AQ J . -22.28 29.42 9.95
N1 4AQ J . -21.48 28.37 9.30
C7 4AQ J . -23.25 30.09 8.97
C8 4AQ J . -24.37 30.83 9.64
N2 4AQ J . -25.55 32.42 10.72
C9 4AQ J . -24.32 32.08 10.20
C10 4AQ J . -26.44 31.38 10.51
C11 4AQ J . -25.72 30.36 9.83
C12 4AQ J . -26.41 29.17 9.51
C13 4AQ J . -27.73 29.05 9.86
C14 4AQ J . -28.42 30.07 10.51
C15 4AQ J . -27.79 31.24 10.86
C 4AQ J . -17.94 27.76 9.83
N 4AQ J . -18.69 28.13 11.03
C3 4AQ J . -20.32 28.46 12.50
C2 4AQ J . -19.13 28.91 13.09
C1 4AQ J . -18.13 28.71 12.18
C FMT K . 7.22 23.81 -4.60
O1 FMT K . 7.84 24.36 -5.52
O2 FMT K . 6.28 23.03 -4.82
C FMT L . 27.11 30.70 -0.87
O1 FMT L . 27.40 31.88 -1.12
O2 FMT L . 27.31 30.12 0.21
MG MG M . -7.14 -4.77 -15.93
MG MG N . -2.21 1.19 3.63
PA FDA O . 6.47 -27.63 13.88
O1A FDA O . 6.74 -28.64 12.82
O2A FDA O . 6.27 -26.19 13.52
O5B FDA O . 7.60 -27.70 14.99
C5B FDA O . 8.02 -28.94 15.57
C4B FDA O . 9.47 -28.75 15.96
O4B FDA O . 9.88 -29.84 16.81
C3B FDA O . 10.45 -28.72 14.78
O3B FDA O . 11.11 -27.46 14.68
C2B FDA O . 11.38 -29.93 15.02
O2B FDA O . 12.70 -29.71 14.58
C1B FDA O . 11.24 -30.10 16.53
N9A FDA O . 11.49 -31.42 17.07
C8A FDA O . 11.00 -32.62 16.63
N7A FDA O . 11.38 -33.62 17.38
C5A FDA O . 12.15 -33.04 18.38
C6A FDA O . 12.85 -33.57 19.48
N6A FDA O . 12.86 -34.87 19.79
N1A FDA O . 13.54 -32.70 20.24
C2A FDA O . 13.53 -31.40 19.93
N3A FDA O . 12.91 -30.78 18.92
C4A FDA O . 12.24 -31.68 18.18
N1 FDA O . 1.06 -24.69 6.80
C2 FDA O . 0.29 -23.61 6.42
O2 FDA O . -0.63 -23.23 7.12
N3 FDA O . 0.63 -22.99 5.25
C4 FDA O . 1.66 -23.37 4.40
O4 FDA O . 1.86 -22.73 3.35
C4X FDA O . 2.39 -24.51 4.77
N5 FDA O . 3.39 -25.00 3.97
C5X FDA O . 4.35 -25.85 4.48
C6 FDA O . 5.52 -26.09 3.78
C7 FDA O . 6.53 -26.83 4.33
C7M FDA O . 7.80 -27.07 3.55
C8 FDA O . 6.36 -27.38 5.64
C8M FDA O . 7.45 -28.21 6.26
C9 FDA O . 5.19 -27.15 6.34
C9A FDA O . 4.17 -26.39 5.77
N10 FDA O . 2.94 -26.14 6.45
C10 FDA O . 2.11 -25.13 6.01
C1' FDA O . 2.63 -26.87 7.71
C2' FDA O . 2.78 -26.02 8.96
O2' FDA O . 3.96 -25.22 8.90
C3' FDA O . 2.83 -26.99 10.15
O3' FDA O . 1.65 -27.79 10.25
C4' FDA O . 3.10 -26.33 11.50
O4' FDA O . 4.37 -25.66 11.44
C5' FDA O . 3.11 -27.37 12.59
O5' FDA O . 3.29 -26.68 13.86
P FDA O . 3.83 -27.48 15.13
O1P FDA O . 4.17 -26.52 16.22
O2P FDA O . 2.85 -28.60 15.38
O3P FDA O . 5.16 -28.18 14.59
C1 NAG P . 1.64 -53.71 -3.45
C2 NAG P . 0.92 -54.29 -4.68
C3 NAG P . 0.13 -55.54 -4.31
C4 NAG P . 1.01 -56.56 -3.58
C5 NAG P . 1.65 -55.89 -2.36
C6 NAG P . 2.62 -56.79 -1.65
C7 NAG P . 0.18 -52.77 -6.46
C8 NAG P . -0.86 -51.77 -6.88
N2 NAG P . 0.02 -53.29 -5.25
O3 NAG P . -0.41 -56.13 -5.49
O4 NAG P . 0.24 -57.67 -3.16
O5 NAG P . 2.39 -54.75 -2.79
O6 NAG P . 3.92 -56.64 -2.22
O7 NAG P . 1.14 -53.08 -7.18
C1 NAG Q . -11.91 -8.70 -10.20
C2 NAG Q . -11.18 -9.26 -11.41
C3 NAG Q . -11.74 -8.64 -12.68
C4 NAG Q . -13.25 -8.82 -12.74
C5 NAG Q . -13.88 -8.27 -11.47
C6 NAG Q . -15.38 -8.48 -11.40
C6 NAG Q . -15.37 -8.51 -11.42
C7 NAG Q . -8.90 -9.91 -10.72
C8 NAG Q . -7.45 -9.54 -10.71
N2 NAG Q . -9.73 -9.04 -11.31
O3 NAG Q . -11.15 -9.25 -13.82
O4 NAG Q . -13.75 -8.13 -13.87
O5 NAG Q . -13.31 -8.93 -10.34
O6 NAG Q . -15.71 -9.86 -11.30
O6 NAG Q . -15.95 -7.85 -10.31
O7 NAG Q . -9.30 -10.94 -10.20
C1 NAG R . 12.07 -11.70 -20.50
C2 NAG R . 11.11 -11.55 -21.71
C3 NAG R . 11.14 -10.13 -22.28
C4 NAG R . 11.05 -9.08 -21.20
C5 NAG R . 12.13 -9.33 -20.17
C6 NAG R . 12.21 -8.32 -19.04
C7 NAG R . 10.73 -13.60 -23.00
C8 NAG R . 11.25 -14.48 -24.12
N2 NAG R . 11.45 -12.51 -22.74
O3 NAG R . 10.06 -9.94 -23.18
O4 NAG R . 11.18 -7.81 -21.83
O5 NAG R . 11.88 -10.61 -19.58
O6 NAG R . 10.96 -8.21 -18.36
O7 NAG R . 9.70 -13.88 -22.36
C4 4AQ S . 0.16 -24.18 -0.07
C5 4AQ S . 1.56 -24.66 0.15
C6 4AQ S . 2.99 -26.44 -0.73
N1 4AQ S . 1.68 -26.08 -0.16
C7 4AQ S . 4.11 -26.05 0.21
C8 4AQ S . 5.43 -26.68 -0.15
N2 4AQ S . 7.49 -27.03 -0.97
C9 4AQ S . 6.45 -26.14 -0.88
C10 4AQ S . 7.15 -28.18 -0.29
C11 4AQ S . 5.86 -28.00 0.24
C12 4AQ S . 5.27 -29.04 0.98
C13 4AQ S . 5.97 -30.21 1.16
C14 4AQ S . 7.25 -30.36 0.62
C15 4AQ S . 7.86 -29.36 -0.11
C 4AQ S . -0.60 -24.71 2.27
N 4AQ S . -0.79 -24.23 0.90
C3 4AQ S . -0.43 -23.68 -1.22
C2 4AQ S . -1.77 -23.38 -0.92
C1 4AQ S . -1.99 -23.74 0.38
C FMT T . -5.67 -24.63 2.30
O1 FMT T . -5.08 -25.54 1.67
O2 FMT T . -5.12 -23.78 3.04
C FMT U . -20.75 -33.79 -9.97
O1 FMT U . -20.61 -34.91 -9.51
O2 FMT U . -21.83 -33.16 -10.02
#